data_1EMN
# 
_entry.id   1EMN 
# 
_audit_conform.dict_name       mmcif_pdbx.dic 
_audit_conform.dict_version    5.397 
_audit_conform.dict_location   http://mmcif.pdb.org/dictionaries/ascii/mmcif_pdbx.dic 
# 
loop_
_database_2.database_id 
_database_2.database_code 
_database_2.pdbx_database_accession 
_database_2.pdbx_DOI 
PDB   1EMN         pdb_00001emn 10.2210/pdb1emn/pdb 
WWPDB D_1000173085 ?            ?                   
# 
loop_
_pdbx_audit_revision_history.ordinal 
_pdbx_audit_revision_history.data_content_type 
_pdbx_audit_revision_history.major_revision 
_pdbx_audit_revision_history.minor_revision 
_pdbx_audit_revision_history.revision_date 
1 'Structure model' 1 0 1996-12-23 
2 'Structure model' 1 1 2008-03-24 
3 'Structure model' 1 2 2011-07-13 
4 'Structure model' 1 3 2021-10-27 
5 'Structure model' 1 4 2024-10-09 
# 
_pdbx_audit_revision_details.ordinal             1 
_pdbx_audit_revision_details.revision_ordinal    1 
_pdbx_audit_revision_details.data_content_type   'Structure model' 
_pdbx_audit_revision_details.provider            repository 
_pdbx_audit_revision_details.type                'Initial release' 
_pdbx_audit_revision_details.description         ? 
_pdbx_audit_revision_details.details             ? 
# 
loop_
_pdbx_audit_revision_group.ordinal 
_pdbx_audit_revision_group.revision_ordinal 
_pdbx_audit_revision_group.data_content_type 
_pdbx_audit_revision_group.group 
1 2 'Structure model' 'Version format compliance' 
2 3 'Structure model' 'Version format compliance' 
3 4 'Structure model' 'Data collection'           
4 4 'Structure model' 'Database references'       
5 4 'Structure model' 'Derived calculations'      
6 4 'Structure model' Other                       
7 5 'Structure model' 'Data collection'           
8 5 'Structure model' 'Structure summary'         
# 
loop_
_pdbx_audit_revision_category.ordinal 
_pdbx_audit_revision_category.revision_ordinal 
_pdbx_audit_revision_category.data_content_type 
_pdbx_audit_revision_category.category 
1  4 'Structure model' database_2                
2  4 'Structure model' pdbx_database_related     
3  4 'Structure model' pdbx_database_status      
4  4 'Structure model' pdbx_nmr_representative   
5  4 'Structure model' pdbx_nmr_software         
6  4 'Structure model' pdbx_nmr_spectrometer     
7  4 'Structure model' pdbx_struct_assembly      
8  4 'Structure model' pdbx_struct_conn_angle    
9  4 'Structure model' pdbx_struct_oper_list     
10 4 'Structure model' struct_conn               
11 4 'Structure model' struct_ref_seq_dif        
12 4 'Structure model' struct_site               
13 5 'Structure model' chem_comp_atom            
14 5 'Structure model' chem_comp_bond            
15 5 'Structure model' pdbx_entry_details        
16 5 'Structure model' pdbx_modification_feature 
# 
loop_
_pdbx_audit_revision_item.ordinal 
_pdbx_audit_revision_item.revision_ordinal 
_pdbx_audit_revision_item.data_content_type 
_pdbx_audit_revision_item.item 
1  4 'Structure model' '_database_2.pdbx_DOI'                        
2  4 'Structure model' '_database_2.pdbx_database_accession'         
3  4 'Structure model' '_pdbx_database_related.content_type'         
4  4 'Structure model' '_pdbx_database_status.process_site'          
5  4 'Structure model' '_pdbx_nmr_software.authors'                  
6  4 'Structure model' '_pdbx_nmr_software.classification'           
7  4 'Structure model' '_pdbx_nmr_software.version'                  
8  4 'Structure model' '_pdbx_struct_conn_angle.ptnr1_auth_comp_id'  
9  4 'Structure model' '_pdbx_struct_conn_angle.ptnr1_auth_seq_id'   
10 4 'Structure model' '_pdbx_struct_conn_angle.ptnr1_label_atom_id' 
11 4 'Structure model' '_pdbx_struct_conn_angle.ptnr1_label_comp_id' 
12 4 'Structure model' '_pdbx_struct_conn_angle.ptnr1_label_seq_id'  
13 4 'Structure model' '_pdbx_struct_conn_angle.ptnr3_auth_comp_id'  
14 4 'Structure model' '_pdbx_struct_conn_angle.ptnr3_auth_seq_id'   
15 4 'Structure model' '_pdbx_struct_conn_angle.ptnr3_label_atom_id' 
16 4 'Structure model' '_pdbx_struct_conn_angle.ptnr3_label_comp_id' 
17 4 'Structure model' '_pdbx_struct_conn_angle.ptnr3_label_seq_id'  
18 4 'Structure model' '_pdbx_struct_conn_angle.value'               
19 4 'Structure model' '_struct_conn.pdbx_dist_value'                
20 4 'Structure model' '_struct_conn.ptnr1_auth_comp_id'             
21 4 'Structure model' '_struct_conn.ptnr1_auth_seq_id'              
22 4 'Structure model' '_struct_conn.ptnr1_label_asym_id'            
23 4 'Structure model' '_struct_conn.ptnr1_label_atom_id'            
24 4 'Structure model' '_struct_conn.ptnr1_label_comp_id'            
25 4 'Structure model' '_struct_conn.ptnr1_label_seq_id'             
26 4 'Structure model' '_struct_conn.ptnr2_auth_comp_id'             
27 4 'Structure model' '_struct_conn.ptnr2_auth_seq_id'              
28 4 'Structure model' '_struct_conn.ptnr2_label_asym_id'            
29 4 'Structure model' '_struct_conn.ptnr2_label_atom_id'            
30 4 'Structure model' '_struct_conn.ptnr2_label_comp_id'            
31 4 'Structure model' '_struct_conn.ptnr2_label_seq_id'             
32 4 'Structure model' '_struct_ref_seq_dif.details'                 
33 4 'Structure model' '_struct_site.pdbx_auth_asym_id'              
34 4 'Structure model' '_struct_site.pdbx_auth_comp_id'              
35 4 'Structure model' '_struct_site.pdbx_auth_seq_id'               
# 
_pdbx_database_status.status_code                     REL 
_pdbx_database_status.entry_id                        1EMN 
_pdbx_database_status.recvd_initial_deposition_date   1996-08-05 
_pdbx_database_status.deposit_site                    ? 
_pdbx_database_status.process_site                    BNL 
_pdbx_database_status.status_code_sf                  ? 
_pdbx_database_status.status_code_mr                  REL 
_pdbx_database_status.SG_entry                        ? 
_pdbx_database_status.pdb_format_compatible           Y 
_pdbx_database_status.status_code_cs                  ? 
_pdbx_database_status.methods_development_category    ? 
_pdbx_database_status.status_code_nmr_data            ? 
# 
_pdbx_database_related.db_name        PDB 
_pdbx_database_related.db_id          1EMO 
_pdbx_database_related.details        . 
_pdbx_database_related.content_type   unspecified 
# 
loop_
_audit_author.name 
_audit_author.pdbx_ordinal 
'Downing, A.K.'  1 
'Campbell, I.D.' 2 
'Handford, P.A.' 3 
# 
loop_
_citation.id 
_citation.title 
_citation.journal_abbrev 
_citation.journal_volume 
_citation.page_first 
_citation.page_last 
_citation.year 
_citation.journal_id_ASTM 
_citation.country 
_citation.journal_id_ISSN 
_citation.journal_id_CSD 
_citation.book_publisher 
_citation.pdbx_database_id_PubMed 
_citation.pdbx_database_id_DOI 
primary 
;Solution structure of a pair of calcium-binding epidermal growth factor-like domains: implications for the Marfan syndrome and other genetic disorders.
;
'Cell(Cambridge,Mass.)' 85  597 605 1996 CELLB5 US 0092-8674 0998 ? 8653794 '10.1016/S0092-8674(00)81259-3' 
1       'Calcium Binding Properties of an Epidermal Growth Factor-Like Domain Pair from Human Fibrillin-1' J.Mol.Biol.             
255 22  ?   1996 JMOBAK UK 0022-2836 0070 ? ?       ?                               
# 
loop_
_citation_author.citation_id 
_citation_author.name 
_citation_author.ordinal 
_citation_author.identifier_ORCID 
primary 'Downing, A.K.'  1  ? 
primary 'Knott, V.'      2  ? 
primary 'Werner, J.M.'   3  ? 
primary 'Cardy, C.M.'    4  ? 
primary 'Campbell, I.D.' 5  ? 
primary 'Handford, P.A.' 6  ? 
1       'Knott, V.'      7  ? 
1       'Downing, A.K.'  8  ? 
1       'Cardy, C.M.'    9  ? 
1       'Handford, P.'   10 ? 
# 
loop_
_entity.id 
_entity.type 
_entity.src_method 
_entity.pdbx_description 
_entity.formula_weight 
_entity.pdbx_number_of_molecules 
_entity.pdbx_ec 
_entity.pdbx_mutation 
_entity.pdbx_fragment 
_entity.details 
1 polymer     man FIBRILLIN     8750.710 1 ? ? 'CA2+ BINDING EPIDERMAL GROWTH FACTOR-LIKE DOMAIN, RESIDUES 2124 - 2205' ? 
2 non-polymer syn 'CALCIUM ION' 40.078   2 ? ? ?                                                                        ? 
# 
_entity_poly.entity_id                      1 
_entity_poly.type                           'polypeptide(L)' 
_entity_poly.nstd_linkage                   no 
_entity_poly.nstd_monomer                   no 
_entity_poly.pdbx_seq_one_letter_code       
;SAVDMDECKEPDVCKHGQCINTDGSYRCECPFGYILAGNECVDTDECSVGNPCGNGTCKNVIGGFECTCEEGFEPGPMMT
CE
;
_entity_poly.pdbx_seq_one_letter_code_can   
;SAVDMDECKEPDVCKHGQCINTDGSYRCECPFGYILAGNECVDTDECSVGNPCGNGTCKNVIGGFECTCEEGFEPGPMMT
CE
;
_entity_poly.pdbx_strand_id                 A 
_entity_poly.pdbx_target_identifier         ? 
# 
_pdbx_entity_nonpoly.entity_id   2 
_pdbx_entity_nonpoly.name        'CALCIUM ION' 
_pdbx_entity_nonpoly.comp_id     CA 
# 
loop_
_entity_poly_seq.entity_id 
_entity_poly_seq.num 
_entity_poly_seq.mon_id 
_entity_poly_seq.hetero 
1 1  SER n 
1 2  ALA n 
1 3  VAL n 
1 4  ASP n 
1 5  MET n 
1 6  ASP n 
1 7  GLU n 
1 8  CYS n 
1 9  LYS n 
1 10 GLU n 
1 11 PRO n 
1 12 ASP n 
1 13 VAL n 
1 14 CYS n 
1 15 LYS n 
1 16 HIS n 
1 17 GLY n 
1 18 GLN n 
1 19 CYS n 
1 20 ILE n 
1 21 ASN n 
1 22 THR n 
1 23 ASP n 
1 24 GLY n 
1 25 SER n 
1 26 TYR n 
1 27 ARG n 
1 28 CYS n 
1 29 GLU n 
1 30 CYS n 
1 31 PRO n 
1 32 PHE n 
1 33 GLY n 
1 34 TYR n 
1 35 ILE n 
1 36 LEU n 
1 37 ALA n 
1 38 GLY n 
1 39 ASN n 
1 40 GLU n 
1 41 CYS n 
1 42 VAL n 
1 43 ASP n 
1 44 THR n 
1 45 ASP n 
1 46 GLU n 
1 47 CYS n 
1 48 SER n 
1 49 VAL n 
1 50 GLY n 
1 51 ASN n 
1 52 PRO n 
1 53 CYS n 
1 54 GLY n 
1 55 ASN n 
1 56 GLY n 
1 57 THR n 
1 58 CYS n 
1 59 LYS n 
1 60 ASN n 
1 61 VAL n 
1 62 ILE n 
1 63 GLY n 
1 64 GLY n 
1 65 PHE n 
1 66 GLU n 
1 67 CYS n 
1 68 THR n 
1 69 CYS n 
1 70 GLU n 
1 71 GLU n 
1 72 GLY n 
1 73 PHE n 
1 74 GLU n 
1 75 PRO n 
1 76 GLY n 
1 77 PRO n 
1 78 MET n 
1 79 MET n 
1 80 THR n 
1 81 CYS n 
1 82 GLU n 
# 
_entity_src_gen.entity_id                          1 
_entity_src_gen.pdbx_src_id                        1 
_entity_src_gen.pdbx_alt_source_flag               sample 
_entity_src_gen.pdbx_seq_type                      ? 
_entity_src_gen.pdbx_beg_seq_num                   ? 
_entity_src_gen.pdbx_end_seq_num                   ? 
_entity_src_gen.gene_src_common_name               human 
_entity_src_gen.gene_src_genus                     Homo 
_entity_src_gen.pdbx_gene_src_gene                 FBN1 
_entity_src_gen.gene_src_species                   ? 
_entity_src_gen.gene_src_strain                    ? 
_entity_src_gen.gene_src_tissue                    'SKIN (DERMIS)' 
_entity_src_gen.gene_src_tissue_fraction           ? 
_entity_src_gen.gene_src_details                   ? 
_entity_src_gen.pdbx_gene_src_fragment             ? 
_entity_src_gen.pdbx_gene_src_scientific_name      'Homo sapiens' 
_entity_src_gen.pdbx_gene_src_ncbi_taxonomy_id     9606 
_entity_src_gen.pdbx_gene_src_variant              ? 
_entity_src_gen.pdbx_gene_src_cell_line            ? 
_entity_src_gen.pdbx_gene_src_atcc                 ? 
_entity_src_gen.pdbx_gene_src_organ                SKIN 
_entity_src_gen.pdbx_gene_src_organelle            ? 
_entity_src_gen.pdbx_gene_src_cell                 FIBROBLAST 
_entity_src_gen.pdbx_gene_src_cellular_location    ? 
_entity_src_gen.host_org_common_name               ? 
_entity_src_gen.pdbx_host_org_scientific_name      'Escherichia coli' 
_entity_src_gen.pdbx_host_org_ncbi_taxonomy_id     562 
_entity_src_gen.host_org_genus                     Escherichia 
_entity_src_gen.pdbx_host_org_gene                 FBN1 
_entity_src_gen.pdbx_host_org_organ                ? 
_entity_src_gen.host_org_species                   ? 
_entity_src_gen.pdbx_host_org_tissue               ? 
_entity_src_gen.pdbx_host_org_tissue_fraction      ? 
_entity_src_gen.pdbx_host_org_strain               'NM554 (HIS TAG)' 
_entity_src_gen.pdbx_host_org_variant              ? 
_entity_src_gen.pdbx_host_org_cell_line            ? 
_entity_src_gen.pdbx_host_org_atcc                 ? 
_entity_src_gen.pdbx_host_org_culture_collection   ? 
_entity_src_gen.pdbx_host_org_cell                 ? 
_entity_src_gen.pdbx_host_org_organelle            ? 
_entity_src_gen.pdbx_host_org_cellular_location    ? 
_entity_src_gen.pdbx_host_org_vector_type          ? 
_entity_src_gen.pdbx_host_org_vector               ? 
_entity_src_gen.host_org_details                   ? 
_entity_src_gen.expression_system_id               ? 
_entity_src_gen.plasmid_name                       'PQE30 (QIAGEN)' 
_entity_src_gen.plasmid_details                    ? 
_entity_src_gen.pdbx_description                   ? 
# 
loop_
_chem_comp.id 
_chem_comp.type 
_chem_comp.mon_nstd_flag 
_chem_comp.name 
_chem_comp.pdbx_synonyms 
_chem_comp.formula 
_chem_comp.formula_weight 
ALA 'L-peptide linking' y ALANINE         ? 'C3 H7 N O2'     89.093  
ARG 'L-peptide linking' y ARGININE        ? 'C6 H15 N4 O2 1' 175.209 
ASN 'L-peptide linking' y ASPARAGINE      ? 'C4 H8 N2 O3'    132.118 
ASP 'L-peptide linking' y 'ASPARTIC ACID' ? 'C4 H7 N O4'     133.103 
CA  non-polymer         . 'CALCIUM ION'   ? 'Ca 2'           40.078  
CYS 'L-peptide linking' y CYSTEINE        ? 'C3 H7 N O2 S'   121.158 
GLN 'L-peptide linking' y GLUTAMINE       ? 'C5 H10 N2 O3'   146.144 
GLU 'L-peptide linking' y 'GLUTAMIC ACID' ? 'C5 H9 N O4'     147.129 
GLY 'peptide linking'   y GLYCINE         ? 'C2 H5 N O2'     75.067  
HIS 'L-peptide linking' y HISTIDINE       ? 'C6 H10 N3 O2 1' 156.162 
ILE 'L-peptide linking' y ISOLEUCINE      ? 'C6 H13 N O2'    131.173 
LEU 'L-peptide linking' y LEUCINE         ? 'C6 H13 N O2'    131.173 
LYS 'L-peptide linking' y LYSINE          ? 'C6 H15 N2 O2 1' 147.195 
MET 'L-peptide linking' y METHIONINE      ? 'C5 H11 N O2 S'  149.211 
PHE 'L-peptide linking' y PHENYLALANINE   ? 'C9 H11 N O2'    165.189 
PRO 'L-peptide linking' y PROLINE         ? 'C5 H9 N O2'     115.130 
SER 'L-peptide linking' y SERINE          ? 'C3 H7 N O3'     105.093 
THR 'L-peptide linking' y THREONINE       ? 'C4 H9 N O3'     119.119 
TYR 'L-peptide linking' y TYROSINE        ? 'C9 H11 N O3'    181.189 
VAL 'L-peptide linking' y VALINE          ? 'C5 H11 N O2'    117.146 
# 
loop_
_pdbx_poly_seq_scheme.asym_id 
_pdbx_poly_seq_scheme.entity_id 
_pdbx_poly_seq_scheme.seq_id 
_pdbx_poly_seq_scheme.mon_id 
_pdbx_poly_seq_scheme.ndb_seq_num 
_pdbx_poly_seq_scheme.pdb_seq_num 
_pdbx_poly_seq_scheme.auth_seq_num 
_pdbx_poly_seq_scheme.pdb_mon_id 
_pdbx_poly_seq_scheme.auth_mon_id 
_pdbx_poly_seq_scheme.pdb_strand_id 
_pdbx_poly_seq_scheme.pdb_ins_code 
_pdbx_poly_seq_scheme.hetero 
A 1 1  SER 1  2124 2124 SER SER A . n 
A 1 2  ALA 2  2125 2125 ALA ALA A . n 
A 1 3  VAL 3  2126 2126 VAL VAL A . n 
A 1 4  ASP 4  2127 2127 ASP ASP A . n 
A 1 5  MET 5  2128 2128 MET MET A . n 
A 1 6  ASP 6  2129 2129 ASP ASP A . n 
A 1 7  GLU 7  2130 2130 GLU GLU A . n 
A 1 8  CYS 8  2131 2131 CYS CYS A . n 
A 1 9  LYS 9  2132 2132 LYS LYS A . n 
A 1 10 GLU 10 2133 2133 GLU GLU A . n 
A 1 11 PRO 11 2134 2134 PRO PRO A . n 
A 1 12 ASP 12 2135 2135 ASP ASP A . n 
A 1 13 VAL 13 2136 2136 VAL VAL A . n 
A 1 14 CYS 14 2137 2137 CYS CYS A . n 
A 1 15 LYS 15 2138 2138 LYS LYS A . n 
A 1 16 HIS 16 2139 2139 HIS HIS A . n 
A 1 17 GLY 17 2140 2140 GLY GLY A . n 
A 1 18 GLN 18 2141 2141 GLN GLN A . n 
A 1 19 CYS 19 2142 2142 CYS CYS A . n 
A 1 20 ILE 20 2143 2143 ILE ILE A . n 
A 1 21 ASN 21 2144 2144 ASN ASN A . n 
A 1 22 THR 22 2145 2145 THR THR A . n 
A 1 23 ASP 23 2146 2146 ASP ASP A . n 
A 1 24 GLY 24 2147 2147 GLY GLY A . n 
A 1 25 SER 25 2148 2148 SER SER A . n 
A 1 26 TYR 26 2149 2149 TYR TYR A . n 
A 1 27 ARG 27 2150 2150 ARG ARG A . n 
A 1 28 CYS 28 2151 2151 CYS CYS A . n 
A 1 29 GLU 29 2152 2152 GLU GLU A . n 
A 1 30 CYS 30 2153 2153 CYS CYS A . n 
A 1 31 PRO 31 2154 2154 PRO PRO A . n 
A 1 32 PHE 32 2155 2155 PHE PHE A . n 
A 1 33 GLY 33 2156 2156 GLY GLY A . n 
A 1 34 TYR 34 2157 2157 TYR TYR A . n 
A 1 35 ILE 35 2158 2158 ILE ILE A . n 
A 1 36 LEU 36 2159 2159 LEU LEU A . n 
A 1 37 ALA 37 2160 2160 ALA ALA A . n 
A 1 38 GLY 38 2161 2161 GLY GLY A . n 
A 1 39 ASN 39 2162 2162 ASN ASN A . n 
A 1 40 GLU 40 2163 2163 GLU GLU A . n 
A 1 41 CYS 41 2164 2164 CYS CYS A . n 
A 1 42 VAL 42 2165 2165 VAL VAL A . n 
A 1 43 ASP 43 2166 2166 ASP ASP A . n 
A 1 44 THR 44 2167 2167 THR THR A . n 
A 1 45 ASP 45 2168 2168 ASP ASP A . n 
A 1 46 GLU 46 2169 2169 GLU GLU A . n 
A 1 47 CYS 47 2170 2170 CYS CYS A . n 
A 1 48 SER 48 2171 2171 SER SER A . n 
A 1 49 VAL 49 2172 2172 VAL VAL A . n 
A 1 50 GLY 50 2173 2173 GLY GLY A . n 
A 1 51 ASN 51 2174 2174 ASN ASN A . n 
A 1 52 PRO 52 2175 2175 PRO PRO A . n 
A 1 53 CYS 53 2176 2176 CYS CYS A . n 
A 1 54 GLY 54 2177 2177 GLY GLY A . n 
A 1 55 ASN 55 2178 2178 ASN ASN A . n 
A 1 56 GLY 56 2179 2179 GLY GLY A . n 
A 1 57 THR 57 2180 2180 THR THR A . n 
A 1 58 CYS 58 2181 2181 CYS CYS A . n 
A 1 59 LYS 59 2182 2182 LYS LYS A . n 
A 1 60 ASN 60 2183 2183 ASN ASN A . n 
A 1 61 VAL 61 2184 2184 VAL VAL A . n 
A 1 62 ILE 62 2185 2185 ILE ILE A . n 
A 1 63 GLY 63 2186 2186 GLY GLY A . n 
A 1 64 GLY 64 2187 2187 GLY GLY A . n 
A 1 65 PHE 65 2188 2188 PHE PHE A . n 
A 1 66 GLU 66 2189 2189 GLU GLU A . n 
A 1 67 CYS 67 2190 2190 CYS CYS A . n 
A 1 68 THR 68 2191 2191 THR THR A . n 
A 1 69 CYS 69 2192 2192 CYS CYS A . n 
A 1 70 GLU 70 2193 2193 GLU GLU A . n 
A 1 71 GLU 71 2194 2194 GLU GLU A . n 
A 1 72 GLY 72 2195 2195 GLY GLY A . n 
A 1 73 PHE 73 2196 2196 PHE PHE A . n 
A 1 74 GLU 74 2197 2197 GLU GLU A . n 
A 1 75 PRO 75 2198 2198 PRO PRO A . n 
A 1 76 GLY 76 2199 2199 GLY GLY A . n 
A 1 77 PRO 77 2200 2200 PRO PRO A . n 
A 1 78 MET 78 2201 2201 MET MET A . n 
A 1 79 MET 79 2202 2202 MET MET A . n 
A 1 80 THR 80 2203 2203 THR THR A . n 
A 1 81 CYS 81 2204 2204 CYS CYS A . n 
A 1 82 GLU 82 2205 2205 GLU GLU A . n 
# 
loop_
_pdbx_nonpoly_scheme.asym_id 
_pdbx_nonpoly_scheme.entity_id 
_pdbx_nonpoly_scheme.mon_id 
_pdbx_nonpoly_scheme.ndb_seq_num 
_pdbx_nonpoly_scheme.pdb_seq_num 
_pdbx_nonpoly_scheme.auth_seq_num 
_pdbx_nonpoly_scheme.pdb_mon_id 
_pdbx_nonpoly_scheme.auth_mon_id 
_pdbx_nonpoly_scheme.pdb_strand_id 
_pdbx_nonpoly_scheme.pdb_ins_code 
B 2 CA 1 2224 2224 CA CA A . 
C 2 CA 1 2225 2225 CA CA A . 
# 
loop_
_software.name 
_software.classification 
_software.version 
_software.citation_id 
_software.pdbx_ordinal 
X-PLOR 'model building' 3.1 ? 1 
X-PLOR refinement       3.1 ? 2 
X-PLOR phasing          3.1 ? 3 
# 
_cell.entry_id           1EMN 
_cell.length_a           1.000 
_cell.length_b           1.000 
_cell.length_c           1.000 
_cell.angle_alpha        90.00 
_cell.angle_beta         90.00 
_cell.angle_gamma        90.00 
_cell.Z_PDB              1 
_cell.pdbx_unique_axis   ? 
# 
_symmetry.entry_id                         1EMN 
_symmetry.space_group_name_H-M             'P 1' 
_symmetry.pdbx_full_space_group_name_H-M   ? 
_symmetry.cell_setting                     ? 
_symmetry.Int_Tables_number                1 
# 
_exptl.entry_id          1EMN 
_exptl.method            'SOLUTION NMR' 
_exptl.crystals_number   ? 
# 
_struct.entry_id                  1EMN 
_struct.title                     
'NMR STUDY OF A PAIR OF FIBRILLIN CA2+ BINDING EPIDERMAL GROWTH FACTOR-LIKE DOMAINS, MINIMIZED AVERAGE STRUCTURE' 
_struct.pdbx_model_details        ? 
_struct.pdbx_CASP_flag            ? 
_struct.pdbx_model_type_details   ? 
# 
_struct_keywords.entry_id        1EMN 
_struct_keywords.pdbx_keywords   'MATRIX PROTEIN' 
_struct_keywords.text            
;EXTRACELLULAR MATRIX, CALCIUM-BINDING, GLYCOPROTEIN, MULTIGENE FAMILY, DISEASE MUTATION, EGF-LIKE DOMAIN, HUMAN FIBRILLIN-1 FRAGMENT, MATRIX PROTEIN
;
# 
loop_
_struct_asym.id 
_struct_asym.pdbx_blank_PDB_chainid_flag 
_struct_asym.pdbx_modified 
_struct_asym.entity_id 
_struct_asym.details 
A Y N 1 ? 
B N N 2 ? 
C N N 2 ? 
# 
_struct_ref.id                         1 
_struct_ref.db_name                    UNP 
_struct_ref.db_code                    FBN1_HUMAN 
_struct_ref.entity_id                  1 
_struct_ref.pdbx_db_accession          P35555 
_struct_ref.pdbx_align_begin           1 
_struct_ref.pdbx_seq_one_letter_code   
;MRRGRLLEIALGFTVLLASYTSHGADANLEAGNVKETRASRAKRRGGGGHDALKGPNVCGSRYNAYCCPGWKTLPGGNQC
IVPICRHSCGDGFCSRPNMCTCPSGQIAPSCGSRSIQHCNIRCMNGGSCSDDHCLCQKGYIGTHCGQPVCESGCLNGGRC
VAPNRCACTYGFTGPQCERDYRTGPCFTVISNQMCQGQLSGIVCTKQLCCATVGRAWGHPCEMCPAQPHPCRRGFIPNIR
TGACQDVDECQAIPGLCQGGNCINTVGSFECKCPAGHKLNEVSQKCEDIDECSTIPGICEGGECTNTVSSYFCKCPPGFY
TSPDGTRCIDVRPGYCYTALTNGRCSNQLPQSITKMQCCCDAGRCWSPGVTVAPEMCPIRATEDFNKLCSVPMVIPGRPE
YPPPPLGPIPPVLPVPPGFPPGPQIPVPRPPVEYLYPSREPPRVLPVNVTDYCQLVRYLCQNGRCIPTPGSYRCECNKGF
QLDLRGECIDVDECEKNPCAGGECINNQGSYTCQCRAGYQSTLTRTECRDIDECLQNGRICNNGRCINTDGSFHCVCNAG
FHVTRDGKNCEDMDECSIRNMCLNGMCINEDGSFKCICKPGFQLASDGRYCKDINECETPGICMNGRCVNTDGSYRCECF
PGLAVGLDGRVCVDTHMRSTCYGGYKRGQCIKPLFGAVTKSECCCASTEYAFGEPCQPCPAQNSAEYQALCSSGPGMTSA
GSDINECALDPDICPNGICENLRGTYKCICNSGYEVDSTGKNCVDINECVLNSLLCDNGQCRNTPGSFVCTCPKGFIYKP
DLKTCEDIDECESSPCINGVCKNSPGSFICECSSESTLDPTKTICIETIKGTCWQTVIDGRCEININGATLKSQCCSSLG
AAWGSPCTLCQVDPICGKGYSRIKGTQCEDIDECEVFPGVCKNGLCVNTRGSFKCQCPSGMTLDATGRICLDIRLETCFL
RYEDEECTLPIAGRHRMDACCCSVGAAWGTEECEECPMRNTPEYEELCPRGPGFATKEITNGKPFFKDINECKMIPSLCT
HGKCRNTIGSFKCRCDSGFALDSEERNCTDIDECRISPDLCGRGQCVNTPGDFECKCDEGYESGFMMMKNCMDIDECQRD
PLLCRGGVCHNTEGSYRCECPPGHQLSPNISACIDINECELSAHLCPNGRCVNLIGKYQCACNPGYHSTPDRLFCVDIDE
CSIMNGGCETFCTNSEGSYECSCQPGFALMPDQRSCTDIDECEDNPNICDGGQCTNIPGEYRCLCYDGFMASEDMKTCVD
VNECDLNPNICLSGTCENTKGSFICHCDMGYSGKKGKTGCTDINECEIGAHNCGKHAVCTNTAGSFKCSCSPGWIGDGIK
CTDLDECSNGTHMCSQHADCKNTMGSYRCLCKEGYTGDGFTCTDLDECSENLNLCGNGQCLNAPGGYRCECDMGFVPSAD
GKACEDIDECSLPNICVFGTCHNLPGLFRCECEIGYELDRSGGNCTDVNECLDPTTCISGNCVNTPGSYICDCPPDFELN
PTRVGCVDTRSGNCYLDIRPRGDNGDTACSNEIGVGVSKASCCCSLGKAWGTPCEMCPAVNTSEYKILCPGGEGFRPNPI
TVILEDIDECQELPGLCQGGKCINTFGSFQCRCPTGYYLNEDTRVCDDVNECETPGICGPGTCYNTVGNYTCICPPDYMQ
VNGGNNCMDMRRSLCYRNYYADNQTCDGELLFNMTKKMCCCSYNIGRAWNKPCEQCPIPSTDEFATLCGSQRPGFVIDIY
TGLPVDIDECREIPGVCENGVCINMVGSFRCECPVGFFYNDKLLVCEDIDECQNGPVCQRNAECINTAGSYRCDCKPGYR
FTSTGQCNDRNECQEIPNICSHGQCIDTVGSFYCLCHTGFKTNDDQTMCLDINECERDACGNGTCRNTIGSFNCRCNHGF
ILSHNNDCIDVDECASGNGNLCRNGQCINTVGSFQCQCNEGYEVAPDGRTCVDINECLLEPRKCAPGTCQNLDGSYRCIC
PPGYSLQNEKCEDIDECVEEPEICALGTCSNTEGSFKCLCPEGFSLSSSGRRCQDLRMSYCYAKFEGGKCSSPKSRNHSK
QECCCALKGEGWGDPCELCPTEPDEAFRQICPYGSGIIVGPDDSAVDMDECKEPDVCKHGQCINTDGSYRCECPFGYTLA
GNECVDTDECSVGNPCGNGTCKNVIGGFECTCEEGFEPGPMMTCEDINECAQNPLLCAFRCVNTYGSYECKCPVGYVLRE
DRRMCKDEDECEEGKHDCTEKQMECKNLIGTYMCICGPGYQRRPDGEGCVDENECQTKPGICENGRCLNTRGSYTCECND
GFTASPNQDECLDNREGYCFTEVLQNMCQIGSSNRNPVTKSECCCDGGRGWGPHCEICPFQGTVAFKKLCPHGRGFMTNG
ADIDECKVIHDVCRNGECVNDRGSYHCICKTGYTPDITGTSCVDLNECNQAPKPCNFICKNTEGSYQCSCPKGYILQEDG
RSCKDLDECATKQHNCQFLCVNTIGGFTCKCPPGFTQHHTSCIDNNECTSDINLCGSKGICQNTPGSFTCECQRGFSLDQ
TGSSCEDVDECEGNHRCQHGCQNIIGGYRCSCPQGYLQHYQWNQCVDENECLSAHICGGASCHNTLGSYKCMCPAGFQYE
QFSGGCQDINECGSAQAPCSYGCSNTEGGYLCGCPPGYFRIGQGHCVSGMGMGRGNPEPPVSGEMDDNSLSPEACYECKI
NGYPKRGRKRRSTNETDASNIEDQSETEANVSLASWDVEKTAIFAFNISHVSNKVRILELLPALTTLTNHNRYLIESGNE
DGFFKINQKEGISYLHFTKKKPVAGTYSLQISSTPLYKKKELNQLEDKYDKDYLSGELGDNLKMKIQVLLH
;
_struct_ref.pdbx_db_isoform            ? 
# 
_struct_ref_seq.align_id                      1 
_struct_ref_seq.ref_id                        1 
_struct_ref_seq.pdbx_PDB_id_code              1EMN 
_struct_ref_seq.pdbx_strand_id                A 
_struct_ref_seq.seq_align_beg                 1 
_struct_ref_seq.pdbx_seq_align_beg_ins_code   ? 
_struct_ref_seq.seq_align_end                 82 
_struct_ref_seq.pdbx_seq_align_end_ins_code   ? 
_struct_ref_seq.pdbx_db_accession             P35555 
_struct_ref_seq.db_align_beg                  2124 
_struct_ref_seq.pdbx_db_align_beg_ins_code    ? 
_struct_ref_seq.db_align_end                  2205 
_struct_ref_seq.pdbx_db_align_end_ins_code    ? 
_struct_ref_seq.pdbx_auth_seq_align_beg       2124 
_struct_ref_seq.pdbx_auth_seq_align_end       2205 
# 
_struct_ref_seq_dif.align_id                     1 
_struct_ref_seq_dif.pdbx_pdb_id_code             1EMN 
_struct_ref_seq_dif.mon_id                       ILE 
_struct_ref_seq_dif.pdbx_pdb_strand_id           A 
_struct_ref_seq_dif.seq_num                      35 
_struct_ref_seq_dif.pdbx_pdb_ins_code            ? 
_struct_ref_seq_dif.pdbx_seq_db_name             UNP 
_struct_ref_seq_dif.pdbx_seq_db_accession_code   P35555 
_struct_ref_seq_dif.db_mon_id                    THR 
_struct_ref_seq_dif.pdbx_seq_db_seq_num          2158 
_struct_ref_seq_dif.details                      conflict 
_struct_ref_seq_dif.pdbx_auth_seq_num            2158 
_struct_ref_seq_dif.pdbx_ordinal                 1 
# 
_pdbx_struct_assembly.id                   1 
_pdbx_struct_assembly.details              author_defined_assembly 
_pdbx_struct_assembly.method_details       ? 
_pdbx_struct_assembly.oligomeric_details   monomeric 
_pdbx_struct_assembly.oligomeric_count     1 
# 
_pdbx_struct_assembly_gen.assembly_id       1 
_pdbx_struct_assembly_gen.oper_expression   1 
_pdbx_struct_assembly_gen.asym_id_list      A,B,C 
# 
_pdbx_struct_oper_list.id                   1 
_pdbx_struct_oper_list.type                 'identity operation' 
_pdbx_struct_oper_list.name                 1_555 
_pdbx_struct_oper_list.symmetry_operation   ? 
_pdbx_struct_oper_list.matrix[1][1]         1.0000000000 
_pdbx_struct_oper_list.matrix[1][2]         0.0000000000 
_pdbx_struct_oper_list.matrix[1][3]         0.0000000000 
_pdbx_struct_oper_list.vector[1]            0.0000000000 
_pdbx_struct_oper_list.matrix[2][1]         0.0000000000 
_pdbx_struct_oper_list.matrix[2][2]         1.0000000000 
_pdbx_struct_oper_list.matrix[2][3]         0.0000000000 
_pdbx_struct_oper_list.vector[2]            0.0000000000 
_pdbx_struct_oper_list.matrix[3][1]         0.0000000000 
_pdbx_struct_oper_list.matrix[3][2]         0.0000000000 
_pdbx_struct_oper_list.matrix[3][3]         1.0000000000 
_pdbx_struct_oper_list.vector[3]            0.0000000000 
# 
_struct_conf.conf_type_id            HELX_P 
_struct_conf.id                      HELX_P1 
_struct_conf.pdbx_PDB_helix_id       H1 
_struct_conf.beg_label_comp_id       GLU 
_struct_conf.beg_label_asym_id       A 
_struct_conf.beg_label_seq_id        46 
_struct_conf.pdbx_beg_PDB_ins_code   ? 
_struct_conf.end_label_comp_id       SER 
_struct_conf.end_label_asym_id       A 
_struct_conf.end_label_seq_id        48 
_struct_conf.pdbx_end_PDB_ins_code   ? 
_struct_conf.beg_auth_comp_id        GLU 
_struct_conf.beg_auth_asym_id        A 
_struct_conf.beg_auth_seq_id         2169 
_struct_conf.end_auth_comp_id        SER 
_struct_conf.end_auth_asym_id        A 
_struct_conf.end_auth_seq_id         2171 
_struct_conf.pdbx_PDB_helix_class    5 
_struct_conf.details                 ? 
_struct_conf.pdbx_PDB_helix_length   3 
# 
_struct_conf_type.id          HELX_P 
_struct_conf_type.criteria    ? 
_struct_conf_type.reference   ? 
# 
loop_
_struct_conn.id 
_struct_conn.conn_type_id 
_struct_conn.pdbx_leaving_atom_flag 
_struct_conn.pdbx_PDB_id 
_struct_conn.ptnr1_label_asym_id 
_struct_conn.ptnr1_label_comp_id 
_struct_conn.ptnr1_label_seq_id 
_struct_conn.ptnr1_label_atom_id 
_struct_conn.pdbx_ptnr1_label_alt_id 
_struct_conn.pdbx_ptnr1_PDB_ins_code 
_struct_conn.pdbx_ptnr1_standard_comp_id 
_struct_conn.ptnr1_symmetry 
_struct_conn.ptnr2_label_asym_id 
_struct_conn.ptnr2_label_comp_id 
_struct_conn.ptnr2_label_seq_id 
_struct_conn.ptnr2_label_atom_id 
_struct_conn.pdbx_ptnr2_label_alt_id 
_struct_conn.pdbx_ptnr2_PDB_ins_code 
_struct_conn.ptnr1_auth_asym_id 
_struct_conn.ptnr1_auth_comp_id 
_struct_conn.ptnr1_auth_seq_id 
_struct_conn.ptnr2_auth_asym_id 
_struct_conn.ptnr2_auth_comp_id 
_struct_conn.ptnr2_auth_seq_id 
_struct_conn.ptnr2_symmetry 
_struct_conn.pdbx_ptnr3_label_atom_id 
_struct_conn.pdbx_ptnr3_label_seq_id 
_struct_conn.pdbx_ptnr3_label_comp_id 
_struct_conn.pdbx_ptnr3_label_asym_id 
_struct_conn.pdbx_ptnr3_label_alt_id 
_struct_conn.pdbx_ptnr3_PDB_ins_code 
_struct_conn.details 
_struct_conn.pdbx_dist_value 
_struct_conn.pdbx_value_order 
_struct_conn.pdbx_role 
disulf1  disulf ? ? A CYS 8  SG  ? ? ? 1_555 A CYS 19 SG ? ? A CYS 2131 A CYS 2142 1_555 ? ? ? ? ? ? ? 2.018 ? ? 
disulf2  disulf ? ? A CYS 14 SG  ? ? ? 1_555 A CYS 28 SG ? ? A CYS 2137 A CYS 2151 1_555 ? ? ? ? ? ? ? 2.020 ? ? 
disulf3  disulf ? ? A CYS 30 SG  ? ? ? 1_555 A CYS 41 SG ? ? A CYS 2153 A CYS 2164 1_555 ? ? ? ? ? ? ? 2.019 ? ? 
disulf4  disulf ? ? A CYS 47 SG  ? ? ? 1_555 A CYS 58 SG ? ? A CYS 2170 A CYS 2181 1_555 ? ? ? ? ? ? ? 2.021 ? ? 
disulf5  disulf ? ? A CYS 53 SG  ? ? ? 1_555 A CYS 67 SG ? ? A CYS 2176 A CYS 2190 1_555 ? ? ? ? ? ? ? 2.019 ? ? 
disulf6  disulf ? ? A CYS 69 SG  ? ? ? 1_555 A CYS 81 SG ? ? A CYS 2192 A CYS 2204 1_555 ? ? ? ? ? ? ? 2.020 ? ? 
metalc1  metalc ? ? A ASP 4  OD1 ? ? ? 1_555 B CA  .  CA ? ? A ASP 2127 A CA  2224 1_555 ? ? ? ? ? ? ? 2.470 ? ? 
metalc2  metalc ? ? A ASP 4  OD2 ? ? ? 1_555 B CA  .  CA ? ? A ASP 2127 A CA  2224 1_555 ? ? ? ? ? ? ? 3.355 ? ? 
metalc3  metalc ? ? A MET 5  O   ? ? ? 1_555 B CA  .  CA ? ? A MET 2128 A CA  2224 1_555 ? ? ? ? ? ? ? 2.654 ? ? 
metalc4  metalc ? ? A GLU 7  OE1 ? ? ? 1_555 B CA  .  CA ? ? A GLU 2130 A CA  2224 1_555 ? ? ? ? ? ? ? 2.614 ? ? 
metalc5  metalc ? ? A GLU 7  OE2 ? ? ? 1_555 B CA  .  CA ? ? A GLU 2130 A CA  2224 1_555 ? ? ? ? ? ? ? 2.605 ? ? 
metalc6  metalc ? ? A ASN 21 OD1 ? ? ? 1_555 B CA  .  CA ? ? A ASN 2144 A CA  2224 1_555 ? ? ? ? ? ? ? 2.638 ? ? 
metalc7  metalc ? ? A ASN 21 ND2 ? ? ? 1_555 B CA  .  CA ? ? A ASN 2144 A CA  2224 1_555 ? ? ? ? ? ? ? 2.564 ? ? 
metalc8  metalc ? ? A THR 22 O   ? ? ? 1_555 B CA  .  CA ? ? A THR 2145 A CA  2224 1_555 ? ? ? ? ? ? ? 2.629 ? ? 
metalc9  metalc ? ? A ASP 43 OD2 ? ? ? 1_555 C CA  .  CA ? ? A ASP 2166 A CA  2225 1_555 ? ? ? ? ? ? ? 2.561 ? ? 
metalc10 metalc ? ? A THR 44 O   ? ? ? 1_555 C CA  .  CA ? ? A THR 2167 A CA  2225 1_555 ? ? ? ? ? ? ? 2.458 ? ? 
metalc11 metalc ? ? A GLU 46 OE1 ? ? ? 1_555 C CA  .  CA ? ? A GLU 2169 A CA  2225 1_555 ? ? ? ? ? ? ? 2.544 ? ? 
metalc12 metalc ? ? A GLU 46 OE2 ? ? ? 1_555 C CA  .  CA ? ? A GLU 2169 A CA  2225 1_555 ? ? ? ? ? ? ? 2.623 ? ? 
metalc13 metalc ? ? A ASN 60 OD1 ? ? ? 1_555 C CA  .  CA ? ? A ASN 2183 A CA  2225 1_555 ? ? ? ? ? ? ? 2.622 ? ? 
metalc14 metalc ? ? A VAL 61 O   ? ? ? 1_555 C CA  .  CA ? ? A VAL 2184 A CA  2225 1_555 ? ? ? ? ? ? ? 2.607 ? ? 
metalc15 metalc ? ? A GLY 64 O   ? ? ? 1_555 C CA  .  CA ? ? A GLY 2187 A CA  2225 1_555 ? ? ? ? ? ? ? 2.440 ? ? 
# 
loop_
_struct_conn_type.id 
_struct_conn_type.criteria 
_struct_conn_type.reference 
disulf ? ? 
metalc ? ? 
# 
loop_
_pdbx_struct_conn_angle.id 
_pdbx_struct_conn_angle.ptnr1_label_atom_id 
_pdbx_struct_conn_angle.ptnr1_label_alt_id 
_pdbx_struct_conn_angle.ptnr1_label_asym_id 
_pdbx_struct_conn_angle.ptnr1_label_comp_id 
_pdbx_struct_conn_angle.ptnr1_label_seq_id 
_pdbx_struct_conn_angle.ptnr1_auth_atom_id 
_pdbx_struct_conn_angle.ptnr1_auth_asym_id 
_pdbx_struct_conn_angle.ptnr1_auth_comp_id 
_pdbx_struct_conn_angle.ptnr1_auth_seq_id 
_pdbx_struct_conn_angle.ptnr1_PDB_ins_code 
_pdbx_struct_conn_angle.ptnr1_symmetry 
_pdbx_struct_conn_angle.ptnr2_label_atom_id 
_pdbx_struct_conn_angle.ptnr2_label_alt_id 
_pdbx_struct_conn_angle.ptnr2_label_asym_id 
_pdbx_struct_conn_angle.ptnr2_label_comp_id 
_pdbx_struct_conn_angle.ptnr2_label_seq_id 
_pdbx_struct_conn_angle.ptnr2_auth_atom_id 
_pdbx_struct_conn_angle.ptnr2_auth_asym_id 
_pdbx_struct_conn_angle.ptnr2_auth_comp_id 
_pdbx_struct_conn_angle.ptnr2_auth_seq_id 
_pdbx_struct_conn_angle.ptnr2_PDB_ins_code 
_pdbx_struct_conn_angle.ptnr2_symmetry 
_pdbx_struct_conn_angle.ptnr3_label_atom_id 
_pdbx_struct_conn_angle.ptnr3_label_alt_id 
_pdbx_struct_conn_angle.ptnr3_label_asym_id 
_pdbx_struct_conn_angle.ptnr3_label_comp_id 
_pdbx_struct_conn_angle.ptnr3_label_seq_id 
_pdbx_struct_conn_angle.ptnr3_auth_atom_id 
_pdbx_struct_conn_angle.ptnr3_auth_asym_id 
_pdbx_struct_conn_angle.ptnr3_auth_comp_id 
_pdbx_struct_conn_angle.ptnr3_auth_seq_id 
_pdbx_struct_conn_angle.ptnr3_PDB_ins_code 
_pdbx_struct_conn_angle.ptnr3_symmetry 
_pdbx_struct_conn_angle.value 
_pdbx_struct_conn_angle.value_esd 
1  OD1 ? A ASP 4  ? A ASP 2127 ? 1_555 CA ? B CA . ? A CA 2224 ? 1_555 OD2 ? A ASP 4  ? A ASP 2127 ? 1_555 39.9  ? 
2  OD1 ? A ASP 4  ? A ASP 2127 ? 1_555 CA ? B CA . ? A CA 2224 ? 1_555 O   ? A MET 5  ? A MET 2128 ? 1_555 80.6  ? 
3  OD2 ? A ASP 4  ? A ASP 2127 ? 1_555 CA ? B CA . ? A CA 2224 ? 1_555 O   ? A MET 5  ? A MET 2128 ? 1_555 117.9 ? 
4  OD1 ? A ASP 4  ? A ASP 2127 ? 1_555 CA ? B CA . ? A CA 2224 ? 1_555 OE1 ? A GLU 7  ? A GLU 2130 ? 1_555 137.3 ? 
5  OD2 ? A ASP 4  ? A ASP 2127 ? 1_555 CA ? B CA . ? A CA 2224 ? 1_555 OE1 ? A GLU 7  ? A GLU 2130 ? 1_555 164.1 ? 
6  O   ? A MET 5  ? A MET 2128 ? 1_555 CA ? B CA . ? A CA 2224 ? 1_555 OE1 ? A GLU 7  ? A GLU 2130 ? 1_555 69.0  ? 
7  OD1 ? A ASP 4  ? A ASP 2127 ? 1_555 CA ? B CA . ? A CA 2224 ? 1_555 OE2 ? A GLU 7  ? A GLU 2130 ? 1_555 93.3  ? 
8  OD2 ? A ASP 4  ? A ASP 2127 ? 1_555 CA ? B CA . ? A CA 2224 ? 1_555 OE2 ? A GLU 7  ? A GLU 2130 ? 1_555 118.3 ? 
9  O   ? A MET 5  ? A MET 2128 ? 1_555 CA ? B CA . ? A CA 2224 ? 1_555 OE2 ? A GLU 7  ? A GLU 2130 ? 1_555 69.3  ? 
10 OE1 ? A GLU 7  ? A GLU 2130 ? 1_555 CA ? B CA . ? A CA 2224 ? 1_555 OE2 ? A GLU 7  ? A GLU 2130 ? 1_555 48.7  ? 
11 OD1 ? A ASP 4  ? A ASP 2127 ? 1_555 CA ? B CA . ? A CA 2224 ? 1_555 OD1 ? A ASN 21 ? A ASN 2144 ? 1_555 99.9  ? 
12 OD2 ? A ASP 4  ? A ASP 2127 ? 1_555 CA ? B CA . ? A CA 2224 ? 1_555 OD1 ? A ASN 21 ? A ASN 2144 ? 1_555 79.1  ? 
13 O   ? A MET 5  ? A MET 2128 ? 1_555 CA ? B CA . ? A CA 2224 ? 1_555 OD1 ? A ASN 21 ? A ASN 2144 ? 1_555 101.3 ? 
14 OE1 ? A GLU 7  ? A GLU 2130 ? 1_555 CA ? B CA . ? A CA 2224 ? 1_555 OD1 ? A ASN 21 ? A ASN 2144 ? 1_555 114.6 ? 
15 OE2 ? A GLU 7  ? A GLU 2130 ? 1_555 CA ? B CA . ? A CA 2224 ? 1_555 OD1 ? A ASN 21 ? A ASN 2144 ? 1_555 162.5 ? 
16 OD1 ? A ASP 4  ? A ASP 2127 ? 1_555 CA ? B CA . ? A CA 2224 ? 1_555 ND2 ? A ASN 21 ? A ASN 2144 ? 1_555 131.3 ? 
17 OD2 ? A ASP 4  ? A ASP 2127 ? 1_555 CA ? B CA . ? A CA 2224 ? 1_555 ND2 ? A ASN 21 ? A ASN 2144 ? 1_555 128.0 ? 
18 O   ? A MET 5  ? A MET 2128 ? 1_555 CA ? B CA . ? A CA 2224 ? 1_555 ND2 ? A ASN 21 ? A ASN 2144 ? 1_555 72.3  ? 
19 OE1 ? A GLU 7  ? A GLU 2130 ? 1_555 CA ? B CA . ? A CA 2224 ? 1_555 ND2 ? A ASN 21 ? A ASN 2144 ? 1_555 67.0  ? 
20 OE2 ? A GLU 7  ? A GLU 2130 ? 1_555 CA ? B CA . ? A CA 2224 ? 1_555 ND2 ? A ASN 21 ? A ASN 2144 ? 1_555 112.9 ? 
21 OD1 ? A ASN 21 ? A ASN 2144 ? 1_555 CA ? B CA . ? A CA 2224 ? 1_555 ND2 ? A ASN 21 ? A ASN 2144 ? 1_555 49.6  ? 
22 OD1 ? A ASP 4  ? A ASP 2127 ? 1_555 CA ? B CA . ? A CA 2224 ? 1_555 O   ? A THR 22 ? A THR 2145 ? 1_555 94.8  ? 
23 OD2 ? A ASP 4  ? A ASP 2127 ? 1_555 CA ? B CA . ? A CA 2224 ? 1_555 O   ? A THR 22 ? A THR 2145 ? 1_555 61.2  ? 
24 O   ? A MET 5  ? A MET 2128 ? 1_555 CA ? B CA . ? A CA 2224 ? 1_555 O   ? A THR 22 ? A THR 2145 ? 1_555 168.5 ? 
25 OE1 ? A GLU 7  ? A GLU 2130 ? 1_555 CA ? B CA . ? A CA 2224 ? 1_555 O   ? A THR 22 ? A THR 2145 ? 1_555 108.9 ? 
26 OE2 ? A GLU 7  ? A GLU 2130 ? 1_555 CA ? B CA . ? A CA 2224 ? 1_555 O   ? A THR 22 ? A THR 2145 ? 1_555 100.6 ? 
27 OD1 ? A ASN 21 ? A ASN 2144 ? 1_555 CA ? B CA . ? A CA 2224 ? 1_555 O   ? A THR 22 ? A THR 2145 ? 1_555 89.8  ? 
28 ND2 ? A ASN 21 ? A ASN 2144 ? 1_555 CA ? B CA . ? A CA 2224 ? 1_555 O   ? A THR 22 ? A THR 2145 ? 1_555 117.8 ? 
29 OD2 ? A ASP 43 ? A ASP 2166 ? 1_555 CA ? C CA . ? A CA 2225 ? 1_555 O   ? A THR 44 ? A THR 2167 ? 1_555 91.5  ? 
30 OD2 ? A ASP 43 ? A ASP 2166 ? 1_555 CA ? C CA . ? A CA 2225 ? 1_555 OE1 ? A GLU 46 ? A GLU 2169 ? 1_555 110.6 ? 
31 O   ? A THR 44 ? A THR 2167 ? 1_555 CA ? C CA . ? A CA 2225 ? 1_555 OE1 ? A GLU 46 ? A GLU 2169 ? 1_555 69.1  ? 
32 OD2 ? A ASP 43 ? A ASP 2166 ? 1_555 CA ? C CA . ? A CA 2225 ? 1_555 OE2 ? A GLU 46 ? A GLU 2169 ? 1_555 87.9  ? 
33 O   ? A THR 44 ? A THR 2167 ? 1_555 CA ? C CA . ? A CA 2225 ? 1_555 OE2 ? A GLU 46 ? A GLU 2169 ? 1_555 112.8 ? 
34 OE1 ? A GLU 46 ? A GLU 2169 ? 1_555 CA ? C CA . ? A CA 2225 ? 1_555 OE2 ? A GLU 46 ? A GLU 2169 ? 1_555 49.2  ? 
35 OD2 ? A ASP 43 ? A ASP 2166 ? 1_555 CA ? C CA . ? A CA 2225 ? 1_555 OD1 ? A ASN 60 ? A ASN 2183 ? 1_555 118.1 ? 
36 O   ? A THR 44 ? A THR 2167 ? 1_555 CA ? C CA . ? A CA 2225 ? 1_555 OD1 ? A ASN 60 ? A ASN 2183 ? 1_555 61.9  ? 
37 OE1 ? A GLU 46 ? A GLU 2169 ? 1_555 CA ? C CA . ? A CA 2225 ? 1_555 OD1 ? A ASN 60 ? A ASN 2183 ? 1_555 109.2 ? 
38 OE2 ? A GLU 46 ? A GLU 2169 ? 1_555 CA ? C CA . ? A CA 2225 ? 1_555 OD1 ? A ASN 60 ? A ASN 2183 ? 1_555 152.8 ? 
39 OD2 ? A ASP 43 ? A ASP 2166 ? 1_555 CA ? C CA . ? A CA 2225 ? 1_555 O   ? A VAL 61 ? A VAL 2184 ? 1_555 53.0  ? 
40 O   ? A THR 44 ? A THR 2167 ? 1_555 CA ? C CA . ? A CA 2225 ? 1_555 O   ? A VAL 61 ? A VAL 2184 ? 1_555 110.6 ? 
41 OE1 ? A GLU 46 ? A GLU 2169 ? 1_555 CA ? C CA . ? A CA 2225 ? 1_555 O   ? A VAL 61 ? A VAL 2184 ? 1_555 163.4 ? 
42 OE2 ? A GLU 46 ? A GLU 2169 ? 1_555 CA ? C CA . ? A CA 2225 ? 1_555 O   ? A VAL 61 ? A VAL 2184 ? 1_555 121.0 ? 
43 OD1 ? A ASN 60 ? A ASN 2183 ? 1_555 CA ? C CA . ? A CA 2225 ? 1_555 O   ? A VAL 61 ? A VAL 2184 ? 1_555 83.8  ? 
44 OD2 ? A ASP 43 ? A ASP 2166 ? 1_555 CA ? C CA . ? A CA 2225 ? 1_555 O   ? A GLY 64 ? A GLY 2187 ? 1_555 101.3 ? 
45 O   ? A THR 44 ? A THR 2167 ? 1_555 CA ? C CA . ? A CA 2225 ? 1_555 O   ? A GLY 64 ? A GLY 2187 ? 1_555 160.6 ? 
46 OE1 ? A GLU 46 ? A GLU 2169 ? 1_555 CA ? C CA . ? A CA 2225 ? 1_555 O   ? A GLY 64 ? A GLY 2187 ? 1_555 92.6  ? 
47 OE2 ? A GLU 46 ? A GLU 2169 ? 1_555 CA ? C CA . ? A CA 2225 ? 1_555 O   ? A GLY 64 ? A GLY 2187 ? 1_555 53.9  ? 
48 OD1 ? A ASN 60 ? A ASN 2183 ? 1_555 CA ? C CA . ? A CA 2225 ? 1_555 O   ? A GLY 64 ? A GLY 2187 ? 1_555 122.0 ? 
49 O   ? A VAL 61 ? A VAL 2184 ? 1_555 CA ? C CA . ? A CA 2225 ? 1_555 O   ? A GLY 64 ? A GLY 2187 ? 1_555 88.8  ? 
# 
loop_
_pdbx_modification_feature.ordinal 
_pdbx_modification_feature.label_comp_id 
_pdbx_modification_feature.label_asym_id 
_pdbx_modification_feature.label_seq_id 
_pdbx_modification_feature.label_alt_id 
_pdbx_modification_feature.modified_residue_label_comp_id 
_pdbx_modification_feature.modified_residue_label_asym_id 
_pdbx_modification_feature.modified_residue_label_seq_id 
_pdbx_modification_feature.modified_residue_label_alt_id 
_pdbx_modification_feature.auth_comp_id 
_pdbx_modification_feature.auth_asym_id 
_pdbx_modification_feature.auth_seq_id 
_pdbx_modification_feature.PDB_ins_code 
_pdbx_modification_feature.symmetry 
_pdbx_modification_feature.modified_residue_auth_comp_id 
_pdbx_modification_feature.modified_residue_auth_asym_id 
_pdbx_modification_feature.modified_residue_auth_seq_id 
_pdbx_modification_feature.modified_residue_PDB_ins_code 
_pdbx_modification_feature.modified_residue_symmetry 
_pdbx_modification_feature.comp_id_linking_atom 
_pdbx_modification_feature.modified_residue_id_linking_atom 
_pdbx_modification_feature.modified_residue_id 
_pdbx_modification_feature.ref_pcm_id 
_pdbx_modification_feature.ref_comp_id 
_pdbx_modification_feature.type 
_pdbx_modification_feature.category 
1 CYS A 8  ? CYS A 19 ? CYS A 2131 ? 1_555 CYS A 2142 ? 1_555 SG SG . . . None 'Disulfide bridge' 
2 CYS A 14 ? CYS A 28 ? CYS A 2137 ? 1_555 CYS A 2151 ? 1_555 SG SG . . . None 'Disulfide bridge' 
3 CYS A 30 ? CYS A 41 ? CYS A 2153 ? 1_555 CYS A 2164 ? 1_555 SG SG . . . None 'Disulfide bridge' 
4 CYS A 47 ? CYS A 58 ? CYS A 2170 ? 1_555 CYS A 2181 ? 1_555 SG SG . . . None 'Disulfide bridge' 
5 CYS A 53 ? CYS A 67 ? CYS A 2176 ? 1_555 CYS A 2190 ? 1_555 SG SG . . . None 'Disulfide bridge' 
6 CYS A 69 ? CYS A 81 ? CYS A 2192 ? 1_555 CYS A 2204 ? 1_555 SG SG . . . None 'Disulfide bridge' 
# 
loop_
_struct_sheet.id 
_struct_sheet.type 
_struct_sheet.number_strands 
_struct_sheet.details 
S1 ? 2 ? 
S2 ? 2 ? 
S3 ? 2 ? 
# 
loop_
_struct_sheet_order.sheet_id 
_struct_sheet_order.range_id_1 
_struct_sheet_order.range_id_2 
_struct_sheet_order.offset 
_struct_sheet_order.sense 
S1 1 2 ? anti-parallel 
S2 1 2 ? anti-parallel 
S3 1 2 ? anti-parallel 
# 
loop_
_struct_sheet_range.sheet_id 
_struct_sheet_range.id 
_struct_sheet_range.beg_label_comp_id 
_struct_sheet_range.beg_label_asym_id 
_struct_sheet_range.beg_label_seq_id 
_struct_sheet_range.pdbx_beg_PDB_ins_code 
_struct_sheet_range.end_label_comp_id 
_struct_sheet_range.end_label_asym_id 
_struct_sheet_range.end_label_seq_id 
_struct_sheet_range.pdbx_end_PDB_ins_code 
_struct_sheet_range.beg_auth_comp_id 
_struct_sheet_range.beg_auth_asym_id 
_struct_sheet_range.beg_auth_seq_id 
_struct_sheet_range.end_auth_comp_id 
_struct_sheet_range.end_auth_asym_id 
_struct_sheet_range.end_auth_seq_id 
S1 1 GLN A 18 ? CYS A 19 ? GLN A 2141 CYS A 2142 
S1 2 CYS A 28 ? GLU A 29 ? CYS A 2151 GLU A 2152 
S2 1 TYR A 34 ? ALA A 37 ? TYR A 2157 ALA A 2160 
S2 2 GLU A 40 ? ASP A 43 ? GLU A 2163 ASP A 2166 
S3 1 CYS A 58 ? ASN A 60 ? CYS A 2181 ASN A 2183 
S3 2 PHE A 65 ? CYS A 67 ? PHE A 2188 CYS A 2190 
# 
loop_
_pdbx_struct_sheet_hbond.sheet_id 
_pdbx_struct_sheet_hbond.range_id_1 
_pdbx_struct_sheet_hbond.range_id_2 
_pdbx_struct_sheet_hbond.range_1_label_atom_id 
_pdbx_struct_sheet_hbond.range_1_label_comp_id 
_pdbx_struct_sheet_hbond.range_1_label_asym_id 
_pdbx_struct_sheet_hbond.range_1_label_seq_id 
_pdbx_struct_sheet_hbond.range_1_PDB_ins_code 
_pdbx_struct_sheet_hbond.range_1_auth_atom_id 
_pdbx_struct_sheet_hbond.range_1_auth_comp_id 
_pdbx_struct_sheet_hbond.range_1_auth_asym_id 
_pdbx_struct_sheet_hbond.range_1_auth_seq_id 
_pdbx_struct_sheet_hbond.range_2_label_atom_id 
_pdbx_struct_sheet_hbond.range_2_label_comp_id 
_pdbx_struct_sheet_hbond.range_2_label_asym_id 
_pdbx_struct_sheet_hbond.range_2_label_seq_id 
_pdbx_struct_sheet_hbond.range_2_PDB_ins_code 
_pdbx_struct_sheet_hbond.range_2_auth_atom_id 
_pdbx_struct_sheet_hbond.range_2_auth_comp_id 
_pdbx_struct_sheet_hbond.range_2_auth_asym_id 
_pdbx_struct_sheet_hbond.range_2_auth_seq_id 
S1 1 2 O GLN A 18 ? O GLN A 2141 N GLU A 29 ? N GLU A 2152 
S2 1 2 N ILE A 35 ? N ILE A 2158 O VAL A 42 ? O VAL A 2165 
S3 1 2 N LYS A 59 ? N LYS A 2182 O GLU A 66 ? O GLU A 2189 
# 
loop_
_struct_site.id 
_struct_site.pdbx_evidence_code 
_struct_site.pdbx_auth_asym_id 
_struct_site.pdbx_auth_comp_id 
_struct_site.pdbx_auth_seq_id 
_struct_site.pdbx_auth_ins_code 
_struct_site.pdbx_num_residues 
_struct_site.details 
CA1 Unknown  ? ?  ?    ? 6 'CALCIUM BINDING SITE FOR EGF-LIKE DOMAIN 32.' 
CA2 Unknown  ? ?  ?    ? 6 'CALCIUM BINDING SITE FOR EGF-LIKE DOMAIN 33.' 
AC1 Software A CA 2224 ? 7 'BINDING SITE FOR RESIDUE CA A 2224'           
AC2 Software A CA 2225 ? 6 'BINDING SITE FOR RESIDUE CA A 2225'           
# 
loop_
_struct_site_gen.id 
_struct_site_gen.site_id 
_struct_site_gen.pdbx_num_res 
_struct_site_gen.label_comp_id 
_struct_site_gen.label_asym_id 
_struct_site_gen.label_seq_id 
_struct_site_gen.pdbx_auth_ins_code 
_struct_site_gen.auth_comp_id 
_struct_site_gen.auth_asym_id 
_struct_site_gen.auth_seq_id 
_struct_site_gen.label_atom_id 
_struct_site_gen.label_alt_id 
_struct_site_gen.symmetry 
_struct_site_gen.details 
1  CA1 6 ASP A 4  ? ASP A 2127 . ? 1_555 ? 
2  CA1 6 ASP A 6  ? ASP A 2129 . ? 1_555 ? 
3  CA1 6 GLU A 7  ? GLU A 2130 . ? 1_555 ? 
4  CA1 6 ASN A 21 ? ASN A 2144 . ? 1_555 ? 
5  CA1 6 TYR A 26 ? TYR A 2149 . ? 1_555 ? 
6  CA1 6 CA  B .  ? CA  A 2224 . ? 1_555 ? 
7  CA2 6 ASP A 43 ? ASP A 2166 . ? 1_555 ? 
8  CA2 6 ASP A 45 ? ASP A 2168 . ? 1_555 ? 
9  CA2 6 GLU A 46 ? GLU A 2169 . ? 1_555 ? 
10 CA2 6 ASN A 60 ? ASN A 2183 . ? 1_555 ? 
11 CA2 6 PHE A 65 ? PHE A 2188 . ? 1_555 ? 
12 CA2 6 CA  C .  ? CA  A 2225 . ? 1_555 ? 
13 AC1 7 ASP A 4  ? ASP A 2127 . ? 1_555 ? 
14 AC1 7 MET A 5  ? MET A 2128 . ? 1_555 ? 
15 AC1 7 GLU A 7  ? GLU A 2130 . ? 1_555 ? 
16 AC1 7 ASN A 21 ? ASN A 2144 . ? 1_555 ? 
17 AC1 7 THR A 22 ? THR A 2145 . ? 1_555 ? 
18 AC1 7 ASP A 23 ? ASP A 2146 . ? 1_555 ? 
19 AC1 7 SER A 25 ? SER A 2148 . ? 1_555 ? 
20 AC2 6 ASP A 43 ? ASP A 2166 . ? 1_555 ? 
21 AC2 6 THR A 44 ? THR A 2167 . ? 1_555 ? 
22 AC2 6 GLU A 46 ? GLU A 2169 . ? 1_555 ? 
23 AC2 6 ASN A 60 ? ASN A 2183 . ? 1_555 ? 
24 AC2 6 VAL A 61 ? VAL A 2184 . ? 1_555 ? 
25 AC2 6 GLY A 64 ? GLY A 2187 . ? 1_555 ? 
# 
_pdbx_entry_details.entry_id                   1EMN 
_pdbx_entry_details.compound_details           ? 
_pdbx_entry_details.source_details             ? 
_pdbx_entry_details.nonpolymer_details         ? 
_pdbx_entry_details.sequence_details           ? 
_pdbx_entry_details.has_ligand_of_interest     ? 
_pdbx_entry_details.has_protein_modification   Y 
# 
loop_
_pdbx_validate_torsion.id 
_pdbx_validate_torsion.PDB_model_num 
_pdbx_validate_torsion.auth_comp_id 
_pdbx_validate_torsion.auth_asym_id 
_pdbx_validate_torsion.auth_seq_id 
_pdbx_validate_torsion.PDB_ins_code 
_pdbx_validate_torsion.label_alt_id 
_pdbx_validate_torsion.phi 
_pdbx_validate_torsion.psi 
1  1 ALA A 2125 ? ? 95.97   38.86   
2  1 VAL A 2126 ? ? -51.61  107.61  
3  1 ASP A 2127 ? ? -43.92  106.68  
4  1 MET A 2128 ? ? -35.17  121.94  
5  1 GLU A 2130 ? ? 79.52   -41.87  
6  1 VAL A 2136 ? ? -114.40 -105.44 
7  1 CYS A 2137 ? ? -63.31  -87.75  
8  1 LYS A 2138 ? ? 76.43   93.13   
9  1 HIS A 2139 ? ? 72.49   54.25   
10 1 ASP A 2146 ? ? -50.29  -80.39  
11 1 SER A 2148 ? ? -169.39 -161.40 
12 1 PRO A 2154 ? ? -63.50  -168.03 
13 1 ALA A 2160 ? ? -100.36 56.65   
14 1 ASN A 2162 ? ? 166.79  -53.91  
15 1 VAL A 2172 ? ? -90.27  -73.52  
16 1 ASN A 2174 ? ? -38.87  99.83   
17 1 ASN A 2178 ? ? -154.31 -36.46  
18 1 CYS A 2192 ? ? -49.16  -176.37 
19 1 GLU A 2194 ? ? -19.85  128.20  
20 1 PHE A 2196 ? ? -119.79 -164.45 
21 1 PRO A 2198 ? ? -66.78  -160.04 
22 1 PRO A 2200 ? ? -62.45  -80.22  
23 1 MET A 2202 ? ? -118.74 -76.02  
24 1 THR A 2203 ? ? -174.07 -166.86 
# 
_pdbx_validate_planes.id              1 
_pdbx_validate_planes.PDB_model_num   1 
_pdbx_validate_planes.auth_comp_id    ARG 
_pdbx_validate_planes.auth_asym_id    A 
_pdbx_validate_planes.auth_seq_id     2150 
_pdbx_validate_planes.PDB_ins_code    ? 
_pdbx_validate_planes.label_alt_id    ? 
_pdbx_validate_planes.rmsd            0.267 
_pdbx_validate_planes.type            'SIDE CHAIN' 
# 
_pdbx_nmr_ensemble.entry_id                             1EMN 
_pdbx_nmr_ensemble.conformers_calculated_total_number   200 
_pdbx_nmr_ensemble.conformers_submitted_total_number    1 
_pdbx_nmr_ensemble.conformer_selection_criteria         'F(NOE) < 165 KJ MOL-1 TORSION ANGLE CONSTRAINTS VIOLATED BY > 3 DEGREES' 
# 
_pdbx_nmr_representative.conformer_id         1 
_pdbx_nmr_representative.entry_id             1EMN 
_pdbx_nmr_representative.selection_criteria   ? 
# 
_pdbx_nmr_exptl_sample_conditions.conditions_id          1 
_pdbx_nmr_exptl_sample_conditions.temperature            308 
_pdbx_nmr_exptl_sample_conditions.pressure               ? 
_pdbx_nmr_exptl_sample_conditions.pH                     6.5 
_pdbx_nmr_exptl_sample_conditions.ionic_strength         ? 
_pdbx_nmr_exptl_sample_conditions.pressure_units         ? 
_pdbx_nmr_exptl_sample_conditions.temperature_units      K 
_pdbx_nmr_exptl_sample_conditions.label                  ? 
_pdbx_nmr_exptl_sample_conditions.pH_units               ? 
_pdbx_nmr_exptl_sample_conditions.ionic_strength_units   ? 
# 
loop_
_pdbx_nmr_exptl.experiment_id 
_pdbx_nmr_exptl.conditions_id 
_pdbx_nmr_exptl.type 
_pdbx_nmr_exptl.solution_id 
1 1 1H-NOESY 1 
2 1 COSY     1 
3 1 TOCSY    1 
# 
_pdbx_nmr_refine.entry_id           1EMN 
_pdbx_nmr_refine.method             'simulated annealing' 
_pdbx_nmr_refine.details            ? 
_pdbx_nmr_refine.software_ordinal   1 
# 
loop_
_pdbx_nmr_software.classification 
_pdbx_nmr_software.name 
_pdbx_nmr_software.version 
_pdbx_nmr_software.authors 
_pdbx_nmr_software.ordinal 
refinement              X-PLOR 3.1 BRUNGER 1 
'structure calculation' X-PLOR 3.1 BRUNGER 2 
# 
loop_
_chem_comp_atom.comp_id 
_chem_comp_atom.atom_id 
_chem_comp_atom.type_symbol 
_chem_comp_atom.pdbx_aromatic_flag 
_chem_comp_atom.pdbx_stereo_config 
_chem_comp_atom.pdbx_ordinal 
ALA N    N  N N 1   
ALA CA   C  N S 2   
ALA C    C  N N 3   
ALA O    O  N N 4   
ALA CB   C  N N 5   
ALA OXT  O  N N 6   
ALA H    H  N N 7   
ALA H2   H  N N 8   
ALA HA   H  N N 9   
ALA HB1  H  N N 10  
ALA HB2  H  N N 11  
ALA HB3  H  N N 12  
ALA HXT  H  N N 13  
ARG N    N  N N 14  
ARG CA   C  N S 15  
ARG C    C  N N 16  
ARG O    O  N N 17  
ARG CB   C  N N 18  
ARG CG   C  N N 19  
ARG CD   C  N N 20  
ARG NE   N  N N 21  
ARG CZ   C  N N 22  
ARG NH1  N  N N 23  
ARG NH2  N  N N 24  
ARG OXT  O  N N 25  
ARG H    H  N N 26  
ARG H2   H  N N 27  
ARG HA   H  N N 28  
ARG HB2  H  N N 29  
ARG HB3  H  N N 30  
ARG HG2  H  N N 31  
ARG HG3  H  N N 32  
ARG HD2  H  N N 33  
ARG HD3  H  N N 34  
ARG HE   H  N N 35  
ARG HH11 H  N N 36  
ARG HH12 H  N N 37  
ARG HH21 H  N N 38  
ARG HH22 H  N N 39  
ARG HXT  H  N N 40  
ASN N    N  N N 41  
ASN CA   C  N S 42  
ASN C    C  N N 43  
ASN O    O  N N 44  
ASN CB   C  N N 45  
ASN CG   C  N N 46  
ASN OD1  O  N N 47  
ASN ND2  N  N N 48  
ASN OXT  O  N N 49  
ASN H    H  N N 50  
ASN H2   H  N N 51  
ASN HA   H  N N 52  
ASN HB2  H  N N 53  
ASN HB3  H  N N 54  
ASN HD21 H  N N 55  
ASN HD22 H  N N 56  
ASN HXT  H  N N 57  
ASP N    N  N N 58  
ASP CA   C  N S 59  
ASP C    C  N N 60  
ASP O    O  N N 61  
ASP CB   C  N N 62  
ASP CG   C  N N 63  
ASP OD1  O  N N 64  
ASP OD2  O  N N 65  
ASP OXT  O  N N 66  
ASP H    H  N N 67  
ASP H2   H  N N 68  
ASP HA   H  N N 69  
ASP HB2  H  N N 70  
ASP HB3  H  N N 71  
ASP HD2  H  N N 72  
ASP HXT  H  N N 73  
CA  CA   CA N N 74  
CYS N    N  N N 75  
CYS CA   C  N R 76  
CYS C    C  N N 77  
CYS O    O  N N 78  
CYS CB   C  N N 79  
CYS SG   S  N N 80  
CYS OXT  O  N N 81  
CYS H    H  N N 82  
CYS H2   H  N N 83  
CYS HA   H  N N 84  
CYS HB2  H  N N 85  
CYS HB3  H  N N 86  
CYS HG   H  N N 87  
CYS HXT  H  N N 88  
GLN N    N  N N 89  
GLN CA   C  N S 90  
GLN C    C  N N 91  
GLN O    O  N N 92  
GLN CB   C  N N 93  
GLN CG   C  N N 94  
GLN CD   C  N N 95  
GLN OE1  O  N N 96  
GLN NE2  N  N N 97  
GLN OXT  O  N N 98  
GLN H    H  N N 99  
GLN H2   H  N N 100 
GLN HA   H  N N 101 
GLN HB2  H  N N 102 
GLN HB3  H  N N 103 
GLN HG2  H  N N 104 
GLN HG3  H  N N 105 
GLN HE21 H  N N 106 
GLN HE22 H  N N 107 
GLN HXT  H  N N 108 
GLU N    N  N N 109 
GLU CA   C  N S 110 
GLU C    C  N N 111 
GLU O    O  N N 112 
GLU CB   C  N N 113 
GLU CG   C  N N 114 
GLU CD   C  N N 115 
GLU OE1  O  N N 116 
GLU OE2  O  N N 117 
GLU OXT  O  N N 118 
GLU H    H  N N 119 
GLU H2   H  N N 120 
GLU HA   H  N N 121 
GLU HB2  H  N N 122 
GLU HB3  H  N N 123 
GLU HG2  H  N N 124 
GLU HG3  H  N N 125 
GLU HE2  H  N N 126 
GLU HXT  H  N N 127 
GLY N    N  N N 128 
GLY CA   C  N N 129 
GLY C    C  N N 130 
GLY O    O  N N 131 
GLY OXT  O  N N 132 
GLY H    H  N N 133 
GLY H2   H  N N 134 
GLY HA2  H  N N 135 
GLY HA3  H  N N 136 
GLY HXT  H  N N 137 
HIS N    N  N N 138 
HIS CA   C  N S 139 
HIS C    C  N N 140 
HIS O    O  N N 141 
HIS CB   C  N N 142 
HIS CG   C  Y N 143 
HIS ND1  N  Y N 144 
HIS CD2  C  Y N 145 
HIS CE1  C  Y N 146 
HIS NE2  N  Y N 147 
HIS OXT  O  N N 148 
HIS H    H  N N 149 
HIS H2   H  N N 150 
HIS HA   H  N N 151 
HIS HB2  H  N N 152 
HIS HB3  H  N N 153 
HIS HD1  H  N N 154 
HIS HD2  H  N N 155 
HIS HE1  H  N N 156 
HIS HE2  H  N N 157 
HIS HXT  H  N N 158 
ILE N    N  N N 159 
ILE CA   C  N S 160 
ILE C    C  N N 161 
ILE O    O  N N 162 
ILE CB   C  N S 163 
ILE CG1  C  N N 164 
ILE CG2  C  N N 165 
ILE CD1  C  N N 166 
ILE OXT  O  N N 167 
ILE H    H  N N 168 
ILE H2   H  N N 169 
ILE HA   H  N N 170 
ILE HB   H  N N 171 
ILE HG12 H  N N 172 
ILE HG13 H  N N 173 
ILE HG21 H  N N 174 
ILE HG22 H  N N 175 
ILE HG23 H  N N 176 
ILE HD11 H  N N 177 
ILE HD12 H  N N 178 
ILE HD13 H  N N 179 
ILE HXT  H  N N 180 
LEU N    N  N N 181 
LEU CA   C  N S 182 
LEU C    C  N N 183 
LEU O    O  N N 184 
LEU CB   C  N N 185 
LEU CG   C  N N 186 
LEU CD1  C  N N 187 
LEU CD2  C  N N 188 
LEU OXT  O  N N 189 
LEU H    H  N N 190 
LEU H2   H  N N 191 
LEU HA   H  N N 192 
LEU HB2  H  N N 193 
LEU HB3  H  N N 194 
LEU HG   H  N N 195 
LEU HD11 H  N N 196 
LEU HD12 H  N N 197 
LEU HD13 H  N N 198 
LEU HD21 H  N N 199 
LEU HD22 H  N N 200 
LEU HD23 H  N N 201 
LEU HXT  H  N N 202 
LYS N    N  N N 203 
LYS CA   C  N S 204 
LYS C    C  N N 205 
LYS O    O  N N 206 
LYS CB   C  N N 207 
LYS CG   C  N N 208 
LYS CD   C  N N 209 
LYS CE   C  N N 210 
LYS NZ   N  N N 211 
LYS OXT  O  N N 212 
LYS H    H  N N 213 
LYS H2   H  N N 214 
LYS HA   H  N N 215 
LYS HB2  H  N N 216 
LYS HB3  H  N N 217 
LYS HG2  H  N N 218 
LYS HG3  H  N N 219 
LYS HD2  H  N N 220 
LYS HD3  H  N N 221 
LYS HE2  H  N N 222 
LYS HE3  H  N N 223 
LYS HZ1  H  N N 224 
LYS HZ2  H  N N 225 
LYS HZ3  H  N N 226 
LYS HXT  H  N N 227 
MET N    N  N N 228 
MET CA   C  N S 229 
MET C    C  N N 230 
MET O    O  N N 231 
MET CB   C  N N 232 
MET CG   C  N N 233 
MET SD   S  N N 234 
MET CE   C  N N 235 
MET OXT  O  N N 236 
MET H    H  N N 237 
MET H2   H  N N 238 
MET HA   H  N N 239 
MET HB2  H  N N 240 
MET HB3  H  N N 241 
MET HG2  H  N N 242 
MET HG3  H  N N 243 
MET HE1  H  N N 244 
MET HE2  H  N N 245 
MET HE3  H  N N 246 
MET HXT  H  N N 247 
PHE N    N  N N 248 
PHE CA   C  N S 249 
PHE C    C  N N 250 
PHE O    O  N N 251 
PHE CB   C  N N 252 
PHE CG   C  Y N 253 
PHE CD1  C  Y N 254 
PHE CD2  C  Y N 255 
PHE CE1  C  Y N 256 
PHE CE2  C  Y N 257 
PHE CZ   C  Y N 258 
PHE OXT  O  N N 259 
PHE H    H  N N 260 
PHE H2   H  N N 261 
PHE HA   H  N N 262 
PHE HB2  H  N N 263 
PHE HB3  H  N N 264 
PHE HD1  H  N N 265 
PHE HD2  H  N N 266 
PHE HE1  H  N N 267 
PHE HE2  H  N N 268 
PHE HZ   H  N N 269 
PHE HXT  H  N N 270 
PRO N    N  N N 271 
PRO CA   C  N S 272 
PRO C    C  N N 273 
PRO O    O  N N 274 
PRO CB   C  N N 275 
PRO CG   C  N N 276 
PRO CD   C  N N 277 
PRO OXT  O  N N 278 
PRO H    H  N N 279 
PRO HA   H  N N 280 
PRO HB2  H  N N 281 
PRO HB3  H  N N 282 
PRO HG2  H  N N 283 
PRO HG3  H  N N 284 
PRO HD2  H  N N 285 
PRO HD3  H  N N 286 
PRO HXT  H  N N 287 
SER N    N  N N 288 
SER CA   C  N S 289 
SER C    C  N N 290 
SER O    O  N N 291 
SER CB   C  N N 292 
SER OG   O  N N 293 
SER OXT  O  N N 294 
SER H    H  N N 295 
SER H2   H  N N 296 
SER HA   H  N N 297 
SER HB2  H  N N 298 
SER HB3  H  N N 299 
SER HG   H  N N 300 
SER HXT  H  N N 301 
THR N    N  N N 302 
THR CA   C  N S 303 
THR C    C  N N 304 
THR O    O  N N 305 
THR CB   C  N R 306 
THR OG1  O  N N 307 
THR CG2  C  N N 308 
THR OXT  O  N N 309 
THR H    H  N N 310 
THR H2   H  N N 311 
THR HA   H  N N 312 
THR HB   H  N N 313 
THR HG1  H  N N 314 
THR HG21 H  N N 315 
THR HG22 H  N N 316 
THR HG23 H  N N 317 
THR HXT  H  N N 318 
TYR N    N  N N 319 
TYR CA   C  N S 320 
TYR C    C  N N 321 
TYR O    O  N N 322 
TYR CB   C  N N 323 
TYR CG   C  Y N 324 
TYR CD1  C  Y N 325 
TYR CD2  C  Y N 326 
TYR CE1  C  Y N 327 
TYR CE2  C  Y N 328 
TYR CZ   C  Y N 329 
TYR OH   O  N N 330 
TYR OXT  O  N N 331 
TYR H    H  N N 332 
TYR H2   H  N N 333 
TYR HA   H  N N 334 
TYR HB2  H  N N 335 
TYR HB3  H  N N 336 
TYR HD1  H  N N 337 
TYR HD2  H  N N 338 
TYR HE1  H  N N 339 
TYR HE2  H  N N 340 
TYR HH   H  N N 341 
TYR HXT  H  N N 342 
VAL N    N  N N 343 
VAL CA   C  N S 344 
VAL C    C  N N 345 
VAL O    O  N N 346 
VAL CB   C  N N 347 
VAL CG1  C  N N 348 
VAL CG2  C  N N 349 
VAL OXT  O  N N 350 
VAL H    H  N N 351 
VAL H2   H  N N 352 
VAL HA   H  N N 353 
VAL HB   H  N N 354 
VAL HG11 H  N N 355 
VAL HG12 H  N N 356 
VAL HG13 H  N N 357 
VAL HG21 H  N N 358 
VAL HG22 H  N N 359 
VAL HG23 H  N N 360 
VAL HXT  H  N N 361 
# 
loop_
_chem_comp_bond.comp_id 
_chem_comp_bond.atom_id_1 
_chem_comp_bond.atom_id_2 
_chem_comp_bond.value_order 
_chem_comp_bond.pdbx_aromatic_flag 
_chem_comp_bond.pdbx_stereo_config 
_chem_comp_bond.pdbx_ordinal 
ALA N   CA   sing N N 1   
ALA N   H    sing N N 2   
ALA N   H2   sing N N 3   
ALA CA  C    sing N N 4   
ALA CA  CB   sing N N 5   
ALA CA  HA   sing N N 6   
ALA C   O    doub N N 7   
ALA C   OXT  sing N N 8   
ALA CB  HB1  sing N N 9   
ALA CB  HB2  sing N N 10  
ALA CB  HB3  sing N N 11  
ALA OXT HXT  sing N N 12  
ARG N   CA   sing N N 13  
ARG N   H    sing N N 14  
ARG N   H2   sing N N 15  
ARG CA  C    sing N N 16  
ARG CA  CB   sing N N 17  
ARG CA  HA   sing N N 18  
ARG C   O    doub N N 19  
ARG C   OXT  sing N N 20  
ARG CB  CG   sing N N 21  
ARG CB  HB2  sing N N 22  
ARG CB  HB3  sing N N 23  
ARG CG  CD   sing N N 24  
ARG CG  HG2  sing N N 25  
ARG CG  HG3  sing N N 26  
ARG CD  NE   sing N N 27  
ARG CD  HD2  sing N N 28  
ARG CD  HD3  sing N N 29  
ARG NE  CZ   sing N N 30  
ARG NE  HE   sing N N 31  
ARG CZ  NH1  sing N N 32  
ARG CZ  NH2  doub N N 33  
ARG NH1 HH11 sing N N 34  
ARG NH1 HH12 sing N N 35  
ARG NH2 HH21 sing N N 36  
ARG NH2 HH22 sing N N 37  
ARG OXT HXT  sing N N 38  
ASN N   CA   sing N N 39  
ASN N   H    sing N N 40  
ASN N   H2   sing N N 41  
ASN CA  C    sing N N 42  
ASN CA  CB   sing N N 43  
ASN CA  HA   sing N N 44  
ASN C   O    doub N N 45  
ASN C   OXT  sing N N 46  
ASN CB  CG   sing N N 47  
ASN CB  HB2  sing N N 48  
ASN CB  HB3  sing N N 49  
ASN CG  OD1  doub N N 50  
ASN CG  ND2  sing N N 51  
ASN ND2 HD21 sing N N 52  
ASN ND2 HD22 sing N N 53  
ASN OXT HXT  sing N N 54  
ASP N   CA   sing N N 55  
ASP N   H    sing N N 56  
ASP N   H2   sing N N 57  
ASP CA  C    sing N N 58  
ASP CA  CB   sing N N 59  
ASP CA  HA   sing N N 60  
ASP C   O    doub N N 61  
ASP C   OXT  sing N N 62  
ASP CB  CG   sing N N 63  
ASP CB  HB2  sing N N 64  
ASP CB  HB3  sing N N 65  
ASP CG  OD1  doub N N 66  
ASP CG  OD2  sing N N 67  
ASP OD2 HD2  sing N N 68  
ASP OXT HXT  sing N N 69  
CYS N   CA   sing N N 70  
CYS N   H    sing N N 71  
CYS N   H2   sing N N 72  
CYS CA  C    sing N N 73  
CYS CA  CB   sing N N 74  
CYS CA  HA   sing N N 75  
CYS C   O    doub N N 76  
CYS C   OXT  sing N N 77  
CYS CB  SG   sing N N 78  
CYS CB  HB2  sing N N 79  
CYS CB  HB3  sing N N 80  
CYS SG  HG   sing N N 81  
CYS OXT HXT  sing N N 82  
GLN N   CA   sing N N 83  
GLN N   H    sing N N 84  
GLN N   H2   sing N N 85  
GLN CA  C    sing N N 86  
GLN CA  CB   sing N N 87  
GLN CA  HA   sing N N 88  
GLN C   O    doub N N 89  
GLN C   OXT  sing N N 90  
GLN CB  CG   sing N N 91  
GLN CB  HB2  sing N N 92  
GLN CB  HB3  sing N N 93  
GLN CG  CD   sing N N 94  
GLN CG  HG2  sing N N 95  
GLN CG  HG3  sing N N 96  
GLN CD  OE1  doub N N 97  
GLN CD  NE2  sing N N 98  
GLN NE2 HE21 sing N N 99  
GLN NE2 HE22 sing N N 100 
GLN OXT HXT  sing N N 101 
GLU N   CA   sing N N 102 
GLU N   H    sing N N 103 
GLU N   H2   sing N N 104 
GLU CA  C    sing N N 105 
GLU CA  CB   sing N N 106 
GLU CA  HA   sing N N 107 
GLU C   O    doub N N 108 
GLU C   OXT  sing N N 109 
GLU CB  CG   sing N N 110 
GLU CB  HB2  sing N N 111 
GLU CB  HB3  sing N N 112 
GLU CG  CD   sing N N 113 
GLU CG  HG2  sing N N 114 
GLU CG  HG3  sing N N 115 
GLU CD  OE1  doub N N 116 
GLU CD  OE2  sing N N 117 
GLU OE2 HE2  sing N N 118 
GLU OXT HXT  sing N N 119 
GLY N   CA   sing N N 120 
GLY N   H    sing N N 121 
GLY N   H2   sing N N 122 
GLY CA  C    sing N N 123 
GLY CA  HA2  sing N N 124 
GLY CA  HA3  sing N N 125 
GLY C   O    doub N N 126 
GLY C   OXT  sing N N 127 
GLY OXT HXT  sing N N 128 
HIS N   CA   sing N N 129 
HIS N   H    sing N N 130 
HIS N   H2   sing N N 131 
HIS CA  C    sing N N 132 
HIS CA  CB   sing N N 133 
HIS CA  HA   sing N N 134 
HIS C   O    doub N N 135 
HIS C   OXT  sing N N 136 
HIS CB  CG   sing N N 137 
HIS CB  HB2  sing N N 138 
HIS CB  HB3  sing N N 139 
HIS CG  ND1  sing Y N 140 
HIS CG  CD2  doub Y N 141 
HIS ND1 CE1  doub Y N 142 
HIS ND1 HD1  sing N N 143 
HIS CD2 NE2  sing Y N 144 
HIS CD2 HD2  sing N N 145 
HIS CE1 NE2  sing Y N 146 
HIS CE1 HE1  sing N N 147 
HIS NE2 HE2  sing N N 148 
HIS OXT HXT  sing N N 149 
ILE N   CA   sing N N 150 
ILE N   H    sing N N 151 
ILE N   H2   sing N N 152 
ILE CA  C    sing N N 153 
ILE CA  CB   sing N N 154 
ILE CA  HA   sing N N 155 
ILE C   O    doub N N 156 
ILE C   OXT  sing N N 157 
ILE CB  CG1  sing N N 158 
ILE CB  CG2  sing N N 159 
ILE CB  HB   sing N N 160 
ILE CG1 CD1  sing N N 161 
ILE CG1 HG12 sing N N 162 
ILE CG1 HG13 sing N N 163 
ILE CG2 HG21 sing N N 164 
ILE CG2 HG22 sing N N 165 
ILE CG2 HG23 sing N N 166 
ILE CD1 HD11 sing N N 167 
ILE CD1 HD12 sing N N 168 
ILE CD1 HD13 sing N N 169 
ILE OXT HXT  sing N N 170 
LEU N   CA   sing N N 171 
LEU N   H    sing N N 172 
LEU N   H2   sing N N 173 
LEU CA  C    sing N N 174 
LEU CA  CB   sing N N 175 
LEU CA  HA   sing N N 176 
LEU C   O    doub N N 177 
LEU C   OXT  sing N N 178 
LEU CB  CG   sing N N 179 
LEU CB  HB2  sing N N 180 
LEU CB  HB3  sing N N 181 
LEU CG  CD1  sing N N 182 
LEU CG  CD2  sing N N 183 
LEU CG  HG   sing N N 184 
LEU CD1 HD11 sing N N 185 
LEU CD1 HD12 sing N N 186 
LEU CD1 HD13 sing N N 187 
LEU CD2 HD21 sing N N 188 
LEU CD2 HD22 sing N N 189 
LEU CD2 HD23 sing N N 190 
LEU OXT HXT  sing N N 191 
LYS N   CA   sing N N 192 
LYS N   H    sing N N 193 
LYS N   H2   sing N N 194 
LYS CA  C    sing N N 195 
LYS CA  CB   sing N N 196 
LYS CA  HA   sing N N 197 
LYS C   O    doub N N 198 
LYS C   OXT  sing N N 199 
LYS CB  CG   sing N N 200 
LYS CB  HB2  sing N N 201 
LYS CB  HB3  sing N N 202 
LYS CG  CD   sing N N 203 
LYS CG  HG2  sing N N 204 
LYS CG  HG3  sing N N 205 
LYS CD  CE   sing N N 206 
LYS CD  HD2  sing N N 207 
LYS CD  HD3  sing N N 208 
LYS CE  NZ   sing N N 209 
LYS CE  HE2  sing N N 210 
LYS CE  HE3  sing N N 211 
LYS NZ  HZ1  sing N N 212 
LYS NZ  HZ2  sing N N 213 
LYS NZ  HZ3  sing N N 214 
LYS OXT HXT  sing N N 215 
MET N   CA   sing N N 216 
MET N   H    sing N N 217 
MET N   H2   sing N N 218 
MET CA  C    sing N N 219 
MET CA  CB   sing N N 220 
MET CA  HA   sing N N 221 
MET C   O    doub N N 222 
MET C   OXT  sing N N 223 
MET CB  CG   sing N N 224 
MET CB  HB2  sing N N 225 
MET CB  HB3  sing N N 226 
MET CG  SD   sing N N 227 
MET CG  HG2  sing N N 228 
MET CG  HG3  sing N N 229 
MET SD  CE   sing N N 230 
MET CE  HE1  sing N N 231 
MET CE  HE2  sing N N 232 
MET CE  HE3  sing N N 233 
MET OXT HXT  sing N N 234 
PHE N   CA   sing N N 235 
PHE N   H    sing N N 236 
PHE N   H2   sing N N 237 
PHE CA  C    sing N N 238 
PHE CA  CB   sing N N 239 
PHE CA  HA   sing N N 240 
PHE C   O    doub N N 241 
PHE C   OXT  sing N N 242 
PHE CB  CG   sing N N 243 
PHE CB  HB2  sing N N 244 
PHE CB  HB3  sing N N 245 
PHE CG  CD1  doub Y N 246 
PHE CG  CD2  sing Y N 247 
PHE CD1 CE1  sing Y N 248 
PHE CD1 HD1  sing N N 249 
PHE CD2 CE2  doub Y N 250 
PHE CD2 HD2  sing N N 251 
PHE CE1 CZ   doub Y N 252 
PHE CE1 HE1  sing N N 253 
PHE CE2 CZ   sing Y N 254 
PHE CE2 HE2  sing N N 255 
PHE CZ  HZ   sing N N 256 
PHE OXT HXT  sing N N 257 
PRO N   CA   sing N N 258 
PRO N   CD   sing N N 259 
PRO N   H    sing N N 260 
PRO CA  C    sing N N 261 
PRO CA  CB   sing N N 262 
PRO CA  HA   sing N N 263 
PRO C   O    doub N N 264 
PRO C   OXT  sing N N 265 
PRO CB  CG   sing N N 266 
PRO CB  HB2  sing N N 267 
PRO CB  HB3  sing N N 268 
PRO CG  CD   sing N N 269 
PRO CG  HG2  sing N N 270 
PRO CG  HG3  sing N N 271 
PRO CD  HD2  sing N N 272 
PRO CD  HD3  sing N N 273 
PRO OXT HXT  sing N N 274 
SER N   CA   sing N N 275 
SER N   H    sing N N 276 
SER N   H2   sing N N 277 
SER CA  C    sing N N 278 
SER CA  CB   sing N N 279 
SER CA  HA   sing N N 280 
SER C   O    doub N N 281 
SER C   OXT  sing N N 282 
SER CB  OG   sing N N 283 
SER CB  HB2  sing N N 284 
SER CB  HB3  sing N N 285 
SER OG  HG   sing N N 286 
SER OXT HXT  sing N N 287 
THR N   CA   sing N N 288 
THR N   H    sing N N 289 
THR N   H2   sing N N 290 
THR CA  C    sing N N 291 
THR CA  CB   sing N N 292 
THR CA  HA   sing N N 293 
THR C   O    doub N N 294 
THR C   OXT  sing N N 295 
THR CB  OG1  sing N N 296 
THR CB  CG2  sing N N 297 
THR CB  HB   sing N N 298 
THR OG1 HG1  sing N N 299 
THR CG2 HG21 sing N N 300 
THR CG2 HG22 sing N N 301 
THR CG2 HG23 sing N N 302 
THR OXT HXT  sing N N 303 
TYR N   CA   sing N N 304 
TYR N   H    sing N N 305 
TYR N   H2   sing N N 306 
TYR CA  C    sing N N 307 
TYR CA  CB   sing N N 308 
TYR CA  HA   sing N N 309 
TYR C   O    doub N N 310 
TYR C   OXT  sing N N 311 
TYR CB  CG   sing N N 312 
TYR CB  HB2  sing N N 313 
TYR CB  HB3  sing N N 314 
TYR CG  CD1  doub Y N 315 
TYR CG  CD2  sing Y N 316 
TYR CD1 CE1  sing Y N 317 
TYR CD1 HD1  sing N N 318 
TYR CD2 CE2  doub Y N 319 
TYR CD2 HD2  sing N N 320 
TYR CE1 CZ   doub Y N 321 
TYR CE1 HE1  sing N N 322 
TYR CE2 CZ   sing Y N 323 
TYR CE2 HE2  sing N N 324 
TYR CZ  OH   sing N N 325 
TYR OH  HH   sing N N 326 
TYR OXT HXT  sing N N 327 
VAL N   CA   sing N N 328 
VAL N   H    sing N N 329 
VAL N   H2   sing N N 330 
VAL CA  C    sing N N 331 
VAL CA  CB   sing N N 332 
VAL CA  HA   sing N N 333 
VAL C   O    doub N N 334 
VAL C   OXT  sing N N 335 
VAL CB  CG1  sing N N 336 
VAL CB  CG2  sing N N 337 
VAL CB  HB   sing N N 338 
VAL CG1 HG11 sing N N 339 
VAL CG1 HG12 sing N N 340 
VAL CG1 HG13 sing N N 341 
VAL CG2 HG21 sing N N 342 
VAL CG2 HG22 sing N N 343 
VAL CG2 HG23 sing N N 344 
VAL OXT HXT  sing N N 345 
# 
loop_
_pdbx_nmr_spectrometer.spectrometer_id 
_pdbx_nmr_spectrometer.model 
_pdbx_nmr_spectrometer.manufacturer 
_pdbx_nmr_spectrometer.field_strength 
_pdbx_nmr_spectrometer.type 
1 OMEGA GE     500 ? 
2 AM    Bruker 600 ? 
# 
_atom_sites.entry_id                    1EMN 
_atom_sites.fract_transf_matrix[1][1]   1.000000 
_atom_sites.fract_transf_matrix[1][2]   0.000000 
_atom_sites.fract_transf_matrix[1][3]   0.000000 
_atom_sites.fract_transf_matrix[2][1]   0.000000 
_atom_sites.fract_transf_matrix[2][2]   1.000000 
_atom_sites.fract_transf_matrix[2][3]   0.000000 
_atom_sites.fract_transf_matrix[3][1]   0.000000 
_atom_sites.fract_transf_matrix[3][2]   0.000000 
_atom_sites.fract_transf_matrix[3][3]   1.000000 
_atom_sites.fract_transf_vector[1]      0.00000 
_atom_sites.fract_transf_vector[2]      0.00000 
_atom_sites.fract_transf_vector[3]      0.00000 
# 
loop_
_atom_type.symbol 
C  
CA 
H  
N  
O  
S  
# 
loop_
_atom_site.group_PDB 
_atom_site.id 
_atom_site.type_symbol 
_atom_site.label_atom_id 
_atom_site.label_alt_id 
_atom_site.label_comp_id 
_atom_site.label_asym_id 
_atom_site.label_entity_id 
_atom_site.label_seq_id 
_atom_site.pdbx_PDB_ins_code 
_atom_site.Cartn_x 
_atom_site.Cartn_y 
_atom_site.Cartn_z 
_atom_site.occupancy 
_atom_site.B_iso_or_equiv 
_atom_site.pdbx_formal_charge 
_atom_site.auth_seq_id 
_atom_site.auth_comp_id 
_atom_site.auth_asym_id 
_atom_site.auth_atom_id 
_atom_site.pdbx_PDB_model_num 
ATOM   1    N  N    . SER A 1 1  ? -9.156  9.496   -32.126 1.00 7.57 ? 2124 SER A N    1 
ATOM   2    C  CA   . SER A 1 1  ? -7.711  9.342   -32.454 1.00 7.11 ? 2124 SER A CA   1 
ATOM   3    C  C    . SER A 1 1  ? -7.269  7.906   -32.161 1.00 6.17 ? 2124 SER A C    1 
ATOM   4    O  O    . SER A 1 1  ? -6.310  7.419   -32.725 1.00 6.38 ? 2124 SER A O    1 
ATOM   5    C  CB   . SER A 1 1  ? -6.889  10.309  -31.602 1.00 7.73 ? 2124 SER A CB   1 
ATOM   6    O  OG   . SER A 1 1  ? -5.863  10.881  -32.401 1.00 8.26 ? 2124 SER A OG   1 
ATOM   7    H  H1   . SER A 1 1  ? -9.706  8.772   -32.630 1.00 7.68 ? 2124 SER A H1   1 
ATOM   8    H  H2   . SER A 1 1  ? -9.293  9.385   -31.100 1.00 7.97 ? 2124 SER A H2   1 
ATOM   9    H  H3   . SER A 1 1  ? -9.480  10.440  -32.417 1.00 7.66 ? 2124 SER A H3   1 
ATOM   10   H  HA   . SER A 1 1  ? -7.553  9.561   -33.499 1.00 7.34 ? 2124 SER A HA   1 
ATOM   11   H  HB2  . SER A 1 1  ? -7.525  11.092  -31.227 1.00 8.01 ? 2124 SER A HB2  1 
ATOM   12   H  HB3  . SER A 1 1  ? -6.453  9.772   -30.769 1.00 7.77 ? 2124 SER A HB3  1 
ATOM   13   H  HG   . SER A 1 1  ? -5.339  10.164  -32.769 1.00 8.56 ? 2124 SER A HG   1 
ATOM   14   N  N    . ALA A 1 2  ? -7.967  7.228   -31.285 1.00 5.43 ? 2125 ALA A N    1 
ATOM   15   C  CA   . ALA A 1 2  ? -7.604  5.818   -30.944 1.00 4.81 ? 2125 ALA A CA   1 
ATOM   16   C  C    . ALA A 1 2  ? -6.737  5.799   -29.682 1.00 4.08 ? 2125 ALA A C    1 
ATOM   17   O  O    . ALA A 1 2  ? -5.805  5.028   -29.571 1.00 4.22 ? 2125 ALA A O    1 
ATOM   18   C  CB   . ALA A 1 2  ? -6.832  5.176   -32.099 1.00 5.10 ? 2125 ALA A CB   1 
ATOM   19   H  H    . ALA A 1 2  ? -8.736  7.648   -30.848 1.00 5.56 ? 2125 ALA A H    1 
ATOM   20   H  HA   . ALA A 1 2  ? -8.507  5.254   -30.761 1.00 5.10 ? 2125 ALA A HA   1 
ATOM   21   H  HB1  . ALA A 1 2  ? -7.270  5.477   -33.039 1.00 4.97 ? 2125 ALA A HB1  1 
ATOM   22   H  HB2  . ALA A 1 2  ? -5.800  5.494   -32.064 1.00 5.48 ? 2125 ALA A HB2  1 
ATOM   23   H  HB3  . ALA A 1 2  ? -6.878  4.101   -32.009 1.00 5.50 ? 2125 ALA A HB3  1 
ATOM   24   N  N    . VAL A 1 3  ? -7.041  6.636   -28.726 1.00 3.61 ? 2126 VAL A N    1 
ATOM   25   C  CA   . VAL A 1 3  ? -6.237  6.655   -27.471 1.00 3.08 ? 2126 VAL A CA   1 
ATOM   26   C  C    . VAL A 1 3  ? -6.139  5.231   -26.917 1.00 2.42 ? 2126 VAL A C    1 
ATOM   27   O  O    . VAL A 1 3  ? -7.097  4.688   -26.405 1.00 2.61 ? 2126 VAL A O    1 
ATOM   28   C  CB   . VAL A 1 3  ? -6.917  7.572   -26.443 1.00 3.53 ? 2126 VAL A CB   1 
ATOM   29   C  CG1  . VAL A 1 3  ? -6.870  6.932   -25.052 1.00 3.59 ? 2126 VAL A CG1  1 
ATOM   30   C  CG2  . VAL A 1 3  ? -6.189  8.916   -26.404 1.00 4.14 ? 2126 VAL A CG2  1 
ATOM   31   H  H    . VAL A 1 3  ? -7.801  7.246   -28.832 1.00 3.86 ? 2126 VAL A H    1 
ATOM   32   H  HA   . VAL A 1 3  ? -5.245  7.026   -27.685 1.00 3.16 ? 2126 VAL A HA   1 
ATOM   33   H  HB   . VAL A 1 3  ? -7.947  7.729   -26.729 1.00 3.94 ? 2126 VAL A HB   1 
ATOM   34   H  HG11 . VAL A 1 3  ? -5.895  6.497   -24.890 1.00 3.51 ? 2126 VAL A HG11 1 
ATOM   35   H  HG12 . VAL A 1 3  ? -7.056  7.687   -24.303 1.00 3.83 ? 2126 VAL A HG12 1 
ATOM   36   H  HG13 . VAL A 1 3  ? -7.623  6.162   -24.983 1.00 4.05 ? 2126 VAL A HG13 1 
ATOM   37   H  HG21 . VAL A 1 3  ? -5.688  9.083   -27.346 1.00 4.47 ? 2126 VAL A HG21 1 
ATOM   38   H  HG22 . VAL A 1 3  ? -6.901  9.709   -26.229 1.00 4.44 ? 2126 VAL A HG22 1 
ATOM   39   H  HG23 . VAL A 1 3  ? -5.461  8.907   -25.606 1.00 4.47 ? 2126 VAL A HG23 1 
ATOM   40   N  N    . ASP A 1 4  ? -4.990  4.622   -27.017 1.00 2.01 ? 2127 ASP A N    1 
ATOM   41   C  CA   . ASP A 1 4  ? -4.840  3.235   -26.494 1.00 1.80 ? 2127 ASP A CA   1 
ATOM   42   C  C    . ASP A 1 4  ? -5.513  3.136   -25.124 1.00 1.48 ? 2127 ASP A C    1 
ATOM   43   O  O    . ASP A 1 4  ? -5.014  3.645   -24.141 1.00 1.83 ? 2127 ASP A O    1 
ATOM   44   C  CB   . ASP A 1 4  ? -3.353  2.897   -26.359 1.00 2.14 ? 2127 ASP A CB   1 
ATOM   45   C  CG   . ASP A 1 4  ? -3.187  1.396   -26.114 1.00 2.01 ? 2127 ASP A CG   1 
ATOM   46   O  OD1  . ASP A 1 4  ? -4.097  0.804   -25.557 1.00 1.69 ? 2127 ASP A OD1  1 
ATOM   47   O  OD2  . ASP A 1 4  ? -2.154  0.866   -26.487 1.00 2.64 ? 2127 ASP A OD2  1 
ATOM   48   H  H    . ASP A 1 4  ? -4.228  5.074   -27.434 1.00 2.18 ? 2127 ASP A H    1 
ATOM   49   H  HA   . ASP A 1 4  ? -5.307  2.539   -27.176 1.00 2.11 ? 2127 ASP A HA   1 
ATOM   50   H  HB2  . ASP A 1 4  ? -2.837  3.174   -27.268 1.00 2.65 ? 2127 ASP A HB2  1 
ATOM   51   H  HB3  . ASP A 1 4  ? -2.933  3.444   -25.528 1.00 2.53 ? 2127 ASP A HB3  1 
ATOM   52   N  N    . MET A 1 5  ? -6.646  2.487   -25.056 1.00 1.36 ? 2128 MET A N    1 
ATOM   53   C  CA   . MET A 1 5  ? -7.362  2.353   -23.752 1.00 1.09 ? 2128 MET A CA   1 
ATOM   54   C  C    . MET A 1 5  ? -6.346  2.218   -22.618 1.00 0.94 ? 2128 MET A C    1 
ATOM   55   O  O    . MET A 1 5  ? -5.526  1.319   -22.607 1.00 0.91 ? 2128 MET A O    1 
ATOM   56   C  CB   . MET A 1 5  ? -8.254  1.110   -23.788 1.00 1.18 ? 2128 MET A CB   1 
ATOM   57   C  CG   . MET A 1 5  ? -9.672  1.512   -24.198 1.00 1.44 ? 2128 MET A CG   1 
ATOM   58   S  SD   . MET A 1 5  ? -10.542 0.070   -24.861 1.00 2.22 ? 2128 MET A SD   1 
ATOM   59   C  CE   . MET A 1 5  ? -12.214 0.758   -24.777 1.00 2.47 ? 2128 MET A CE   1 
ATOM   60   H  H    . MET A 1 5  ? -7.030  2.090   -25.865 1.00 1.80 ? 2128 MET A H    1 
ATOM   61   H  HA   . MET A 1 5  ? -7.974  3.227   -23.581 1.00 1.11 ? 2128 MET A HA   1 
ATOM   62   H  HB2  . MET A 1 5  ? -7.857  0.403   -24.503 1.00 1.48 ? 2128 MET A HB2  1 
ATOM   63   H  HB3  . MET A 1 5  ? -8.280  0.658   -22.808 1.00 1.48 ? 2128 MET A HB3  1 
ATOM   64   H  HG2  . MET A 1 5  ? -10.204 1.887   -23.337 1.00 1.91 ? 2128 MET A HG2  1 
ATOM   65   H  HG3  . MET A 1 5  ? -9.624  2.282   -24.954 1.00 1.71 ? 2128 MET A HG3  1 
ATOM   66   H  HE1  . MET A 1 5  ? -12.253 1.512   -24.003 1.00 2.72 ? 2128 MET A HE1  1 
ATOM   67   H  HE2  . MET A 1 5  ? -12.468 1.206   -25.724 1.00 2.74 ? 2128 MET A HE2  1 
ATOM   68   H  HE3  . MET A 1 5  ? -12.917 -0.032  -24.553 1.00 2.87 ? 2128 MET A HE3  1 
ATOM   69   N  N    . ASP A 1 6  ? -6.396  3.105   -21.661 1.00 0.93 ? 2129 ASP A N    1 
ATOM   70   C  CA   . ASP A 1 6  ? -5.437  3.022   -20.529 1.00 0.92 ? 2129 ASP A CA   1 
ATOM   71   C  C    . ASP A 1 6  ? -5.590  1.659   -19.856 1.00 0.87 ? 2129 ASP A C    1 
ATOM   72   O  O    . ASP A 1 6  ? -4.626  0.958   -19.627 1.00 1.38 ? 2129 ASP A O    1 
ATOM   73   C  CB   . ASP A 1 6  ? -5.730  4.129   -19.516 1.00 1.01 ? 2129 ASP A CB   1 
ATOM   74   C  CG   . ASP A 1 6  ? -4.552  4.249   -18.549 1.00 1.04 ? 2129 ASP A CG   1 
ATOM   75   O  OD1  . ASP A 1 6  ? -4.209  3.250   -17.937 1.00 0.98 ? 2129 ASP A OD1  1 
ATOM   76   O  OD2  . ASP A 1 6  ? -4.012  5.337   -18.436 1.00 1.31 ? 2129 ASP A OD2  1 
ATOM   77   H  H    . ASP A 1 6  ? -7.064  3.820   -21.687 1.00 0.99 ? 2129 ASP A H    1 
ATOM   78   H  HA   . ASP A 1 6  ? -4.430  3.132   -20.900 1.00 1.02 ? 2129 ASP A HA   1 
ATOM   79   H  HB2  . ASP A 1 6  ? -5.868  5.065   -20.037 1.00 1.16 ? 2129 ASP A HB2  1 
ATOM   80   H  HB3  . ASP A 1 6  ? -6.625  3.887   -18.964 1.00 1.14 ? 2129 ASP A HB3  1 
ATOM   81   N  N    . GLU A 1 7  ? -6.801  1.282   -19.547 1.00 0.76 ? 2130 GLU A N    1 
ATOM   82   C  CA   . GLU A 1 7  ? -7.041  -0.038  -18.897 1.00 0.74 ? 2130 GLU A CA   1 
ATOM   83   C  C    . GLU A 1 7  ? -6.733  0.047   -17.402 1.00 0.79 ? 2130 GLU A C    1 
ATOM   84   O  O    . GLU A 1 7  ? -7.454  -0.485  -16.583 1.00 0.87 ? 2130 GLU A O    1 
ATOM   85   C  CB   . GLU A 1 7  ? -6.154  -1.104  -19.548 1.00 0.87 ? 2130 GLU A CB   1 
ATOM   86   C  CG   . GLU A 1 7  ? -6.268  -1.000  -21.071 1.00 0.84 ? 2130 GLU A CG   1 
ATOM   87   C  CD   . GLU A 1 7  ? -4.876  -1.088  -21.701 1.00 0.80 ? 2130 GLU A CD   1 
ATOM   88   O  OE1  . GLU A 1 7  ? -3.927  -0.670  -21.060 1.00 1.46 ? 2130 GLU A OE1  1 
ATOM   89   O  OE2  . GLU A 1 7  ? -4.784  -1.571  -22.817 1.00 1.22 ? 2130 GLU A OE2  1 
ATOM   90   H  H    . GLU A 1 7  ? -7.560  1.868   -19.751 1.00 1.09 ? 2130 GLU A H    1 
ATOM   91   H  HA   . GLU A 1 7  ? -8.076  -0.312  -19.028 1.00 0.76 ? 2130 GLU A HA   1 
ATOM   92   H  HB2  . GLU A 1 7  ? -5.127  -0.954  -19.249 1.00 0.96 ? 2130 GLU A HB2  1 
ATOM   93   H  HB3  . GLU A 1 7  ? -6.480  -2.083  -19.233 1.00 1.17 ? 2130 GLU A HB3  1 
ATOM   94   H  HG2  . GLU A 1 7  ? -6.883  -1.808  -21.440 1.00 1.18 ? 2130 GLU A HG2  1 
ATOM   95   H  HG3  . GLU A 1 7  ? -6.721  -0.055  -21.333 1.00 0.99 ? 2130 GLU A HG3  1 
ATOM   96   N  N    . CYS A 1 8  ? -5.672  0.705   -17.035 1.00 0.83 ? 2131 CYS A N    1 
ATOM   97   C  CA   . CYS A 1 8  ? -5.335  0.812   -15.590 1.00 0.99 ? 2131 CYS A CA   1 
ATOM   98   C  C    . CYS A 1 8  ? -5.992  2.066   -15.000 1.00 1.06 ? 2131 CYS A C    1 
ATOM   99   O  O    . CYS A 1 8  ? -6.323  2.112   -13.833 1.00 1.32 ? 2131 CYS A O    1 
ATOM   100  C  CB   . CYS A 1 8  ? -3.811  0.879   -15.424 1.00 1.13 ? 2131 CYS A CB   1 
ATOM   101  S  SG   . CYS A 1 8  ? -3.254  2.602   -15.435 1.00 1.56 ? 2131 CYS A SG   1 
ATOM   102  H  H    . CYS A 1 8  ? -5.100  1.128   -17.705 1.00 0.81 ? 2131 CYS A H    1 
ATOM   103  H  HA   . CYS A 1 8  ? -5.710  -0.058  -15.074 1.00 1.02 ? 2131 CYS A HA   1 
ATOM   104  H  HB2  . CYS A 1 8  ? -3.530  0.416   -14.489 1.00 1.19 ? 2131 CYS A HB2  1 
ATOM   105  H  HB3  . CYS A 1 8  ? -3.341  0.346   -16.238 1.00 1.57 ? 2131 CYS A HB3  1 
ATOM   106  N  N    . LYS A 1 9  ? -6.189  3.079   -15.800 1.00 0.99 ? 2132 LYS A N    1 
ATOM   107  C  CA   . LYS A 1 9  ? -6.828  4.321   -15.280 1.00 1.16 ? 2132 LYS A CA   1 
ATOM   108  C  C    . LYS A 1 9  ? -8.334  4.098   -15.137 1.00 1.04 ? 2132 LYS A C    1 
ATOM   109  O  O    . LYS A 1 9  ? -9.060  4.964   -14.689 1.00 1.21 ? 2132 LYS A O    1 
ATOM   110  C  CB   . LYS A 1 9  ? -6.576  5.473   -16.249 1.00 1.32 ? 2132 LYS A CB   1 
ATOM   111  C  CG   . LYS A 1 9  ? -5.683  6.520   -15.581 1.00 1.90 ? 2132 LYS A CG   1 
ATOM   112  C  CD   . LYS A 1 9  ? -6.449  7.196   -14.442 1.00 2.20 ? 2132 LYS A CD   1 
ATOM   113  C  CE   . LYS A 1 9  ? -7.719  7.846   -14.995 1.00 2.54 ? 2132 LYS A CE   1 
ATOM   114  N  NZ   . LYS A 1 9  ? -7.722  9.297   -14.658 1.00 3.00 ? 2132 LYS A NZ   1 
ATOM   115  H  H    . LYS A 1 9  ? -5.919  3.023   -16.741 1.00 0.95 ? 2132 LYS A H    1 
ATOM   116  H  HA   . LYS A 1 9  ? -6.407  4.566   -14.320 1.00 1.35 ? 2132 LYS A HA   1 
ATOM   117  H  HB2  . LYS A 1 9  ? -6.089  5.095   -17.131 1.00 1.42 ? 2132 LYS A HB2  1 
ATOM   118  H  HB3  . LYS A 1 9  ? -7.516  5.927   -16.523 1.00 1.35 ? 2132 LYS A HB3  1 
ATOM   119  H  HG2  . LYS A 1 9  ? -4.800  6.039   -15.186 1.00 2.52 ? 2132 LYS A HG2  1 
ATOM   120  H  HG3  . LYS A 1 9  ? -5.394  7.264   -16.308 1.00 2.19 ? 2132 LYS A HG3  1 
ATOM   121  H  HD2  . LYS A 1 9  ? -6.716  6.457   -13.699 1.00 2.59 ? 2132 LYS A HD2  1 
ATOM   122  H  HD3  . LYS A 1 9  ? -5.828  7.954   -13.990 1.00 2.60 ? 2132 LYS A HD3  1 
ATOM   123  H  HE2  . LYS A 1 9  ? -7.745  7.726   -16.068 1.00 2.72 ? 2132 LYS A HE2  1 
ATOM   124  H  HE3  . LYS A 1 9  ? -8.585  7.373   -14.558 1.00 2.87 ? 2132 LYS A HE3  1 
ATOM   125  H  HZ1  . LYS A 1 9  ? -7.637  9.414   -13.628 1.00 3.26 ? 2132 LYS A HZ1  1 
ATOM   126  H  HZ2  . LYS A 1 9  ? -6.919  9.764   -15.127 1.00 3.35 ? 2132 LYS A HZ2  1 
ATOM   127  H  HZ3  . LYS A 1 9  ? -8.611  9.727   -14.979 1.00 3.20 ? 2132 LYS A HZ3  1 
ATOM   128  N  N    . GLU A 1 10 ? -8.810  2.943   -15.514 1.00 0.91 ? 2133 GLU A N    1 
ATOM   129  C  CA   . GLU A 1 10 ? -10.268 2.665   -15.399 1.00 0.90 ? 2133 GLU A CA   1 
ATOM   130  C  C    . GLU A 1 10 ? -10.643 2.533   -13.919 1.00 0.91 ? 2133 GLU A C    1 
ATOM   131  O  O    . GLU A 1 10 ? -9.863  2.051   -13.122 1.00 0.83 ? 2133 GLU A O    1 
ATOM   132  C  CB   . GLU A 1 10 ? -10.601 1.365   -16.132 1.00 0.89 ? 2133 GLU A CB   1 
ATOM   133  C  CG   . GLU A 1 10 ? -10.095 1.445   -17.577 1.00 0.86 ? 2133 GLU A CG   1 
ATOM   134  C  CD   . GLU A 1 10 ? -11.041 0.663   -18.492 1.00 1.25 ? 2133 GLU A CD   1 
ATOM   135  O  OE1  . GLU A 1 10 ? -12.233 0.915   -18.434 1.00 1.90 ? 2133 GLU A OE1  1 
ATOM   136  O  OE2  . GLU A 1 10 ? -10.555 -0.173  -19.236 1.00 1.68 ? 2133 GLU A OE2  1 
ATOM   137  H  H    . GLU A 1 10 ? -8.208  2.258   -15.872 1.00 0.96 ? 2133 GLU A H    1 
ATOM   138  H  HA   . GLU A 1 10 ? -10.823 3.480   -15.839 1.00 0.99 ? 2133 GLU A HA   1 
ATOM   139  H  HB2  . GLU A 1 10 ? -10.127 0.538   -15.625 1.00 0.90 ? 2133 GLU A HB2  1 
ATOM   140  H  HB3  . GLU A 1 10 ? -11.671 1.219   -16.136 1.00 1.06 ? 2133 GLU A HB3  1 
ATOM   141  H  HG2  . GLU A 1 10 ? -10.061 2.478   -17.893 1.00 1.04 ? 2133 GLU A HG2  1 
ATOM   142  H  HG3  . GLU A 1 10 ? -9.106  1.018   -17.638 1.00 0.77 ? 2133 GLU A HG3  1 
ATOM   143  N  N    . PRO A 1 11 ? -11.830 2.978   -13.601 1.00 1.12 ? 2134 PRO A N    1 
ATOM   144  C  CA   . PRO A 1 11 ? -12.352 2.939   -12.220 1.00 1.25 ? 2134 PRO A CA   1 
ATOM   145  C  C    . PRO A 1 11 ? -12.562 1.495   -11.750 1.00 1.15 ? 2134 PRO A C    1 
ATOM   146  O  O    . PRO A 1 11 ? -12.968 1.257   -10.629 1.00 1.23 ? 2134 PRO A O    1 
ATOM   147  C  CB   . PRO A 1 11 ? -13.699 3.666   -12.295 1.00 1.57 ? 2134 PRO A CB   1 
ATOM   148  C  CG   . PRO A 1 11 ? -13.983 3.977   -13.788 1.00 1.63 ? 2134 PRO A CG   1 
ATOM   149  C  CD   . PRO A 1 11 ? -12.746 3.559   -14.595 1.00 1.34 ? 2134 PRO A CD   1 
ATOM   150  H  HA   . PRO A 1 11 ? -11.693 3.464   -11.550 1.00 1.28 ? 2134 PRO A HA   1 
ATOM   151  H  HB2  . PRO A 1 11 ? -14.476 3.034   -11.894 1.00 1.67 ? 2134 PRO A HB2  1 
ATOM   152  H  HB3  . PRO A 1 11 ? -13.650 4.589   -11.738 1.00 1.72 ? 2134 PRO A HB3  1 
ATOM   153  H  HG2  . PRO A 1 11 ? -14.844 3.415   -14.118 1.00 1.77 ? 2134 PRO A HG2  1 
ATOM   154  H  HG3  . PRO A 1 11 ? -14.160 5.033   -13.915 1.00 1.78 ? 2134 PRO A HG3  1 
ATOM   155  H  HD2  . PRO A 1 11 ? -13.015 2.823   -15.340 1.00 1.37 ? 2134 PRO A HD2  1 
ATOM   156  H  HD3  . PRO A 1 11 ? -12.291 4.420   -15.060 1.00 1.35 ? 2134 PRO A HD3  1 
ATOM   157  N  N    . ASP A 1 12 ? -12.304 0.530   -12.588 1.00 1.05 ? 2135 ASP A N    1 
ATOM   158  C  CA   . ASP A 1 12 ? -12.508 -0.884  -12.164 1.00 1.03 ? 2135 ASP A CA   1 
ATOM   159  C  C    . ASP A 1 12 ? -11.222 -1.685  -12.370 1.00 0.98 ? 2135 ASP A C    1 
ATOM   160  O  O    . ASP A 1 12 ? -11.218 -2.897  -12.278 1.00 1.13 ? 2135 ASP A O    1 
ATOM   161  C  CB   . ASP A 1 12 ? -13.630 -1.507  -12.996 1.00 1.17 ? 2135 ASP A CB   1 
ATOM   162  C  CG   . ASP A 1 12 ? -14.978 -0.949  -12.535 1.00 1.90 ? 2135 ASP A CG   1 
ATOM   163  O  OD1  . ASP A 1 12 ? -15.106 -0.660  -11.356 1.00 2.65 ? 2135 ASP A OD1  1 
ATOM   164  O  OD2  . ASP A 1 12 ? -15.860 -0.821  -13.369 1.00 2.45 ? 2135 ASP A OD2  1 
ATOM   165  H  H    . ASP A 1 12 ? -11.986 0.732   -13.492 1.00 1.05 ? 2135 ASP A H    1 
ATOM   166  H  HA   . ASP A 1 12 ? -12.781 -0.908  -11.119 1.00 1.04 ? 2135 ASP A HA   1 
ATOM   167  H  HB2  . ASP A 1 12 ? -13.479 -1.270  -14.038 1.00 1.44 ? 2135 ASP A HB2  1 
ATOM   168  H  HB3  . ASP A 1 12 ? -13.623 -2.579  -12.865 1.00 1.60 ? 2135 ASP A HB3  1 
ATOM   169  N  N    . VAL A 1 13 ? -10.131 -1.030  -12.647 1.00 0.99 ? 2136 VAL A N    1 
ATOM   170  C  CA   . VAL A 1 13 ? -8.860  -1.781  -12.857 1.00 0.97 ? 2136 VAL A CA   1 
ATOM   171  C  C    . VAL A 1 13 ? -7.856  -1.438  -11.749 1.00 1.03 ? 2136 VAL A C    1 
ATOM   172  O  O    . VAL A 1 13 ? -7.979  -1.893  -10.630 1.00 1.59 ? 2136 VAL A O    1 
ATOM   173  C  CB   . VAL A 1 13 ? -8.269  -1.424  -14.222 1.00 0.92 ? 2136 VAL A CB   1 
ATOM   174  C  CG1  . VAL A 1 13 ? -6.960  -2.191  -14.424 1.00 1.01 ? 2136 VAL A CG1  1 
ATOM   175  C  CG2  . VAL A 1 13 ? -9.260  -1.820  -15.321 1.00 1.04 ? 2136 VAL A CG2  1 
ATOM   176  H  H    . VAL A 1 13 ? -10.148 -0.051  -12.722 1.00 1.14 ? 2136 VAL A H    1 
ATOM   177  H  HA   . VAL A 1 13 ? -9.069  -2.840  -12.828 1.00 1.04 ? 2136 VAL A HA   1 
ATOM   178  H  HB   . VAL A 1 13 ? -8.079  -0.362  -14.270 1.00 1.14 ? 2136 VAL A HB   1 
ATOM   179  H  HG11 . VAL A 1 13 ? -6.944  -3.052  -13.773 1.00 1.40 ? 2136 VAL A HG11 1 
ATOM   180  H  HG12 . VAL A 1 13 ? -6.888  -2.515  -15.451 1.00 1.62 ? 2136 VAL A HG12 1 
ATOM   181  H  HG13 . VAL A 1 13 ? -6.126  -1.548  -14.190 1.00 1.41 ? 2136 VAL A HG13 1 
ATOM   182  H  HG21 . VAL A 1 13 ? -10.226 -2.015  -14.881 1.00 1.44 ? 2136 VAL A HG21 1 
ATOM   183  H  HG22 . VAL A 1 13 ? -9.346  -1.016  -16.035 1.00 1.57 ? 2136 VAL A HG22 1 
ATOM   184  H  HG23 . VAL A 1 13 ? -8.907  -2.709  -15.820 1.00 1.41 ? 2136 VAL A HG23 1 
ATOM   185  N  N    . CYS A 1 14 ? -6.859  -0.654  -12.054 1.00 0.99 ? 2137 CYS A N    1 
ATOM   186  C  CA   . CYS A 1 14 ? -5.841  -0.300  -11.021 1.00 1.00 ? 2137 CYS A CA   1 
ATOM   187  C  C    . CYS A 1 14 ? -6.490  0.485   -9.884  1.00 1.07 ? 2137 CYS A C    1 
ATOM   188  O  O    . CYS A 1 14 ? -6.905  -0.078  -8.891  1.00 1.90 ? 2137 CYS A O    1 
ATOM   189  C  CB   . CYS A 1 14 ? -4.747  0.553   -11.662 1.00 1.05 ? 2137 CYS A CB   1 
ATOM   190  S  SG   . CYS A 1 14 ? -3.298  -0.476  -11.998 1.00 1.54 ? 2137 CYS A SG   1 
ATOM   191  H  H    . CYS A 1 14 ? -6.769  -0.304  -12.964 1.00 1.36 ? 2137 CYS A H    1 
ATOM   192  H  HA   . CYS A 1 14 ? -5.404  -1.201  -10.623 1.00 1.03 ? 2137 CYS A HA   1 
ATOM   193  H  HB2  . CYS A 1 14 ? -5.113  0.971   -12.587 1.00 1.15 ? 2137 CYS A HB2  1 
ATOM   194  H  HB3  . CYS A 1 14 ? -4.473  1.352   -10.989 1.00 1.45 ? 2137 CYS A HB3  1 
ATOM   195  N  N    . LYS A 1 15 ? -6.564  1.781   -10.015 1.00 1.02 ? 2138 LYS A N    1 
ATOM   196  C  CA   . LYS A 1 15 ? -7.173  2.611   -8.939  1.00 0.95 ? 2138 LYS A CA   1 
ATOM   197  C  C    . LYS A 1 15 ? -6.184  2.751   -7.776  1.00 1.04 ? 2138 LYS A C    1 
ATOM   198  O  O    . LYS A 1 15 ? -6.134  1.922   -6.890  1.00 1.72 ? 2138 LYS A O    1 
ATOM   199  C  CB   . LYS A 1 15 ? -8.461  1.946   -8.441  1.00 0.87 ? 2138 LYS A CB   1 
ATOM   200  C  CG   . LYS A 1 15 ? -9.615  2.295   -9.382  1.00 0.95 ? 2138 LYS A CG   1 
ATOM   201  C  CD   . LYS A 1 15 ? -10.940 2.153   -8.633  1.00 1.28 ? 2138 LYS A CD   1 
ATOM   202  C  CE   . LYS A 1 15 ? -11.641 3.511   -8.572  1.00 1.46 ? 2138 LYS A CE   1 
ATOM   203  N  NZ   . LYS A 1 15 ? -12.349 3.645   -7.268  1.00 1.86 ? 2138 LYS A NZ   1 
ATOM   204  H  H    . LYS A 1 15 ? -6.210  2.211   -10.822 1.00 1.64 ? 2138 LYS A H    1 
ATOM   205  H  HA   . LYS A 1 15 ? -7.405  3.590   -9.331  1.00 0.99 ? 2138 LYS A HA   1 
ATOM   206  H  HB2  . LYS A 1 15 ? -8.331  0.875   -8.419  1.00 0.90 ? 2138 LYS A HB2  1 
ATOM   207  H  HB3  . LYS A 1 15 ? -8.690  2.299   -7.449  1.00 0.85 ? 2138 LYS A HB3  1 
ATOM   208  H  HG2  . LYS A 1 15 ? -9.503  3.312   -9.729  1.00 1.06 ? 2138 LYS A HG2  1 
ATOM   209  H  HG3  . LYS A 1 15 ? -9.609  1.623   -10.230 1.00 0.95 ? 2138 LYS A HG3  1 
ATOM   210  H  HD2  . LYS A 1 15 ? -11.570 1.444   -9.148  1.00 1.88 ? 2138 LYS A HD2  1 
ATOM   211  H  HD3  . LYS A 1 15 ? -10.750 1.804   -7.629  1.00 1.77 ? 2138 LYS A HD3  1 
ATOM   212  H  HE2  . LYS A 1 15 ? -10.907 4.298   -8.666  1.00 1.97 ? 2138 LYS A HE2  1 
ATOM   213  H  HE3  . LYS A 1 15 ? -12.354 3.585   -9.378  1.00 1.92 ? 2138 LYS A HE3  1 
ATOM   214  H  HZ1  . LYS A 1 15 ? -11.683 3.466   -6.491  1.00 2.35 ? 2138 LYS A HZ1  1 
ATOM   215  H  HZ2  . LYS A 1 15 ? -12.734 4.609   -7.181  1.00 2.19 ? 2138 LYS A HZ2  1 
ATOM   216  H  HZ3  . LYS A 1 15 ? -13.125 2.955   -7.222  1.00 2.16 ? 2138 LYS A HZ3  1 
ATOM   217  N  N    . HIS A 1 16 ? -5.400  3.798   -7.778  1.00 0.84 ? 2139 HIS A N    1 
ATOM   218  C  CA   . HIS A 1 16 ? -4.412  4.009   -6.676  1.00 0.87 ? 2139 HIS A CA   1 
ATOM   219  C  C    . HIS A 1 16 ? -3.256  3.013   -6.806  1.00 0.92 ? 2139 HIS A C    1 
ATOM   220  O  O    . HIS A 1 16 ? -2.938  2.297   -5.877  1.00 1.19 ? 2139 HIS A O    1 
ATOM   221  C  CB   . HIS A 1 16 ? -5.099  3.816   -5.322  1.00 0.96 ? 2139 HIS A CB   1 
ATOM   222  C  CG   . HIS A 1 16 ? -6.234  4.794   -5.188  1.00 1.32 ? 2139 HIS A CG   1 
ATOM   223  N  ND1  . HIS A 1 16 ? -6.604  5.330   -3.965  1.00 1.98 ? 2139 HIS A ND1  1 
ATOM   224  C  CD2  . HIS A 1 16 ? -7.089  5.341   -6.113  1.00 1.90 ? 2139 HIS A CD2  1 
ATOM   225  C  CE1  . HIS A 1 16 ? -7.641  6.161   -4.184  1.00 2.26 ? 2139 HIS A CE1  1 
ATOM   226  N  NE2  . HIS A 1 16 ? -7.977  6.204   -5.476  1.00 2.17 ? 2139 HIS A NE2  1 
ATOM   227  H  H    . HIS A 1 16 ? -5.464  4.451   -8.506  1.00 1.19 ? 2139 HIS A H    1 
ATOM   228  H  HA   . HIS A 1 16 ? -4.023  5.015   -6.736  1.00 0.92 ? 2139 HIS A HA   1 
ATOM   229  H  HB2  . HIS A 1 16 ? -5.480  2.809   -5.251  1.00 0.86 ? 2139 HIS A HB2  1 
ATOM   230  H  HB3  . HIS A 1 16 ? -4.385  3.984   -4.531  1.00 1.19 ? 2139 HIS A HB3  1 
ATOM   231  H  HD1  . HIS A 1 16 ? -6.188  5.140   -3.100  1.00 2.54 ? 2139 HIS A HD1  1 
ATOM   232  H  HD2  . HIS A 1 16 ? -7.076  5.135   -7.172  1.00 2.55 ? 2139 HIS A HD2  1 
ATOM   233  H  HE1  . HIS A 1 16 ? -8.140  6.723   -3.409  1.00 2.91 ? 2139 HIS A HE1  1 
ATOM   234  N  N    . GLY A 1 17 ? -2.616  2.964   -7.944  1.00 0.86 ? 2140 GLY A N    1 
ATOM   235  C  CA   . GLY A 1 17 ? -1.478  2.012   -8.115  1.00 0.93 ? 2140 GLY A CA   1 
ATOM   236  C  C    . GLY A 1 17 ? -0.627  2.426   -9.319  1.00 0.87 ? 2140 GLY A C    1 
ATOM   237  O  O    . GLY A 1 17 ? -1.042  3.215   -10.143 1.00 0.86 ? 2140 GLY A O    1 
ATOM   238  H  H    . GLY A 1 17 ? -2.880  3.551   -8.682  1.00 0.94 ? 2140 GLY A H    1 
ATOM   239  H  HA2  . GLY A 1 17 ? -0.868  2.017   -7.222  1.00 1.06 ? 2140 GLY A HA2  1 
ATOM   240  H  HA3  . GLY A 1 17 ? -1.865  1.017   -8.279  1.00 0.97 ? 2140 GLY A HA3  1 
ATOM   241  N  N    . GLN A 1 18 ? 0.561   1.891   -9.429  1.00 0.94 ? 2141 GLN A N    1 
ATOM   242  C  CA   . GLN A 1 18 ? 1.437   2.244   -10.581 1.00 0.98 ? 2141 GLN A CA   1 
ATOM   243  C  C    . GLN A 1 18 ? 1.213   1.228   -11.699 1.00 0.87 ? 2141 GLN A C    1 
ATOM   244  O  O    . GLN A 1 18 ? 1.535   0.064   -11.566 1.00 0.96 ? 2141 GLN A O    1 
ATOM   245  C  CB   . GLN A 1 18 ? 2.902   2.208   -10.138 1.00 1.20 ? 2141 GLN A CB   1 
ATOM   246  C  CG   . GLN A 1 18 ? 3.793   2.716   -11.273 1.00 1.46 ? 2141 GLN A CG   1 
ATOM   247  C  CD   . GLN A 1 18 ? 5.090   3.281   -10.689 1.00 2.10 ? 2141 GLN A CD   1 
ATOM   248  O  OE1  . GLN A 1 18 ? 5.926   2.541   -10.208 1.00 2.67 ? 2141 GLN A OE1  1 
ATOM   249  N  NE2  . GLN A 1 18 ? 5.295   4.569   -10.711 1.00 2.72 ? 2141 GLN A NE2  1 
ATOM   250  H  H    . GLN A 1 18 ? 0.873   1.251   -8.757  1.00 1.03 ? 2141 GLN A H    1 
ATOM   251  H  HA   . GLN A 1 18 ? 1.189   3.234   -10.935 1.00 0.99 ? 2141 GLN A HA   1 
ATOM   252  H  HB2  . GLN A 1 18 ? 3.031   2.836   -9.270  1.00 1.40 ? 2141 GLN A HB2  1 
ATOM   253  H  HB3  . GLN A 1 18 ? 3.180   1.194   -9.893  1.00 1.27 ? 2141 GLN A HB3  1 
ATOM   254  H  HG2  . GLN A 1 18 ? 4.024   1.901   -11.943 1.00 1.66 ? 2141 GLN A HG2  1 
ATOM   255  H  HG3  . GLN A 1 18 ? 3.278   3.494   -11.816 1.00 1.75 ? 2141 GLN A HG3  1 
ATOM   256  H  HE21 . GLN A 1 18 ? 4.622   5.167   -11.098 1.00 2.95 ? 2141 GLN A HE21 1 
ATOM   257  H  HE22 . GLN A 1 18 ? 6.123   4.940   -10.338 1.00 3.27 ? 2141 GLN A HE22 1 
ATOM   258  N  N    . CYS A 1 19 ? 0.645   1.650   -12.793 1.00 0.91 ? 2142 CYS A N    1 
ATOM   259  C  CA   . CYS A 1 19 ? 0.385   0.702   -13.905 1.00 0.84 ? 2142 CYS A CA   1 
ATOM   260  C  C    . CYS A 1 19 ? 1.279   1.026   -15.100 1.00 0.89 ? 2142 CYS A C    1 
ATOM   261  O  O    . CYS A 1 19 ? 1.996   2.006   -15.112 1.00 1.08 ? 2142 CYS A O    1 
ATOM   262  C  CB   . CYS A 1 19 ? -1.075  0.826   -14.332 1.00 0.82 ? 2142 CYS A CB   1 
ATOM   263  S  SG   . CYS A 1 19 ? -1.563  2.569   -14.332 1.00 1.43 ? 2142 CYS A SG   1 
ATOM   264  H  H    . CYS A 1 19 ? 0.379   2.586   -12.880 1.00 1.10 ? 2142 CYS A H    1 
ATOM   265  H  HA   . CYS A 1 19 ? 0.577   -0.307  -13.573 1.00 0.84 ? 2142 CYS A HA   1 
ATOM   266  H  HB2  . CYS A 1 19 ? -1.188  0.425   -15.322 1.00 1.05 ? 2142 CYS A HB2  1 
ATOM   267  H  HB3  . CYS A 1 19 ? -1.698  0.277   -13.647 1.00 0.88 ? 2142 CYS A HB3  1 
ATOM   268  N  N    . ILE A 1 20 ? 1.226   0.205   -16.110 1.00 0.82 ? 2143 ILE A N    1 
ATOM   269  C  CA   . ILE A 1 20 ? 2.052   0.447   -17.323 1.00 0.92 ? 2143 ILE A CA   1 
ATOM   270  C  C    . ILE A 1 20 ? 1.184   0.201   -18.556 1.00 0.87 ? 2143 ILE A C    1 
ATOM   271  O  O    . ILE A 1 20 ? 0.861   -0.923  -18.888 1.00 0.89 ? 2143 ILE A O    1 
ATOM   272  C  CB   . ILE A 1 20 ? 3.244   -0.508  -17.324 1.00 1.02 ? 2143 ILE A CB   1 
ATOM   273  C  CG1  . ILE A 1 20 ? 4.161   -0.164  -16.148 1.00 1.11 ? 2143 ILE A CG1  1 
ATOM   274  C  CG2  . ILE A 1 20 ? 4.017   -0.362  -18.635 1.00 1.21 ? 2143 ILE A CG2  1 
ATOM   275  C  CD1  . ILE A 1 20 ? 3.626   -0.819  -14.872 1.00 1.35 ? 2143 ILE A CD1  1 
ATOM   276  H  H    . ILE A 1 20 ? 0.632   -0.573  -16.074 1.00 0.78 ? 2143 ILE A H    1 
ATOM   277  H  HA   . ILE A 1 20 ? 2.403   1.468   -17.324 1.00 1.02 ? 2143 ILE A HA   1 
ATOM   278  H  HB   . ILE A 1 20 ? 2.891   -1.524  -17.224 1.00 0.98 ? 2143 ILE A HB   1 
ATOM   279  H  HG12 . ILE A 1 20 ? 5.156   -0.527  -16.352 1.00 1.44 ? 2143 ILE A HG12 1 
ATOM   280  H  HG13 . ILE A 1 20 ? 4.188   0.908   -16.016 1.00 1.26 ? 2143 ILE A HG13 1 
ATOM   281  H  HG21 . ILE A 1 20 ? 3.740   0.565   -19.115 1.00 1.51 ? 2143 ILE A HG21 1 
ATOM   282  H  HG22 . ILE A 1 20 ? 5.077   -0.358  -18.428 1.00 1.62 ? 2143 ILE A HG22 1 
ATOM   283  H  HG23 . ILE A 1 20 ? 3.781   -1.190  -19.287 1.00 1.69 ? 2143 ILE A HG23 1 
ATOM   284  H  HD11 . ILE A 1 20 ? 2.790   -1.457  -15.117 1.00 1.87 ? 2143 ILE A HD11 1 
ATOM   285  H  HD12 . ILE A 1 20 ? 4.407   -1.408  -14.415 1.00 1.65 ? 2143 ILE A HD12 1 
ATOM   286  H  HD13 . ILE A 1 20 ? 3.303   -0.053  -14.181 1.00 1.80 ? 2143 ILE A HD13 1 
ATOM   287  N  N    . ASN A 1 21 ? 0.787   1.245   -19.225 1.00 0.92 ? 2144 ASN A N    1 
ATOM   288  C  CA   . ASN A 1 21 ? -0.081  1.075   -20.422 1.00 0.91 ? 2144 ASN A CA   1 
ATOM   289  C  C    . ASN A 1 21 ? 0.638   0.246   -21.485 1.00 0.92 ? 2144 ASN A C    1 
ATOM   290  O  O    . ASN A 1 21 ? 1.655   0.642   -22.017 1.00 1.05 ? 2144 ASN A O    1 
ATOM   291  C  CB   . ASN A 1 21 ? -0.431  2.445   -21.000 1.00 1.10 ? 2144 ASN A CB   1 
ATOM   292  C  CG   . ASN A 1 21 ? -1.686  2.316   -21.864 1.00 1.02 ? 2144 ASN A CG   1 
ATOM   293  O  OD1  . ASN A 1 21 ? -1.647  2.546   -23.056 1.00 1.36 ? 2144 ASN A OD1  1 
ATOM   294  N  ND2  . ASN A 1 21 ? -2.804  1.946   -21.307 1.00 1.38 ? 2144 ASN A ND2  1 
ATOM   295  H  H    . ASN A 1 21 ? 1.047   2.142   -18.933 1.00 1.02 ? 2144 ASN A H    1 
ATOM   296  H  HA   . ASN A 1 21 ? -0.990  0.571   -20.132 1.00 0.87 ? 2144 ASN A HA   1 
ATOM   297  H  HB2  . ASN A 1 21 ? -0.616  3.140   -20.193 1.00 1.29 ? 2144 ASN A HB2  1 
ATOM   298  H  HB3  . ASN A 1 21 ? 0.387   2.803   -21.604 1.00 1.24 ? 2144 ASN A HB3  1 
ATOM   299  H  HD21 . ASN A 1 21 ? -2.834  1.755   -20.347 1.00 1.85 ? 2144 ASN A HD21 1 
ATOM   300  H  HD22 . ASN A 1 21 ? -3.616  1.862   -21.848 1.00 1.52 ? 2144 ASN A HD22 1 
ATOM   301  N  N    . THR A 1 22 ? 0.104   -0.899  -21.805 1.00 0.87 ? 2145 THR A N    1 
ATOM   302  C  CA   . THR A 1 22 ? 0.738   -1.756  -22.844 1.00 0.97 ? 2145 THR A CA   1 
ATOM   303  C  C    . THR A 1 22 ? -0.080  -1.660  -24.134 1.00 1.07 ? 2145 THR A C    1 
ATOM   304  O  O    . THR A 1 22 ? -1.058  -0.940  -24.205 1.00 1.07 ? 2145 THR A O    1 
ATOM   305  C  CB   . THR A 1 22 ? 0.765   -3.209  -22.364 1.00 0.97 ? 2145 THR A CB   1 
ATOM   306  O  OG1  . THR A 1 22 ? -0.562  -3.640  -22.096 1.00 1.14 ? 2145 THR A OG1  1 
ATOM   307  C  CG2  . THR A 1 22 ? 1.605   -3.312  -21.091 1.00 1.09 ? 2145 THR A CG2  1 
ATOM   308  H  H    . THR A 1 22 ? -0.723  -1.193  -21.368 1.00 0.84 ? 2145 THR A H    1 
ATOM   309  H  HA   . THR A 1 22 ? 1.746   -1.415  -23.028 1.00 1.06 ? 2145 THR A HA   1 
ATOM   310  H  HB   . THR A 1 22 ? 1.199   -3.833  -23.129 1.00 1.11 ? 2145 THR A HB   1 
ATOM   311  H  HG1  . THR A 1 22 ? -0.530  -4.570  -21.863 1.00 1.45 ? 2145 THR A HG1  1 
ATOM   312  H  HG21 . THR A 1 22 ? 1.695   -2.336  -20.638 1.00 1.30 ? 2145 THR A HG21 1 
ATOM   313  H  HG22 . THR A 1 22 ? 1.126   -3.988  -20.399 1.00 1.61 ? 2145 THR A HG22 1 
ATOM   314  H  HG23 . THR A 1 22 ? 2.587   -3.686  -21.338 1.00 1.68 ? 2145 THR A HG23 1 
ATOM   315  N  N    . ASP A 1 23 ? 0.308   -2.378  -25.152 1.00 1.21 ? 2146 ASP A N    1 
ATOM   316  C  CA   . ASP A 1 23 ? -0.455  -2.322  -26.431 1.00 1.37 ? 2146 ASP A CA   1 
ATOM   317  C  C    . ASP A 1 23 ? -1.944  -2.535  -26.148 1.00 1.45 ? 2146 ASP A C    1 
ATOM   318  O  O    . ASP A 1 23 ? -2.714  -1.598  -26.081 1.00 2.18 ? 2146 ASP A O    1 
ATOM   319  C  CB   . ASP A 1 23 ? 0.047   -3.412  -27.372 1.00 1.48 ? 2146 ASP A CB   1 
ATOM   320  C  CG   . ASP A 1 23 ? 0.601   -2.773  -28.647 1.00 1.79 ? 2146 ASP A CG   1 
ATOM   321  O  OD1  . ASP A 1 23 ? 1.750   -2.362  -28.630 1.00 2.48 ? 2146 ASP A OD1  1 
ATOM   322  O  OD2  . ASP A 1 23 ? -0.134  -2.703  -29.618 1.00 2.28 ? 2146 ASP A OD2  1 
ATOM   323  H  H    . ASP A 1 23 ? 1.097   -2.953  -25.076 1.00 1.23 ? 2146 ASP A H    1 
ATOM   324  H  HA   . ASP A 1 23 ? -0.312  -1.360  -26.893 1.00 1.48 ? 2146 ASP A HA   1 
ATOM   325  H  HB2  . ASP A 1 23 ? 0.827   -3.976  -26.883 1.00 1.88 ? 2146 ASP A HB2  1 
ATOM   326  H  HB3  . ASP A 1 23 ? -0.768  -4.070  -27.627 1.00 1.94 ? 2146 ASP A HB3  1 
ATOM   327  N  N    . GLY A 1 24 ? -2.355  -3.762  -25.978 1.00 1.40 ? 2147 GLY A N    1 
ATOM   328  C  CA   . GLY A 1 24 ? -3.794  -4.034  -25.699 1.00 1.41 ? 2147 GLY A CA   1 
ATOM   329  C  C    . GLY A 1 24 ? -3.932  -4.702  -24.329 1.00 1.29 ? 2147 GLY A C    1 
ATOM   330  O  O    . GLY A 1 24 ? -4.593  -5.711  -24.183 1.00 1.60 ? 2147 GLY A O    1 
ATOM   331  H  H    . GLY A 1 24 ? -1.718  -4.505  -26.035 1.00 1.86 ? 2147 GLY A H    1 
ATOM   332  H  HA2  . GLY A 1 24 ? -4.343  -3.102  -25.704 1.00 1.50 ? 2147 GLY A HA2  1 
ATOM   333  H  HA3  . GLY A 1 24 ? -4.191  -4.691  -26.457 1.00 1.51 ? 2147 GLY A HA3  1 
ATOM   334  N  N    . SER A 1 25 ? -3.314  -4.147  -23.324 1.00 1.12 ? 2148 SER A N    1 
ATOM   335  C  CA   . SER A 1 25 ? -3.407  -4.747  -21.962 1.00 1.02 ? 2148 SER A CA   1 
ATOM   336  C  C    . SER A 1 25 ? -2.824  -3.773  -20.941 1.00 0.89 ? 2148 SER A C    1 
ATOM   337  O  O    . SER A 1 25 ? -2.682  -2.595  -21.204 1.00 0.90 ? 2148 SER A O    1 
ATOM   338  C  CB   . SER A 1 25 ? -2.621  -6.056  -21.923 1.00 1.07 ? 2148 SER A CB   1 
ATOM   339  O  OG   . SER A 1 25 ? -3.464  -7.097  -21.447 1.00 1.68 ? 2148 SER A OG   1 
ATOM   340  H  H    . SER A 1 25 ? -2.786  -3.333  -23.463 1.00 1.30 ? 2148 SER A H    1 
ATOM   341  H  HA   . SER A 1 25 ? -4.441  -4.941  -21.724 1.00 1.05 ? 2148 SER A HA   1 
ATOM   342  H  HB2  . SER A 1 25 ? -2.279  -6.303  -22.914 1.00 1.27 ? 2148 SER A HB2  1 
ATOM   343  H  HB3  . SER A 1 25 ? -1.766  -5.942  -21.268 1.00 1.22 ? 2148 SER A HB3  1 
ATOM   344  H  HG   . SER A 1 25 ? -3.061  -7.936  -21.679 1.00 1.93 ? 2148 SER A HG   1 
ATOM   345  N  N    . TYR A 1 26 ? -2.481  -4.252  -19.779 1.00 0.84 ? 2149 TYR A N    1 
ATOM   346  C  CA   . TYR A 1 26 ? -1.904  -3.345  -18.747 1.00 0.77 ? 2149 TYR A CA   1 
ATOM   347  C  C    . TYR A 1 26 ? -1.317  -4.169  -17.602 1.00 0.74 ? 2149 TYR A C    1 
ATOM   348  O  O    . TYR A 1 26 ? -1.292  -5.383  -17.643 1.00 0.78 ? 2149 TYR A O    1 
ATOM   349  C  CB   . TYR A 1 26 ? -2.999  -2.431  -18.197 1.00 0.78 ? 2149 TYR A CB   1 
ATOM   350  C  CG   . TYR A 1 26 ? -4.125  -3.271  -17.640 1.00 0.78 ? 2149 TYR A CG   1 
ATOM   351  C  CD1  . TYR A 1 26 ? -5.098  -3.796  -18.500 1.00 1.42 ? 2149 TYR A CD1  1 
ATOM   352  C  CD2  . TYR A 1 26 ? -4.197  -3.523  -16.265 1.00 1.47 ? 2149 TYR A CD2  1 
ATOM   353  C  CE1  . TYR A 1 26 ? -6.141  -4.573  -17.984 1.00 1.42 ? 2149 TYR A CE1  1 
ATOM   354  C  CE2  . TYR A 1 26 ? -5.241  -4.300  -15.750 1.00 1.55 ? 2149 TYR A CE2  1 
ATOM   355  C  CZ   . TYR A 1 26 ? -6.213  -4.826  -16.609 1.00 0.92 ? 2149 TYR A CZ   1 
ATOM   356  O  OH   . TYR A 1 26 ? -7.241  -5.594  -16.102 1.00 1.04 ? 2149 TYR A OH   1 
ATOM   357  H  H    . TYR A 1 26 ? -2.601  -5.205  -19.587 1.00 0.90 ? 2149 TYR A H    1 
ATOM   358  H  HA   . TYR A 1 26 ? -1.126  -2.744  -19.192 1.00 0.84 ? 2149 TYR A HA   1 
ATOM   359  H  HB2  . TYR A 1 26 ? -2.589  -1.813  -17.411 1.00 0.80 ? 2149 TYR A HB2  1 
ATOM   360  H  HB3  . TYR A 1 26 ? -3.375  -1.803  -18.988 1.00 0.84 ? 2149 TYR A HB3  1 
ATOM   361  H  HD1  . TYR A 1 26 ? -5.043  -3.602  -19.561 1.00 2.26 ? 2149 TYR A HD1  1 
ATOM   362  H  HD2  . TYR A 1 26 ? -3.447  -3.118  -15.602 1.00 2.29 ? 2149 TYR A HD2  1 
ATOM   363  H  HE1  . TYR A 1 26 ? -6.892  -4.978  -18.648 1.00 2.23 ? 2149 TYR A HE1  1 
ATOM   364  H  HE2  . TYR A 1 26 ? -5.297  -4.495  -14.689 1.00 2.41 ? 2149 TYR A HE2  1 
ATOM   365  H  HH   . TYR A 1 26 ? -7.362  -6.350  -16.680 1.00 1.39 ? 2149 TYR A HH   1 
ATOM   366  N  N    . ARG A 1 27 ? -0.850  -3.511  -16.580 1.00 0.75 ? 2150 ARG A N    1 
ATOM   367  C  CA   . ARG A 1 27 ? -0.264  -4.241  -15.420 1.00 0.83 ? 2150 ARG A CA   1 
ATOM   368  C  C    . ARG A 1 27 ? -0.421  -3.389  -14.161 1.00 0.84 ? 2150 ARG A C    1 
ATOM   369  O  O    . ARG A 1 27 ? 0.168   -2.334  -14.035 1.00 1.17 ? 2150 ARG A O    1 
ATOM   370  C  CB   . ARG A 1 27 ? 1.222   -4.499  -15.670 1.00 1.04 ? 2150 ARG A CB   1 
ATOM   371  C  CG   . ARG A 1 27 ? 1.394   -5.816  -16.427 1.00 1.40 ? 2150 ARG A CG   1 
ATOM   372  C  CD   . ARG A 1 27 ? 2.802   -5.880  -17.020 1.00 1.47 ? 2150 ARG A CD   1 
ATOM   373  N  NE   . ARG A 1 27 ? 3.019   -7.211  -17.650 1.00 1.80 ? 2150 ARG A NE   1 
ATOM   374  C  CZ   . ARG A 1 27 ? 4.017   -7.390  -18.471 1.00 2.35 ? 2150 ARG A CZ   1 
ATOM   375  N  NH1  . ARG A 1 27 ? 5.240   -7.162  -18.072 1.00 2.86 ? 2150 ARG A NH1  1 
ATOM   376  N  NH2  . ARG A 1 27 ? 3.794   -7.791  -19.692 1.00 3.04 ? 2150 ARG A NH2  1 
ATOM   377  H  H    . ARG A 1 27 ? -0.887  -2.531  -16.572 1.00 0.75 ? 2150 ARG A H    1 
ATOM   378  H  HA   . ARG A 1 27 ? -0.779  -5.181  -15.287 1.00 0.87 ? 2150 ARG A HA   1 
ATOM   379  H  HB2  . ARG A 1 27 ? 1.633   -3.690  -16.255 1.00 1.44 ? 2150 ARG A HB2  1 
ATOM   380  H  HB3  . ARG A 1 27 ? 1.737   -4.560  -14.724 1.00 1.50 ? 2150 ARG A HB3  1 
ATOM   381  H  HG2  . ARG A 1 27 ? 1.250   -6.644  -15.748 1.00 2.03 ? 2150 ARG A HG2  1 
ATOM   382  H  HG3  . ARG A 1 27 ? 0.669   -5.873  -17.224 1.00 2.03 ? 2150 ARG A HG3  1 
ATOM   383  H  HD2  . ARG A 1 27 ? 2.914   -5.105  -17.766 1.00 1.95 ? 2150 ARG A HD2  1 
ATOM   384  H  HD3  . ARG A 1 27 ? 3.530   -5.731  -16.236 1.00 1.89 ? 2150 ARG A HD3  1 
ATOM   385  H  HE   . ARG A 1 27 ? 2.412   -7.954  -17.449 1.00 2.15 ? 2150 ARG A HE   1 
ATOM   386  H  HH11 . ARG A 1 27 ? 5.411   -6.854  -17.136 1.00 3.48 ? 2150 ARG A HH11 1 
ATOM   387  H  HH12 . ARG A 1 27 ? 6.004   -7.299  -18.701 1.00 2.99 ? 2150 ARG A HH12 1 
ATOM   388  H  HH21 . ARG A 1 27 ? 2.858   -7.964  -19.998 1.00 3.26 ? 2150 ARG A HH21 1 
ATOM   389  H  HH22 . ARG A 1 27 ? 4.559   -7.928  -20.321 1.00 3.66 ? 2150 ARG A HH22 1 
ATOM   390  N  N    . CYS A 1 28 ? -1.214  -3.837  -13.231 1.00 0.92 ? 2151 CYS A N    1 
ATOM   391  C  CA   . CYS A 1 28 ? -1.413  -3.051  -11.984 1.00 0.93 ? 2151 CYS A CA   1 
ATOM   392  C  C    . CYS A 1 28 ? -0.316  -3.393  -10.975 1.00 0.97 ? 2151 CYS A C    1 
ATOM   393  O  O    . CYS A 1 28 ? -0.482  -4.245  -10.125 1.00 1.22 ? 2151 CYS A O    1 
ATOM   394  C  CB   . CYS A 1 28 ? -2.783  -3.382  -11.391 1.00 1.02 ? 2151 CYS A CB   1 
ATOM   395  S  SG   . CYS A 1 28 ? -4.034  -2.348  -12.186 1.00 1.70 ? 2151 CYS A SG   1 
ATOM   396  H  H    . CYS A 1 28 ? -1.683  -4.686  -13.355 1.00 1.23 ? 2151 CYS A H    1 
ATOM   397  H  HA   . CYS A 1 28 ? -1.369  -1.998  -12.215 1.00 0.94 ? 2151 CYS A HA   1 
ATOM   398  H  HB2  . CYS A 1 28 ? -3.010  -4.424  -11.564 1.00 1.51 ? 2151 CYS A HB2  1 
ATOM   399  H  HB3  . CYS A 1 28 ? -2.774  -3.185  -10.329 1.00 0.99 ? 2151 CYS A HB3  1 
ATOM   400  N  N    . GLU A 1 29 ? 0.803   -2.728  -11.062 1.00 0.90 ? 2152 GLU A N    1 
ATOM   401  C  CA   . GLU A 1 29 ? 1.911   -3.004  -10.107 1.00 0.96 ? 2152 GLU A CA   1 
ATOM   402  C  C    . GLU A 1 29 ? 1.828   -2.015  -8.944  1.00 0.96 ? 2152 GLU A C    1 
ATOM   403  O  O    . GLU A 1 29 ? 2.148   -0.851  -9.083  1.00 1.21 ? 2152 GLU A O    1 
ATOM   404  C  CB   . GLU A 1 29 ? 3.254   -2.842  -10.823 1.00 1.04 ? 2152 GLU A CB   1 
ATOM   405  C  CG   . GLU A 1 29 ? 3.856   -4.220  -11.101 1.00 1.35 ? 2152 GLU A CG   1 
ATOM   406  C  CD   . GLU A 1 29 ? 5.223   -4.327  -10.423 1.00 1.83 ? 2152 GLU A CD   1 
ATOM   407  O  OE1  . GLU A 1 29 ? 6.092   -3.538  -10.757 1.00 2.23 ? 2152 GLU A OE1  1 
ATOM   408  O  OE2  . GLU A 1 29 ? 5.379   -5.196  -9.581  1.00 2.48 ? 2152 GLU A OE2  1 
ATOM   409  H  H    . GLU A 1 29 ? 0.912   -2.042  -11.754 1.00 0.94 ? 2152 GLU A H    1 
ATOM   410  H  HA   . GLU A 1 29 ? 1.821   -4.013  -9.731  1.00 1.00 ? 2152 GLU A HA   1 
ATOM   411  H  HB2  . GLU A 1 29 ? 3.102   -2.319  -11.756 1.00 1.30 ? 2152 GLU A HB2  1 
ATOM   412  H  HB3  . GLU A 1 29 ? 3.929   -2.276  -10.197 1.00 1.51 ? 2152 GLU A HB3  1 
ATOM   413  H  HG2  . GLU A 1 29 ? 3.199   -4.985  -10.711 1.00 1.82 ? 2152 GLU A HG2  1 
ATOM   414  H  HG3  . GLU A 1 29 ? 3.973   -4.354  -12.165 1.00 1.69 ? 2152 GLU A HG3  1 
ATOM   415  N  N    . CYS A 1 30 ? 1.396   -2.467  -7.800  1.00 1.00 ? 2153 CYS A N    1 
ATOM   416  C  CA   . CYS A 1 30 ? 1.287   -1.550  -6.632  1.00 1.01 ? 2153 CYS A CA   1 
ATOM   417  C  C    . CYS A 1 30 ? 2.688   -1.204  -6.116  1.00 1.07 ? 2153 CYS A C    1 
ATOM   418  O  O    . CYS A 1 30 ? 3.622   -1.960  -6.298  1.00 1.13 ? 2153 CYS A O    1 
ATOM   419  C  CB   . CYS A 1 30 ? 0.474   -2.230  -5.530  1.00 1.02 ? 2153 CYS A CB   1 
ATOM   420  S  SG   . CYS A 1 30 ? -1.009  -1.251  -5.189  1.00 1.06 ? 2153 CYS A SG   1 
ATOM   421  H  H    . CYS A 1 30 ? 1.139   -3.409  -7.710  1.00 1.23 ? 2153 CYS A H    1 
ATOM   422  H  HA   . CYS A 1 30 ? 0.786   -0.643  -6.937  1.00 1.00 ? 2153 CYS A HA   1 
ATOM   423  H  HB2  . CYS A 1 30 ? 0.186   -3.218  -5.854  1.00 1.02 ? 2153 CYS A HB2  1 
ATOM   424  H  HB3  . CYS A 1 30 ? 1.071   -2.305  -4.632  1.00 1.10 ? 2153 CYS A HB3  1 
ATOM   425  N  N    . PRO A 1 31 ? 2.786   -0.058  -5.496  1.00 1.07 ? 2154 PRO A N    1 
ATOM   426  C  CA   . PRO A 1 31 ? 4.059   0.444   -4.945  1.00 1.14 ? 2154 PRO A CA   1 
ATOM   427  C  C    . PRO A 1 31 ? 4.574   -0.472  -3.838  1.00 1.16 ? 2154 PRO A C    1 
ATOM   428  O  O    . PRO A 1 31 ? 4.080   -1.562  -3.631  1.00 1.14 ? 2154 PRO A O    1 
ATOM   429  C  CB   . PRO A 1 31 ? 3.718   1.814   -4.353  1.00 1.13 ? 2154 PRO A CB   1 
ATOM   430  C  CG   . PRO A 1 31 ? 2.193   2.032   -4.517  1.00 1.06 ? 2154 PRO A CG   1 
ATOM   431  C  CD   . PRO A 1 31 ? 1.630   0.831   -5.293  1.00 1.03 ? 2154 PRO A CD   1 
ATOM   432  H  HA   . PRO A 1 31 ? 4.796   0.556   -5.721  1.00 1.19 ? 2154 PRO A HA   1 
ATOM   433  H  HB2  . PRO A 1 31 ? 3.982   1.830   -3.306  1.00 1.12 ? 2154 PRO A HB2  1 
ATOM   434  H  HB3  . PRO A 1 31 ? 4.255   2.586   -4.877  1.00 1.18 ? 2154 PRO A HB3  1 
ATOM   435  H  HG2  . PRO A 1 31 ? 1.725   2.094   -3.545  1.00 1.04 ? 2154 PRO A HG2  1 
ATOM   436  H  HG3  . PRO A 1 31 ? 2.009   2.937   -5.070  1.00 1.08 ? 2154 PRO A HG3  1 
ATOM   437  H  HD2  . PRO A 1 31 ? 0.866   0.334   -4.712  1.00 0.99 ? 2154 PRO A HD2  1 
ATOM   438  H  HD3  . PRO A 1 31 ? 1.234   1.149   -6.245  1.00 1.02 ? 2154 PRO A HD3  1 
ATOM   439  N  N    . PHE A 1 32 ? 5.556   -0.016  -3.111  1.00 1.20 ? 2155 PHE A N    1 
ATOM   440  C  CA   . PHE A 1 32 ? 6.100   -0.836  -1.996  1.00 1.23 ? 2155 PHE A CA   1 
ATOM   441  C  C    . PHE A 1 32 ? 5.325   -0.491  -0.728  1.00 1.17 ? 2155 PHE A C    1 
ATOM   442  O  O    . PHE A 1 32 ? 5.543   0.532   -0.109  1.00 1.18 ? 2155 PHE A O    1 
ATOM   443  C  CB   . PHE A 1 32 ? 7.587   -0.529  -1.801  1.00 1.33 ? 2155 PHE A CB   1 
ATOM   444  C  CG   . PHE A 1 32 ? 8.192   -1.523  -0.837  1.00 1.47 ? 2155 PHE A CG   1 
ATOM   445  C  CD1  . PHE A 1 32 ? 7.712   -2.839  -0.787  1.00 2.12 ? 2155 PHE A CD1  1 
ATOM   446  C  CD2  . PHE A 1 32 ? 9.239   -1.129  0.007   1.00 1.79 ? 2155 PHE A CD2  1 
ATOM   447  C  CE1  . PHE A 1 32 ? 8.276   -3.757  0.106   1.00 2.29 ? 2155 PHE A CE1  1 
ATOM   448  C  CE2  . PHE A 1 32 ? 9.803   -2.049  0.899   1.00 1.93 ? 2155 PHE A CE2  1 
ATOM   449  C  CZ   . PHE A 1 32 ? 9.322   -3.362  0.948   1.00 1.85 ? 2155 PHE A CZ   1 
ATOM   450  H  H    . PHE A 1 32 ? 5.923   0.876   -3.290  1.00 1.22 ? 2155 PHE A H    1 
ATOM   451  H  HA   . PHE A 1 32 ? 5.968   -1.883  -2.223  1.00 1.24 ? 2155 PHE A HA   1 
ATOM   452  H  HB2  . PHE A 1 32 ? 8.094   -0.595  -2.752  1.00 1.34 ? 2155 PHE A HB2  1 
ATOM   453  H  HB3  . PHE A 1 32 ? 7.698   0.469   -1.403  1.00 1.34 ? 2155 PHE A HB3  1 
ATOM   454  H  HD1  . PHE A 1 32 ? 6.906   -3.145  -1.437  1.00 2.79 ? 2155 PHE A HD1  1 
ATOM   455  H  HD2  . PHE A 1 32 ? 9.610   -0.116  -0.032  1.00 2.38 ? 2155 PHE A HD2  1 
ATOM   456  H  HE1  . PHE A 1 32 ? 7.905   -4.770  0.144   1.00 3.05 ? 2155 PHE A HE1  1 
ATOM   457  H  HE2  . PHE A 1 32 ? 10.609  -1.744  1.549   1.00 2.53 ? 2155 PHE A HE2  1 
ATOM   458  H  HZ   . PHE A 1 32 ? 9.758   -4.071  1.637   1.00 2.02 ? 2155 PHE A HZ   1 
ATOM   459  N  N    . GLY A 1 33 ? 4.402   -1.327  -0.354  1.00 1.13 ? 2156 GLY A N    1 
ATOM   460  C  CA   . GLY A 1 33 ? 3.581   -1.048  0.853   1.00 1.09 ? 2156 GLY A CA   1 
ATOM   461  C  C    . GLY A 1 33 ? 2.115   -1.239  0.483   1.00 1.03 ? 2156 GLY A C    1 
ATOM   462  O  O    . GLY A 1 33 ? 1.248   -1.296  1.332   1.00 1.00 ? 2156 GLY A O    1 
ATOM   463  H  H    . GLY A 1 33 ? 4.229   -2.133  -0.884  1.00 1.14 ? 2156 GLY A H    1 
ATOM   464  H  HA2  . GLY A 1 33 ? 3.852   -1.726  1.646   1.00 1.11 ? 2156 GLY A HA2  1 
ATOM   465  H  HA3  . GLY A 1 33 ? 3.739   -0.029  1.173   1.00 1.09 ? 2156 GLY A HA3  1 
ATOM   466  N  N    . TYR A 1 34 ? 1.835   -1.339  -0.789  1.00 1.03 ? 2157 TYR A N    1 
ATOM   467  C  CA   . TYR A 1 34 ? 0.428   -1.528  -1.227  1.00 0.98 ? 2157 TYR A CA   1 
ATOM   468  C  C    . TYR A 1 34 ? 0.232   -2.948  -1.760  1.00 1.01 ? 2157 TYR A C    1 
ATOM   469  O  O    . TYR A 1 34 ? 1.093   -3.796  -1.642  1.00 1.08 ? 2157 TYR A O    1 
ATOM   470  C  CB   . TYR A 1 34 ? 0.110   -0.534  -2.336  1.00 0.98 ? 2157 TYR A CB   1 
ATOM   471  C  CG   . TYR A 1 34 ? -0.081  0.833   -1.739  1.00 0.96 ? 2157 TYR A CG   1 
ATOM   472  C  CD1  . TYR A 1 34 ? 0.957   1.431   -1.018  1.00 1.57 ? 2157 TYR A CD1  1 
ATOM   473  C  CD2  . TYR A 1 34 ? -1.297  1.498   -1.905  1.00 1.50 ? 2157 TYR A CD2  1 
ATOM   474  C  CE1  . TYR A 1 34 ? 0.777   2.700   -0.459  1.00 1.58 ? 2157 TYR A CE1  1 
ATOM   475  C  CE2  . TYR A 1 34 ? -1.480  2.765   -1.349  1.00 1.50 ? 2157 TYR A CE2  1 
ATOM   476  C  CZ   . TYR A 1 34 ? -0.443  3.370   -0.624  1.00 0.96 ? 2157 TYR A CZ   1 
ATOM   477  O  OH   . TYR A 1 34 ? -0.623  4.622   -0.076  1.00 0.98 ? 2157 TYR A OH   1 
ATOM   478  H  H    . TYR A 1 34 ? 2.554   -1.287  -1.458  1.00 1.06 ? 2157 TYR A H    1 
ATOM   479  H  HA   . TYR A 1 34 ? -0.236  -1.360  -0.393  1.00 0.95 ? 2157 TYR A HA   1 
ATOM   480  H  HB2  . TYR A 1 34 ? 0.925   -0.510  -3.046  1.00 1.03 ? 2157 TYR A HB2  1 
ATOM   481  H  HB3  . TYR A 1 34 ? -0.794  -0.836  -2.836  1.00 0.96 ? 2157 TYR A HB3  1 
ATOM   482  H  HD1  . TYR A 1 34 ? 1.896   0.914   -0.892  1.00 2.39 ? 2157 TYR A HD1  1 
ATOM   483  H  HD2  . TYR A 1 34 ? -2.095  1.033   -2.464  1.00 2.29 ? 2157 TYR A HD2  1 
ATOM   484  H  HE1  . TYR A 1 34 ? 1.578   3.162   0.099   1.00 2.39 ? 2157 TYR A HE1  1 
ATOM   485  H  HE2  . TYR A 1 34 ? -2.421  3.277   -1.477  1.00 2.30 ? 2157 TYR A HE2  1 
ATOM   486  H  HH   . TYR A 1 34 ? -0.304  5.271   -0.707  1.00 1.15 ? 2157 TYR A HH   1 
ATOM   487  N  N    . ILE A 1 35 ? -0.904  -3.205  -2.347  1.00 0.97 ? 2158 ILE A N    1 
ATOM   488  C  CA   . ILE A 1 35 ? -1.177  -4.564  -2.896  1.00 1.00 ? 2158 ILE A CA   1 
ATOM   489  C  C    . ILE A 1 35 ? -2.242  -4.465  -3.987  1.00 0.95 ? 2158 ILE A C    1 
ATOM   490  O  O    . ILE A 1 35 ? -2.550  -3.396  -4.472  1.00 0.92 ? 2158 ILE A O    1 
ATOM   491  C  CB   . ILE A 1 35 ? -1.684  -5.477  -1.778  1.00 1.02 ? 2158 ILE A CB   1 
ATOM   492  C  CG1  . ILE A 1 35 ? -3.120  -5.090  -1.416  1.00 0.97 ? 2158 ILE A CG1  1 
ATOM   493  C  CG2  . ILE A 1 35 ? -0.789  -5.322  -0.552  1.00 1.08 ? 2158 ILE A CG2  1 
ATOM   494  C  CD1  . ILE A 1 35 ? -3.170  -3.615  -1.018  1.00 0.96 ? 2158 ILE A CD1  1 
ATOM   495  H  H    . ILE A 1 35 ? -1.580  -2.500  -2.427  1.00 0.92 ? 2158 ILE A H    1 
ATOM   496  H  HA   . ILE A 1 35 ? -0.269  -4.974  -3.313  1.00 1.06 ? 2158 ILE A HA   1 
ATOM   497  H  HB   . ILE A 1 35 ? -1.660  -6.502  -2.110  1.00 1.05 ? 2158 ILE A HB   1 
ATOM   498  H  HG12 . ILE A 1 35 ? -3.761  -5.253  -2.271  1.00 0.94 ? 2158 ILE A HG12 1 
ATOM   499  H  HG13 . ILE A 1 35 ? -3.460  -5.696  -0.591  1.00 1.01 ? 2158 ILE A HG13 1 
ATOM   500  H  HG21 . ILE A 1 35 ? -0.776  -4.288  -0.245  1.00 1.51 ? 2158 ILE A HG21 1 
ATOM   501  H  HG22 . ILE A 1 35 ? -1.172  -5.932  0.252   1.00 1.50 ? 2158 ILE A HG22 1 
ATOM   502  H  HG23 . ILE A 1 35 ? 0.214   -5.637  -0.795  1.00 1.47 ? 2158 ILE A HG23 1 
ATOM   503  H  HD11 . ILE A 1 35 ? -2.256  -3.350  -0.508  1.00 1.41 ? 2158 ILE A HD11 1 
ATOM   504  H  HD12 . ILE A 1 35 ? -3.278  -3.009  -1.903  1.00 1.53 ? 2158 ILE A HD12 1 
ATOM   505  H  HD13 . ILE A 1 35 ? -4.009  -3.447  -0.362  1.00 1.20 ? 2158 ILE A HD13 1 
ATOM   506  N  N    . LEU A 1 36 ? -2.810  -5.572  -4.371  1.00 0.95 ? 2159 LEU A N    1 
ATOM   507  C  CA   . LEU A 1 36 ? -3.860  -5.542  -5.427  1.00 0.92 ? 2159 LEU A CA   1 
ATOM   508  C  C    . LEU A 1 36 ? -4.993  -6.498  -5.048  1.00 0.94 ? 2159 LEU A C    1 
ATOM   509  O  O    . LEU A 1 36 ? -4.779  -7.671  -4.815  1.00 1.00 ? 2159 LEU A O    1 
ATOM   510  C  CB   . LEU A 1 36 ? -3.256  -5.972  -6.764  1.00 0.93 ? 2159 LEU A CB   1 
ATOM   511  C  CG   . LEU A 1 36 ? -4.274  -5.730  -7.880  1.00 0.89 ? 2159 LEU A CG   1 
ATOM   512  C  CD1  . LEU A 1 36 ? -4.452  -4.225  -8.094  1.00 0.87 ? 2159 LEU A CD1  1 
ATOM   513  C  CD2  . LEU A 1 36 ? -3.773  -6.372  -9.174  1.00 0.92 ? 2159 LEU A CD2  1 
ATOM   514  H  H    . LEU A 1 36 ? -2.550  -6.421  -3.962  1.00 0.99 ? 2159 LEU A H    1 
ATOM   515  H  HA   . LEU A 1 36 ? -4.252  -4.540  -5.516  1.00 0.90 ? 2159 LEU A HA   1 
ATOM   516  H  HB2  . LEU A 1 36 ? -2.363  -5.395  -6.958  1.00 0.94 ? 2159 LEU A HB2  1 
ATOM   517  H  HB3  . LEU A 1 36 ? -3.007  -7.021  -6.729  1.00 0.98 ? 2159 LEU A HB3  1 
ATOM   518  H  HG   . LEU A 1 36 ? -5.221  -6.167  -7.601  1.00 0.92 ? 2159 LEU A HG   1 
ATOM   519  H  HD11 . LEU A 1 36 ? -3.651  -3.694  -7.600  1.00 1.26 ? 2159 LEU A HD11 1 
ATOM   520  H  HD12 . LEU A 1 36 ? -4.431  -4.008  -9.151  1.00 1.31 ? 2159 LEU A HD12 1 
ATOM   521  H  HD13 . LEU A 1 36 ? -5.400  -3.913  -7.680  1.00 1.34 ? 2159 LEU A HD13 1 
ATOM   522  H  HD21 . LEU A 1 36 ? -3.150  -7.222  -8.937  1.00 1.34 ? 2159 LEU A HD21 1 
ATOM   523  H  HD22 . LEU A 1 36 ? -4.616  -6.698  -9.765  1.00 1.17 ? 2159 LEU A HD22 1 
ATOM   524  H  HD23 . LEU A 1 36 ? -3.197  -5.651  -9.736  1.00 1.50 ? 2159 LEU A HD23 1 
ATOM   525  N  N    . ALA A 1 37 ? -6.197  -6.002  -4.982  1.00 0.93 ? 2160 ALA A N    1 
ATOM   526  C  CA   . ALA A 1 37 ? -7.348  -6.873  -4.617  1.00 0.97 ? 2160 ALA A CA   1 
ATOM   527  C  C    . ALA A 1 37 ? -8.103  -7.277  -5.884  1.00 0.97 ? 2160 ALA A C    1 
ATOM   528  O  O    . ALA A 1 37 ? -9.288  -7.042  -6.014  1.00 1.13 ? 2160 ALA A O    1 
ATOM   529  C  CB   . ALA A 1 37 ? -8.289  -6.103  -3.688  1.00 0.99 ? 2160 ALA A CB   1 
ATOM   530  H  H    . ALA A 1 37 ? -6.344  -5.054  -5.173  1.00 0.93 ? 2160 ALA A H    1 
ATOM   531  H  HA   . ALA A 1 37 ? -6.987  -7.758  -4.114  1.00 1.01 ? 2160 ALA A HA   1 
ATOM   532  H  HB1  . ALA A 1 37 ? -8.635  -5.209  -4.187  1.00 1.45 ? 2160 ALA A HB1  1 
ATOM   533  H  HB2  . ALA A 1 37 ? -9.134  -6.725  -3.435  1.00 1.29 ? 2160 ALA A HB2  1 
ATOM   534  H  HB3  . ALA A 1 37 ? -7.760  -5.830  -2.787  1.00 1.47 ? 2160 ALA A HB3  1 
ATOM   535  N  N    . GLY A 1 38 ? -7.427  -7.881  -6.822  1.00 1.02 ? 2161 GLY A N    1 
ATOM   536  C  CA   . GLY A 1 38 ? -8.108  -8.297  -8.080  1.00 1.03 ? 2161 GLY A CA   1 
ATOM   537  C  C    . GLY A 1 38 ? -8.112  -7.127  -9.066  1.00 0.95 ? 2161 GLY A C    1 
ATOM   538  O  O    . GLY A 1 38 ? -8.474  -7.273  -10.217 1.00 1.00 ? 2161 GLY A O    1 
ATOM   539  H  H    . GLY A 1 38 ? -6.472  -8.062  -6.699  1.00 1.18 ? 2161 GLY A H    1 
ATOM   540  H  HA2  . GLY A 1 38 ? -7.582  -9.135  -8.515  1.00 1.08 ? 2161 GLY A HA2  1 
ATOM   541  H  HA3  . GLY A 1 38 ? -9.126  -8.583  -7.863  1.00 1.06 ? 2161 GLY A HA3  1 
ATOM   542  N  N    . ASN A 1 39 ? -7.710  -5.967  -8.624  1.00 0.88 ? 2162 ASN A N    1 
ATOM   543  C  CA   . ASN A 1 39 ? -7.691  -4.788  -9.534  1.00 0.83 ? 2162 ASN A CA   1 
ATOM   544  C  C    . ASN A 1 39 ? -7.504  -3.511  -8.711  1.00 0.80 ? 2162 ASN A C    1 
ATOM   545  O  O    . ASN A 1 39 ? -6.610  -2.726  -8.959  1.00 0.81 ? 2162 ASN A O    1 
ATOM   546  C  CB   . ASN A 1 39 ? -9.009  -4.715  -10.303 1.00 0.84 ? 2162 ASN A CB   1 
ATOM   547  C  CG   . ASN A 1 39 ? -8.742  -4.909  -11.796 1.00 1.46 ? 2162 ASN A CG   1 
ATOM   548  O  OD1  . ASN A 1 39 ? -7.604  -4.945  -12.222 1.00 2.13 ? 2162 ASN A OD1  1 
ATOM   549  N  ND2  . ASN A 1 39 ? -9.749  -5.040  -12.615 1.00 2.04 ? 2162 ASN A ND2  1 
ATOM   550  H  H    . ASN A 1 39 ? -7.422  -5.870  -7.692  1.00 0.90 ? 2162 ASN A H    1 
ATOM   551  H  HA   . ASN A 1 39 ? -6.878  -4.888  -10.233 1.00 0.84 ? 2162 ASN A HA   1 
ATOM   552  H  HB2  . ASN A 1 39 ? -9.669  -5.491  -9.950  1.00 1.11 ? 2162 ASN A HB2  1 
ATOM   553  H  HB3  . ASN A 1 39 ? -9.466  -3.751  -10.143 1.00 1.15 ? 2162 ASN A HB3  1 
ATOM   554  H  HD21 . ASN A 1 39 ? -10.667 -5.011  -12.272 1.00 2.22 ? 2162 ASN A HD21 1 
ATOM   555  H  HD22 . ASN A 1 39 ? -9.588  -5.167  -13.574 1.00 2.64 ? 2162 ASN A HD22 1 
ATOM   556  N  N    . GLU A 1 40 ? -8.339  -3.298  -7.731  1.00 0.82 ? 2163 GLU A N    1 
ATOM   557  C  CA   . GLU A 1 40 ? -8.208  -2.074  -6.891  1.00 0.82 ? 2163 GLU A CA   1 
ATOM   558  C  C    . GLU A 1 40 ? -6.894  -2.128  -6.111  1.00 0.82 ? 2163 GLU A C    1 
ATOM   559  O  O    . GLU A 1 40 ? -6.647  -3.045  -5.354  1.00 0.92 ? 2163 GLU A O    1 
ATOM   560  C  CB   . GLU A 1 40 ? -9.380  -2.000  -5.911  1.00 0.88 ? 2163 GLU A CB   1 
ATOM   561  C  CG   . GLU A 1 40 ? -9.296  -0.697  -5.114  1.00 0.93 ? 2163 GLU A CG   1 
ATOM   562  C  CD   . GLU A 1 40 ? -10.541 -0.552  -4.237  1.00 1.28 ? 2163 GLU A CD   1 
ATOM   563  O  OE1  . GLU A 1 40 ? -11.537 -1.186  -4.547  1.00 1.86 ? 2163 GLU A OE1  1 
ATOM   564  O  OE2  . GLU A 1 40 ? -10.478 0.189   -3.270  1.00 1.83 ? 2163 GLU A OE2  1 
ATOM   565  H  H    . GLU A 1 40 ? -9.051  -3.945  -7.546  1.00 0.85 ? 2163 GLU A H    1 
ATOM   566  H  HA   . GLU A 1 40 ? -8.216  -1.198  -7.526  1.00 0.81 ? 2163 GLU A HA   1 
ATOM   567  H  HB2  . GLU A 1 40 ? -10.311 -2.031  -6.459  1.00 0.89 ? 2163 GLU A HB2  1 
ATOM   568  H  HB3  . GLU A 1 40 ? -9.335  -2.839  -5.232  1.00 0.92 ? 2163 GLU A HB3  1 
ATOM   569  H  HG2  . GLU A 1 40 ? -8.415  -0.713  -4.491  1.00 1.21 ? 2163 GLU A HG2  1 
ATOM   570  H  HG3  . GLU A 1 40 ? -9.240  0.138   -5.796  1.00 1.08 ? 2163 GLU A HG3  1 
ATOM   571  N  N    . CYS A 1 41 ? -6.048  -1.152  -6.289  1.00 0.81 ? 2164 CYS A N    1 
ATOM   572  C  CA   . CYS A 1 41 ? -4.748  -1.146  -5.560  1.00 0.82 ? 2164 CYS A CA   1 
ATOM   573  C  C    . CYS A 1 41 ? -4.864  -0.264  -4.313  1.00 0.83 ? 2164 CYS A C    1 
ATOM   574  O  O    . CYS A 1 41 ? -5.428  0.811   -4.352  1.00 0.86 ? 2164 CYS A O    1 
ATOM   575  C  CB   . CYS A 1 41 ? -3.658  -0.590  -6.480  1.00 0.85 ? 2164 CYS A CB   1 
ATOM   576  S  SG   . CYS A 1 41 ? -2.315  -1.792  -6.631  1.00 0.97 ? 2164 CYS A SG   1 
ATOM   577  H  H    . CYS A 1 41 ? -6.268  -0.422  -6.904  1.00 0.85 ? 2164 CYS A H    1 
ATOM   578  H  HA   . CYS A 1 41 ? -4.493  -2.154  -5.268  1.00 0.82 ? 2164 CYS A HA   1 
ATOM   579  H  HB2  . CYS A 1 41 ? -4.076  -0.393  -7.456  1.00 0.84 ? 2164 CYS A HB2  1 
ATOM   580  H  HB3  . CYS A 1 41 ? -3.273  0.329   -6.064  1.00 0.88 ? 2164 CYS A HB3  1 
ATOM   581  N  N    . VAL A 1 42 ? -4.334  -0.710  -3.206  1.00 0.82 ? 2165 VAL A N    1 
ATOM   582  C  CA   . VAL A 1 42 ? -4.414  0.103   -1.958  1.00 0.84 ? 2165 VAL A CA   1 
ATOM   583  C  C    . VAL A 1 42 ? -3.287  -0.310  -1.006  1.00 0.81 ? 2165 VAL A C    1 
ATOM   584  O  O    . VAL A 1 42 ? -2.348  -0.972  -1.395  1.00 0.80 ? 2165 VAL A O    1 
ATOM   585  C  CB   . VAL A 1 42 ? -5.768  -0.127  -1.285  1.00 0.85 ? 2165 VAL A CB   1 
ATOM   586  C  CG1  . VAL A 1 42 ? -6.817  0.777   -1.933  1.00 0.92 ? 2165 VAL A CG1  1 
ATOM   587  C  CG2  . VAL A 1 42 ? -6.180  -1.591  -1.457  1.00 0.83 ? 2165 VAL A CG2  1 
ATOM   588  H  H    . VAL A 1 42 ? -3.882  -1.581  -3.194  1.00 0.82 ? 2165 VAL A H    1 
ATOM   589  H  HA   . VAL A 1 42 ? -4.308  1.149   -2.204  1.00 0.88 ? 2165 VAL A HA   1 
ATOM   590  H  HB   . VAL A 1 42 ? -5.692  0.107   -0.233  1.00 0.85 ? 2165 VAL A HB   1 
ATOM   591  H  HG11 . VAL A 1 42 ? -6.324  1.537   -2.523  1.00 1.45 ? 2165 VAL A HG11 1 
ATOM   592  H  HG12 . VAL A 1 42 ? -7.457  0.187   -2.571  1.00 1.26 ? 2165 VAL A HG12 1 
ATOM   593  H  HG13 . VAL A 1 42 ? -7.411  1.249   -1.164  1.00 1.37 ? 2165 VAL A HG13 1 
ATOM   594  H  HG21 . VAL A 1 42 ? -5.326  -2.169  -1.780  1.00 1.23 ? 2165 VAL A HG21 1 
ATOM   595  H  HG22 . VAL A 1 42 ? -6.541  -1.976  -0.515  1.00 1.35 ? 2165 VAL A HG22 1 
ATOM   596  H  HG23 . VAL A 1 42 ? -6.962  -1.660  -2.198  1.00 1.32 ? 2165 VAL A HG23 1 
ATOM   597  N  N    . ASP A 1 43 ? -3.365  0.079   0.238   1.00 0.82 ? 2166 ASP A N    1 
ATOM   598  C  CA   . ASP A 1 43 ? -2.288  -0.293  1.200   1.00 0.80 ? 2166 ASP A CA   1 
ATOM   599  C  C    . ASP A 1 43 ? -2.626  -1.628  1.870   1.00 0.75 ? 2166 ASP A C    1 
ATOM   600  O  O    . ASP A 1 43 ? -3.774  -2.017  1.962   1.00 0.80 ? 2166 ASP A O    1 
ATOM   601  C  CB   . ASP A 1 43 ? -2.157  0.793   2.268   1.00 0.87 ? 2166 ASP A CB   1 
ATOM   602  C  CG   . ASP A 1 43 ? -0.691  0.925   2.681   1.00 1.06 ? 2166 ASP A CG   1 
ATOM   603  O  OD1  . ASP A 1 43 ? 0.134   1.135   1.805   1.00 1.33 ? 2166 ASP A OD1  1 
ATOM   604  O  OD2  . ASP A 1 43 ? -0.416  0.813   3.864   1.00 1.20 ? 2166 ASP A OD2  1 
ATOM   605  H  H    . ASP A 1 43 ? -4.126  0.619   0.537   1.00 0.84 ? 2166 ASP A H    1 
ATOM   606  H  HA   . ASP A 1 43 ? -1.353  -0.387  0.670   1.00 0.81 ? 2166 ASP A HA   1 
ATOM   607  H  HB2  . ASP A 1 43 ? -2.505  1.735   1.868   1.00 0.83 ? 2166 ASP A HB2  1 
ATOM   608  H  HB3  . ASP A 1 43 ? -2.749  0.526   3.131   1.00 0.96 ? 2166 ASP A HB3  1 
ATOM   609  N  N    . THR A 1 44 ? -1.631  -2.330  2.342   1.00 0.73 ? 2167 THR A N    1 
ATOM   610  C  CA   . THR A 1 44 ? -1.885  -3.638  3.010   1.00 0.69 ? 2167 THR A CA   1 
ATOM   611  C  C    . THR A 1 44 ? -1.841  -3.450  4.528   1.00 0.61 ? 2167 THR A C    1 
ATOM   612  O  O    . THR A 1 44 ? -1.662  -2.354  5.021   1.00 0.65 ? 2167 THR A O    1 
ATOM   613  C  CB   . THR A 1 44 ? -0.802  -4.638  2.600   1.00 0.73 ? 2167 THR A CB   1 
ATOM   614  O  OG1  . THR A 1 44 ? -1.147  -5.930  3.076   1.00 0.75 ? 2167 THR A OG1  1 
ATOM   615  C  CG2  . THR A 1 44 ? 0.540   -4.213  3.196   1.00 0.73 ? 2167 THR A CG2  1 
ATOM   616  H  H    . THR A 1 44 ? -0.715  -1.994  2.258   1.00 0.79 ? 2167 THR A H    1 
ATOM   617  H  HA   . THR A 1 44 ? -2.853  -4.016  2.714   1.00 0.72 ? 2167 THR A HA   1 
ATOM   618  H  HB   . THR A 1 44 ? -0.721  -4.659  1.528   1.00 0.80 ? 2167 THR A HB   1 
ATOM   619  H  HG1  . THR A 1 44 ? -1.011  -6.557  2.362   1.00 1.18 ? 2167 THR A HG1  1 
ATOM   620  H  HG21 . THR A 1 44 ? 0.591   -3.137  3.239   1.00 1.24 ? 2167 THR A HG21 1 
ATOM   621  H  HG22 . THR A 1 44 ? 0.636   -4.614  4.192   1.00 1.26 ? 2167 THR A HG22 1 
ATOM   622  H  HG23 . THR A 1 44 ? 1.343   -4.586  2.580   1.00 1.15 ? 2167 THR A HG23 1 
ATOM   623  N  N    . ASP A 1 45 ? -1.990  -4.512  5.274   1.00 0.61 ? 2168 ASP A N    1 
ATOM   624  C  CA   . ASP A 1 45 ? -1.943  -4.391  6.758   1.00 0.56 ? 2168 ASP A CA   1 
ATOM   625  C  C    . ASP A 1 45 ? -0.560  -4.813  7.251   1.00 0.54 ? 2168 ASP A C    1 
ATOM   626  O  O    . ASP A 1 45 ? -0.287  -5.982  7.441   1.00 0.59 ? 2168 ASP A O    1 
ATOM   627  C  CB   . ASP A 1 45 ? -3.005  -5.294  7.388   1.00 0.60 ? 2168 ASP A CB   1 
ATOM   628  C  CG   . ASP A 1 45 ? -2.844  -5.284  8.909   1.00 0.58 ? 2168 ASP A CG   1 
ATOM   629  O  OD1  . ASP A 1 45 ? -1.947  -4.607  9.387   1.00 0.53 ? 2168 ASP A OD1  1 
ATOM   630  O  OD2  . ASP A 1 45 ? -3.619  -5.953  9.573   1.00 0.66 ? 2168 ASP A OD2  1 
ATOM   631  H  H    . ASP A 1 45 ? -2.124  -5.388  4.857   1.00 0.71 ? 2168 ASP A H    1 
ATOM   632  H  HA   . ASP A 1 45 ? -2.127  -3.365  7.043   1.00 0.55 ? 2168 ASP A HA   1 
ATOM   633  H  HB2  . ASP A 1 45 ? -3.988  -4.931  7.126   1.00 0.64 ? 2168 ASP A HB2  1 
ATOM   634  H  HB3  . ASP A 1 45 ? -2.883  -6.303  7.021   1.00 0.64 ? 2168 ASP A HB3  1 
ATOM   635  N  N    . GLU A 1 46 ? 0.318   -3.872  7.455   1.00 0.52 ? 2169 GLU A N    1 
ATOM   636  C  CA   . GLU A 1 46 ? 1.681   -4.217  7.930   1.00 0.53 ? 2169 GLU A CA   1 
ATOM   637  C  C    . GLU A 1 46 ? 1.602   -4.729  9.371   1.00 0.51 ? 2169 GLU A C    1 
ATOM   638  O  O    . GLU A 1 46 ? 2.363   -5.584  9.781   1.00 0.59 ? 2169 GLU A O    1 
ATOM   639  C  CB   . GLU A 1 46 ? 2.565   -2.973  7.858   1.00 0.52 ? 2169 GLU A CB   1 
ATOM   640  C  CG   . GLU A 1 46 ? 3.160   -2.861  6.452   1.00 0.64 ? 2169 GLU A CG   1 
ATOM   641  C  CD   . GLU A 1 46 ? 2.136   -2.209  5.520   1.00 0.71 ? 2169 GLU A CD   1 
ATOM   642  O  OE1  . GLU A 1 46 ? 1.124   -2.836  5.254   1.00 1.30 ? 2169 GLU A OE1  1 
ATOM   643  O  OE2  . GLU A 1 46 ? 2.379   -1.093  5.092   1.00 1.25 ? 2169 GLU A OE2  1 
ATOM   644  H  H    . GLU A 1 46 ? 0.082   -2.938  7.294   1.00 0.52 ? 2169 GLU A H    1 
ATOM   645  H  HA   . GLU A 1 46 ? 2.091   -4.986  7.298   1.00 0.60 ? 2169 GLU A HA   1 
ATOM   646  H  HB2  . GLU A 1 46 ? 1.967   -2.100  8.064   1.00 0.50 ? 2169 GLU A HB2  1 
ATOM   647  H  HB3  . GLU A 1 46 ? 3.360   -3.047  8.581   1.00 0.52 ? 2169 GLU A HB3  1 
ATOM   648  H  HG2  . GLU A 1 46 ? 4.056   -2.258  6.485   1.00 0.65 ? 2169 GLU A HG2  1 
ATOM   649  H  HG3  . GLU A 1 46 ? 3.401   -3.846  6.084   1.00 0.72 ? 2169 GLU A HG3  1 
ATOM   650  N  N    . CYS A 1 47 ? 0.676   -4.222  10.139  1.00 0.47 ? 2170 CYS A N    1 
ATOM   651  C  CA   . CYS A 1 47 ? 0.528   -4.681  11.543  1.00 0.53 ? 2170 CYS A CA   1 
ATOM   652  C  C    . CYS A 1 47 ? 0.089   -6.147  11.546  1.00 0.73 ? 2170 CYS A C    1 
ATOM   653  O  O    . CYS A 1 47 ? 0.074   -6.802  12.570  1.00 0.86 ? 2170 CYS A O    1 
ATOM   654  C  CB   . CYS A 1 47 ? -0.528  -3.809  12.231  1.00 0.58 ? 2170 CYS A CB   1 
ATOM   655  S  SG   . CYS A 1 47 ? -1.308  -4.704  13.603  1.00 0.79 ? 2170 CYS A SG   1 
ATOM   656  H  H    . CYS A 1 47 ? 0.070   -3.541  9.790   1.00 0.46 ? 2170 CYS A H    1 
ATOM   657  H  HA   . CYS A 1 47 ? 1.472   -4.582  12.054  1.00 0.49 ? 2170 CYS A HA   1 
ATOM   658  H  HB2  . CYS A 1 47 ? -0.059  -2.915  12.605  1.00 0.52 ? 2170 CYS A HB2  1 
ATOM   659  H  HB3  . CYS A 1 47 ? -1.283  -3.534  11.509  1.00 0.65 ? 2170 CYS A HB3  1 
ATOM   660  N  N    . SER A 1 48 ? -0.263  -6.668  10.404  1.00 0.79 ? 2171 SER A N    1 
ATOM   661  C  CA   . SER A 1 48 ? -0.700  -8.091  10.337  1.00 1.00 ? 2171 SER A CA   1 
ATOM   662  C  C    . SER A 1 48 ? 0.512   -9.008  10.502  1.00 1.08 ? 2171 SER A C    1 
ATOM   663  O  O    . SER A 1 48 ? 0.379   -10.206 10.659  1.00 1.26 ? 2171 SER A O    1 
ATOM   664  C  CB   . SER A 1 48 ? -1.358  -8.358  8.987   1.00 1.14 ? 2171 SER A CB   1 
ATOM   665  O  OG   . SER A 1 48 ? -2.672  -8.857  9.196   1.00 1.36 ? 2171 SER A OG   1 
ATOM   666  H  H    . SER A 1 48 ? -0.242  -6.121  9.589   1.00 0.70 ? 2171 SER A H    1 
ATOM   667  H  HA   . SER A 1 48 ? -1.410  -8.287  11.123  1.00 1.06 ? 2171 SER A HA   1 
ATOM   668  H  HB2  . SER A 1 48 ? -1.411  -7.444  8.424   1.00 1.04 ? 2171 SER A HB2  1 
ATOM   669  H  HB3  . SER A 1 48 ? -0.770  -9.082  8.444   1.00 1.25 ? 2171 SER A HB3  1 
ATOM   670  H  HG   . SER A 1 48 ? -2.754  -9.685  8.719   1.00 1.73 ? 2171 SER A HG   1 
ATOM   671  N  N    . VAL A 1 49 ? 1.695   -8.457  10.467  1.00 0.99 ? 2172 VAL A N    1 
ATOM   672  C  CA   . VAL A 1 49 ? 2.914   -9.299  10.621  1.00 1.14 ? 2172 VAL A CA   1 
ATOM   673  C  C    . VAL A 1 49 ? 3.287   -9.388  12.101  1.00 1.08 ? 2172 VAL A C    1 
ATOM   674  O  O    . VAL A 1 49 ? 3.100   -10.405 12.739  1.00 1.24 ? 2172 VAL A O    1 
ATOM   675  C  CB   . VAL A 1 49 ? 4.070   -8.670  9.840   1.00 1.23 ? 2172 VAL A CB   1 
ATOM   676  C  CG1  . VAL A 1 49 ? 5.270   -9.619  9.848   1.00 1.49 ? 2172 VAL A CG1  1 
ATOM   677  C  CG2  . VAL A 1 49 ? 3.632   -8.417  8.396   1.00 1.33 ? 2172 VAL A CG2  1 
ATOM   678  H  H    . VAL A 1 49 ? 1.779   -7.490  10.339  1.00 0.87 ? 2172 VAL A H    1 
ATOM   679  H  HA   . VAL A 1 49 ? 2.720   -10.288 10.241  1.00 1.33 ? 2172 VAL A HA   1 
ATOM   680  H  HB   . VAL A 1 49 ? 4.349   -7.733  10.303  1.00 1.11 ? 2172 VAL A HB   1 
ATOM   681  H  HG11 . VAL A 1 49 ? 5.426   -9.993  10.850  1.00 1.88 ? 2172 VAL A HG11 1 
ATOM   682  H  HG12 . VAL A 1 49 ? 5.078   -10.447 9.182   1.00 1.79 ? 2172 VAL A HG12 1 
ATOM   683  H  HG13 . VAL A 1 49 ? 6.152   -9.089  9.520   1.00 1.88 ? 2172 VAL A HG13 1 
ATOM   684  H  HG21 . VAL A 1 49 ? 2.725   -7.831  8.392   1.00 1.52 ? 2172 VAL A HG21 1 
ATOM   685  H  HG22 . VAL A 1 49 ? 4.410   -7.880  7.873   1.00 1.86 ? 2172 VAL A HG22 1 
ATOM   686  H  HG23 . VAL A 1 49 ? 3.453   -9.361  7.904   1.00 1.68 ? 2172 VAL A HG23 1 
ATOM   687  N  N    . GLY A 1 50 ? 3.813   -8.330  12.648  1.00 0.96 ? 2173 GLY A N    1 
ATOM   688  C  CA   . GLY A 1 50 ? 4.201   -8.348  14.087  1.00 1.02 ? 2173 GLY A CA   1 
ATOM   689  C  C    . GLY A 1 50 ? 4.444   -6.917  14.571  1.00 1.01 ? 2173 GLY A C    1 
ATOM   690  O  O    . GLY A 1 50 ? 5.026   -6.109  13.878  1.00 1.81 ? 2173 GLY A O    1 
ATOM   691  H  H    . GLY A 1 50 ? 3.953   -7.523  12.111  1.00 0.91 ? 2173 GLY A H    1 
ATOM   692  H  HA2  . GLY A 1 50 ? 3.406   -8.796  14.667  1.00 1.05 ? 2173 GLY A HA2  1 
ATOM   693  H  HA3  . GLY A 1 50 ? 5.105   -8.924  14.209  1.00 1.16 ? 2173 GLY A HA3  1 
ATOM   694  N  N    . ASN A 1 51 ? 4.000   -6.601  15.760  1.00 0.75 ? 2174 ASN A N    1 
ATOM   695  C  CA   . ASN A 1 51 ? 4.202   -5.224  16.298  1.00 0.62 ? 2174 ASN A CA   1 
ATOM   696  C  C    . ASN A 1 51 ? 5.590   -4.709  15.904  1.00 0.57 ? 2174 ASN A C    1 
ATOM   697  O  O    . ASN A 1 51 ? 6.576   -5.049  16.527  1.00 0.66 ? 2174 ASN A O    1 
ATOM   698  C  CB   . ASN A 1 51 ? 4.087   -5.259  17.824  1.00 0.72 ? 2174 ASN A CB   1 
ATOM   699  C  CG   . ASN A 1 51 ? 5.214   -6.110  18.406  1.00 1.25 ? 2174 ASN A CG   1 
ATOM   700  O  OD1  . ASN A 1 51 ? 5.465   -7.206  17.943  1.00 2.03 ? 2174 ASN A OD1  1 
ATOM   701  N  ND2  . ASN A 1 51 ? 5.910   -5.650  19.408  1.00 1.72 ? 2174 ASN A ND2  1 
ATOM   702  H  H    . ASN A 1 51 ? 3.535   -7.274  16.299  1.00 1.29 ? 2174 ASN A H    1 
ATOM   703  H  HA   . ASN A 1 51 ? 3.448   -4.568  15.901  1.00 0.62 ? 2174 ASN A HA   1 
ATOM   704  H  HB2  . ASN A 1 51 ? 4.160   -4.253  18.212  1.00 1.31 ? 2174 ASN A HB2  1 
ATOM   705  H  HB3  . ASN A 1 51 ? 3.135   -5.685  18.105  1.00 1.29 ? 2174 ASN A HB3  1 
ATOM   706  H  HD21 . ASN A 1 51 ? 5.705   -4.767  19.779  1.00 1.78 ? 2174 ASN A HD21 1 
ATOM   707  H  HD22 . ASN A 1 51 ? 6.636   -6.186  19.788  1.00 2.39 ? 2174 ASN A HD22 1 
ATOM   708  N  N    . PRO A 1 52 ? 5.623   -3.897  14.876  1.00 0.50 ? 2175 PRO A N    1 
ATOM   709  C  CA   . PRO A 1 52 ? 6.881   -3.317  14.380  1.00 0.60 ? 2175 PRO A CA   1 
ATOM   710  C  C    . PRO A 1 52 ? 7.507   -2.426  15.455  1.00 0.62 ? 2175 PRO A C    1 
ATOM   711  O  O    . PRO A 1 52 ? 8.698   -2.192  15.464  1.00 0.73 ? 2175 PRO A O    1 
ATOM   712  C  CB   . PRO A 1 52 ? 6.476   -2.479  13.161  1.00 0.66 ? 2175 PRO A CB   1 
ATOM   713  C  CG   . PRO A 1 52 ? 4.936   -2.577  13.014  1.00 0.58 ? 2175 PRO A CG   1 
ATOM   714  C  CD   . PRO A 1 52 ? 4.418   -3.497  14.129  1.00 0.47 ? 2175 PRO A CD   1 
ATOM   715  H  HA   . PRO A 1 52 ? 7.568   -4.093  14.082  1.00 0.71 ? 2175 PRO A HA   1 
ATOM   716  H  HB2  . PRO A 1 52 ? 6.768   -1.450  13.314  1.00 0.74 ? 2175 PRO A HB2  1 
ATOM   717  H  HB3  . PRO A 1 52 ? 6.949   -2.868  12.273  1.00 0.77 ? 2175 PRO A HB3  1 
ATOM   718  H  HG2  . PRO A 1 52 ? 4.496   -1.594  13.112  1.00 0.64 ? 2175 PRO A HG2  1 
ATOM   719  H  HG3  . PRO A 1 52 ? 4.685   -2.997  12.052  1.00 0.63 ? 2175 PRO A HG3  1 
ATOM   720  H  HD2  . PRO A 1 52 ? 3.733   -2.958  14.771  1.00 0.49 ? 2175 PRO A HD2  1 
ATOM   721  H  HD3  . PRO A 1 52 ? 3.937   -4.365  13.706  1.00 0.47 ? 2175 PRO A HD3  1 
ATOM   722  N  N    . CYS A 1 53 ? 6.710   -1.927  16.363  1.00 0.58 ? 2176 CYS A N    1 
ATOM   723  C  CA   . CYS A 1 53 ? 7.262   -1.053  17.434  1.00 0.67 ? 2176 CYS A CA   1 
ATOM   724  C  C    . CYS A 1 53 ? 8.358   -1.806  18.189  1.00 0.77 ? 2176 CYS A C    1 
ATOM   725  O  O    . CYS A 1 53 ? 9.114   -1.233  18.948  1.00 0.99 ? 2176 CYS A O    1 
ATOM   726  C  CB   . CYS A 1 53 ? 6.151   -0.661  18.410  1.00 0.69 ? 2176 CYS A CB   1 
ATOM   727  S  SG   . CYS A 1 53 ? 5.915   1.133   18.361  1.00 0.77 ? 2176 CYS A SG   1 
ATOM   728  H  H    . CYS A 1 53 ? 5.751   -2.127  16.338  1.00 0.54 ? 2176 CYS A H    1 
ATOM   729  H  HA   . CYS A 1 53 ? 7.678   -0.163  16.988  1.00 0.71 ? 2176 CYS A HA   1 
ATOM   730  H  HB2  . CYS A 1 53 ? 5.233   -1.155  18.132  1.00 0.63 ? 2176 CYS A HB2  1 
ATOM   731  H  HB3  . CYS A 1 53 ? 6.430   -0.959  19.410  1.00 0.80 ? 2176 CYS A HB3  1 
ATOM   732  N  N    . GLY A 1 54 ? 8.452   -3.087  17.996  1.00 0.78 ? 2177 GLY A N    1 
ATOM   733  C  CA   . GLY A 1 54 ? 9.501   -3.860  18.708  1.00 0.91 ? 2177 GLY A CA   1 
ATOM   734  C  C    . GLY A 1 54 ? 8.893   -4.531  19.940  1.00 1.01 ? 2177 GLY A C    1 
ATOM   735  O  O    . GLY A 1 54 ? 9.285   -5.614  20.326  1.00 1.15 ? 2177 GLY A O    1 
ATOM   736  H  H    . GLY A 1 54 ? 7.835   -3.541  17.385  1.00 0.82 ? 2177 GLY A H    1 
ATOM   737  H  HA2  . GLY A 1 54 ? 9.901   -4.608  18.043  1.00 0.94 ? 2177 GLY A HA2  1 
ATOM   738  H  HA3  . GLY A 1 54 ? 10.291  -3.194  19.017  1.00 0.94 ? 2177 GLY A HA3  1 
ATOM   739  N  N    . ASN A 1 55 ? 7.942   -3.891  20.567  1.00 0.95 ? 2178 ASN A N    1 
ATOM   740  C  CA   . ASN A 1 55 ? 7.316   -4.492  21.780  1.00 1.06 ? 2178 ASN A CA   1 
ATOM   741  C  C    . ASN A 1 55 ? 5.893   -3.954  21.965  1.00 1.00 ? 2178 ASN A C    1 
ATOM   742  O  O    . ASN A 1 55 ? 5.006   -4.664  22.393  1.00 1.05 ? 2178 ASN A O    1 
ATOM   743  C  CB   . ASN A 1 55 ? 8.153   -4.140  23.008  1.00 1.18 ? 2178 ASN A CB   1 
ATOM   744  C  CG   . ASN A 1 55 ? 8.593   -5.425  23.712  1.00 1.50 ? 2178 ASN A CG   1 
ATOM   745  O  OD1  . ASN A 1 55 ? 9.276   -6.246  23.134  1.00 1.91 ? 2178 ASN A OD1  1 
ATOM   746  N  ND2  . ASN A 1 55 ? 8.227   -5.634  24.947  1.00 2.06 ? 2178 ASN A ND2  1 
ATOM   747  H  H    . ASN A 1 55 ? 7.644   -3.017  20.242  1.00 0.86 ? 2178 ASN A H    1 
ATOM   748  H  HA   . ASN A 1 55 ? 7.282   -5.563  21.672  1.00 1.13 ? 2178 ASN A HA   1 
ATOM   749  H  HB2  . ASN A 1 55 ? 9.023   -3.580  22.700  1.00 1.21 ? 2178 ASN A HB2  1 
ATOM   750  H  HB3  . ASN A 1 55 ? 7.563   -3.546  23.685  1.00 1.25 ? 2178 ASN A HB3  1 
ATOM   751  H  HD21 . ASN A 1 55 ? 7.677   -4.972  25.415  1.00 2.52 ? 2178 ASN A HD21 1 
ATOM   752  H  HD22 . ASN A 1 55 ? 8.504   -6.453  25.408  1.00 2.32 ? 2178 ASN A HD22 1 
ATOM   753  N  N    . GLY A 1 56 ? 5.666   -2.705  21.656  1.00 0.90 ? 2179 GLY A N    1 
ATOM   754  C  CA   . GLY A 1 56 ? 4.300   -2.131  21.826  1.00 0.86 ? 2179 GLY A CA   1 
ATOM   755  C  C    . GLY A 1 56 ? 3.289   -2.933  21.001  1.00 0.82 ? 2179 GLY A C    1 
ATOM   756  O  O    . GLY A 1 56 ? 3.127   -4.123  21.185  1.00 0.94 ? 2179 GLY A O    1 
ATOM   757  H  H    . GLY A 1 56 ? 6.393   -2.142  21.319  1.00 0.87 ? 2179 GLY A H    1 
ATOM   758  H  HA2  . GLY A 1 56 ? 4.026   -2.171  22.869  1.00 0.93 ? 2179 GLY A HA2  1 
ATOM   759  H  HA3  . GLY A 1 56 ? 4.297   -1.105  21.495  1.00 0.81 ? 2179 GLY A HA3  1 
ATOM   760  N  N    . THR A 1 57 ? 2.603   -2.289  20.096  1.00 0.72 ? 2180 THR A N    1 
ATOM   761  C  CA   . THR A 1 57 ? 1.601   -3.015  19.265  1.00 0.69 ? 2180 THR A CA   1 
ATOM   762  C  C    . THR A 1 57 ? 1.646   -2.483  17.831  1.00 0.57 ? 2180 THR A C    1 
ATOM   763  O  O    . THR A 1 57 ? 2.043   -1.361  17.589  1.00 0.54 ? 2180 THR A O    1 
ATOM   764  C  CB   . THR A 1 57 ? 0.202   -2.793  19.844  1.00 0.76 ? 2180 THR A CB   1 
ATOM   765  O  OG1  . THR A 1 57 ? 0.128   -1.497  20.420  1.00 0.77 ? 2180 THR A OG1  1 
ATOM   766  C  CG2  . THR A 1 57 ? -0.079  -3.847  20.918  1.00 0.91 ? 2180 THR A CG2  1 
ATOM   767  H  H    . THR A 1 57 ? 2.747   -1.328  19.965  1.00 0.69 ? 2180 THR A H    1 
ATOM   768  H  HA   . THR A 1 57 ? 1.828   -4.070  19.265  1.00 0.75 ? 2180 THR A HA   1 
ATOM   769  H  HB   . THR A 1 57 ? -0.533  -2.882  19.059  1.00 0.73 ? 2180 THR A HB   1 
ATOM   770  H  HG1  . THR A 1 57 ? -0.741  -1.137  20.230  1.00 1.22 ? 2180 THR A HG1  1 
ATOM   771  H  HG21 . THR A 1 57 ? 0.674   -3.784  21.689  1.00 1.55 ? 2180 THR A HG21 1 
ATOM   772  H  HG22 . THR A 1 57 ? -1.053  -3.670  21.350  1.00 1.38 ? 2180 THR A HG22 1 
ATOM   773  H  HG23 . THR A 1 57 ? -0.057  -4.829  20.472  1.00 1.12 ? 2180 THR A HG23 1 
ATOM   774  N  N    . CYS A 1 58 ? 1.249   -3.281  16.876  1.00 0.54 ? 2181 CYS A N    1 
ATOM   775  C  CA   . CYS A 1 58 ? 1.280   -2.813  15.465  1.00 0.44 ? 2181 CYS A CA   1 
ATOM   776  C  C    . CYS A 1 58 ? -0.041  -2.139  15.100  1.00 0.42 ? 2181 CYS A C    1 
ATOM   777  O  O    . CYS A 1 58 ? -1.060  -2.344  15.728  1.00 0.50 ? 2181 CYS A O    1 
ATOM   778  C  CB   . CYS A 1 58 ? 1.495   -4.001  14.525  1.00 0.47 ? 2181 CYS A CB   1 
ATOM   779  S  SG   . CYS A 1 58 ? 0.216   -5.246  14.814  1.00 0.55 ? 2181 CYS A SG   1 
ATOM   780  H  H    . CYS A 1 58 ? 0.937   -4.186  17.088  1.00 0.62 ? 2181 CYS A H    1 
ATOM   781  H  HA   . CYS A 1 58 ? 2.088   -2.107  15.339  1.00 0.43 ? 2181 CYS A HA   1 
ATOM   782  H  HB2  . CYS A 1 58 ? 1.441   -3.661  13.503  1.00 0.41 ? 2181 CYS A HB2  1 
ATOM   783  H  HB3  . CYS A 1 58 ? 2.461   -4.434  14.708  1.00 0.55 ? 2181 CYS A HB3  1 
ATOM   784  N  N    . LYS A 1 59 ? -0.019  -1.348  14.069  1.00 0.37 ? 2182 LYS A N    1 
ATOM   785  C  CA   . LYS A 1 59 ? -1.248  -0.656  13.608  1.00 0.41 ? 2182 LYS A CA   1 
ATOM   786  C  C    . LYS A 1 59 ? -1.200  -0.607  12.081  1.00 0.38 ? 2182 LYS A C    1 
ATOM   787  O  O    . LYS A 1 59 ? -0.143  -0.704  11.490  1.00 0.34 ? 2182 LYS A O    1 
ATOM   788  C  CB   . LYS A 1 59 ? -1.277  0.764   14.179  1.00 0.49 ? 2182 LYS A CB   1 
ATOM   789  C  CG   . LYS A 1 59 ? -2.601  1.443   13.822  1.00 0.64 ? 2182 LYS A CG   1 
ATOM   790  C  CD   . LYS A 1 59 ? -3.503  1.489   15.058  1.00 1.17 ? 2182 LYS A CD   1 
ATOM   791  C  CE   . LYS A 1 59 ? -4.393  2.730   14.994  1.00 1.57 ? 2182 LYS A CE   1 
ATOM   792  N  NZ   . LYS A 1 59 ? -5.630  2.496   15.793  1.00 2.05 ? 2182 LYS A NZ   1 
ATOM   793  H  H    . LYS A 1 59 ? 0.819   -1.219  13.577  1.00 0.36 ? 2182 LYS A H    1 
ATOM   794  H  HA   . LYS A 1 59 ? -2.122  -1.203  13.931  1.00 0.46 ? 2182 LYS A HA   1 
ATOM   795  H  HB2  . LYS A 1 59 ? -1.173  0.720   15.254  1.00 0.61 ? 2182 LYS A HB2  1 
ATOM   796  H  HB3  . LYS A 1 59 ? -0.461  1.331   13.762  1.00 0.51 ? 2182 LYS A HB3  1 
ATOM   797  H  HG2  . LYS A 1 59 ? -2.407  2.449   13.479  1.00 0.87 ? 2182 LYS A HG2  1 
ATOM   798  H  HG3  . LYS A 1 59 ? -3.093  0.886   13.042  1.00 0.64 ? 2182 LYS A HG3  1 
ATOM   799  H  HD2  . LYS A 1 59 ? -4.120  0.603   15.086  1.00 1.55 ? 2182 LYS A HD2  1 
ATOM   800  H  HD3  . LYS A 1 59 ? -2.893  1.531   15.948  1.00 1.69 ? 2182 LYS A HD3  1 
ATOM   801  H  HE2  . LYS A 1 59 ? -3.860  3.578   15.398  1.00 2.01 ? 2182 LYS A HE2  1 
ATOM   802  H  HE3  . LYS A 1 59 ? -4.661  2.930   13.966  1.00 1.93 ? 2182 LYS A HE3  1 
ATOM   803  H  HZ1  . LYS A 1 59 ? -5.848  1.480   15.805  1.00 2.48 ? 2182 LYS A HZ1  1 
ATOM   804  H  HZ2  . LYS A 1 59 ? -5.482  2.831   16.767  1.00 2.44 ? 2182 LYS A HZ2  1 
ATOM   805  H  HZ3  . LYS A 1 59 ? -6.423  3.013   15.365  1.00 2.34 ? 2182 LYS A HZ3  1 
ATOM   806  N  N    . ASN A 1 60 ? -2.315  -0.466  11.426  1.00 0.44 ? 2183 ASN A N    1 
ATOM   807  C  CA   . ASN A 1 60 ? -2.274  -0.426  9.941   1.00 0.46 ? 2183 ASN A CA   1 
ATOM   808  C  C    . ASN A 1 60 ? -2.289  1.023   9.474   1.00 0.52 ? 2183 ASN A C    1 
ATOM   809  O  O    . ASN A 1 60 ? -3.015  1.849   9.991   1.00 0.59 ? 2183 ASN A O    1 
ATOM   810  C  CB   . ASN A 1 60 ? -3.479  -1.169  9.363   1.00 0.51 ? 2183 ASN A CB   1 
ATOM   811  C  CG   . ASN A 1 60 ? -3.291  -1.344  7.856   1.00 0.55 ? 2183 ASN A CG   1 
ATOM   812  O  OD1  . ASN A 1 60 ? -2.184  -1.293  7.357   1.00 0.54 ? 2183 ASN A OD1  1 
ATOM   813  N  ND2  . ASN A 1 60 ? -4.337  -1.547  7.106   1.00 0.64 ? 2183 ASN A ND2  1 
ATOM   814  H  H    . ASN A 1 60 ? -3.166  -0.391  11.900  1.00 0.50 ? 2183 ASN A H    1 
ATOM   815  H  HA   . ASN A 1 60 ? -1.364  -0.897  9.602   1.00 0.43 ? 2183 ASN A HA   1 
ATOM   816  H  HB2  . ASN A 1 60 ? -3.565  -2.138  9.831   1.00 0.53 ? 2183 ASN A HB2  1 
ATOM   817  H  HB3  . ASN A 1 60 ? -4.377  -0.600  9.543   1.00 0.56 ? 2183 ASN A HB3  1 
ATOM   818  H  HD21 . ASN A 1 60 ? -5.229  -1.587  7.509   1.00 0.67 ? 2183 ASN A HD21 1 
ATOM   819  H  HD22 . ASN A 1 60 ? -4.231  -1.657  6.142   1.00 0.69 ? 2183 ASN A HD22 1 
ATOM   820  N  N    . VAL A 1 61 ? -1.485  1.340   8.503   1.00 0.56 ? 2184 VAL A N    1 
ATOM   821  C  CA   . VAL A 1 61 ? -1.440  2.734   8.005   1.00 0.64 ? 2184 VAL A CA   1 
ATOM   822  C  C    . VAL A 1 61 ? -1.134  2.724   6.505   1.00 0.69 ? 2184 VAL A C    1 
ATOM   823  O  O    . VAL A 1 61 ? -1.139  1.689   5.870   1.00 0.64 ? 2184 VAL A O    1 
ATOM   824  C  CB   . VAL A 1 61 ? -0.359  3.499   8.774   1.00 0.65 ? 2184 VAL A CB   1 
ATOM   825  C  CG1  . VAL A 1 61 ? 0.972   3.429   8.024   1.00 0.65 ? 2184 VAL A CG1  1 
ATOM   826  C  CG2  . VAL A 1 61 ? -0.789  4.956   8.934   1.00 0.74 ? 2184 VAL A CG2  1 
ATOM   827  H  H    . VAL A 1 61 ? -0.904  0.657   8.106   1.00 0.56 ? 2184 VAL A H    1 
ATOM   828  H  HA   . VAL A 1 61 ? -2.399  3.205   8.171   1.00 0.68 ? 2184 VAL A HA   1 
ATOM   829  H  HB   . VAL A 1 61 ? -0.238  3.053   9.749   1.00 0.62 ? 2184 VAL A HB   1 
ATOM   830  H  HG11 . VAL A 1 61 ? 1.027   2.502   7.475   1.00 1.22 ? 2184 VAL A HG11 1 
ATOM   831  H  HG12 . VAL A 1 61 ? 1.045   4.259   7.339   1.00 1.15 ? 2184 VAL A HG12 1 
ATOM   832  H  HG13 . VAL A 1 61 ? 1.784   3.470   8.733   1.00 1.26 ? 2184 VAL A HG13 1 
ATOM   833  H  HG21 . VAL A 1 61 ? -1.868  5.007   8.974   1.00 1.16 ? 2184 VAL A HG21 1 
ATOM   834  H  HG22 . VAL A 1 61 ? -0.377  5.353   9.850   1.00 1.37 ? 2184 VAL A HG22 1 
ATOM   835  H  HG23 . VAL A 1 61 ? -0.430  5.533   8.096   1.00 1.25 ? 2184 VAL A HG23 1 
ATOM   836  N  N    . ILE A 1 62 ? -0.876  3.867   5.930   1.00 0.86 ? 2185 ILE A N    1 
ATOM   837  C  CA   . ILE A 1 62 ? -0.583  3.913   4.470   1.00 0.92 ? 2185 ILE A CA   1 
ATOM   838  C  C    . ILE A 1 62 ? 0.920   4.094   4.245   1.00 0.93 ? 2185 ILE A C    1 
ATOM   839  O  O    . ILE A 1 62 ? 1.579   4.832   4.951   1.00 0.97 ? 2185 ILE A O    1 
ATOM   840  C  CB   . ILE A 1 62 ? -1.340  5.084   3.841   1.00 1.05 ? 2185 ILE A CB   1 
ATOM   841  C  CG1  . ILE A 1 62 ? -2.846  4.821   3.928   1.00 1.11 ? 2185 ILE A CG1  1 
ATOM   842  C  CG2  . ILE A 1 62 ? -0.933  5.228   2.374   1.00 1.10 ? 2185 ILE A CG2  1 
ATOM   843  C  CD1  . ILE A 1 62 ? -3.446  5.658   5.060   1.00 1.21 ? 2185 ILE A CD1  1 
ATOM   844  H  H    . ILE A 1 62 ? -0.883  4.693   6.455   1.00 0.97 ? 2185 ILE A H    1 
ATOM   845  H  HA   . ILE A 1 62 ? -0.905  2.991   4.009   1.00 0.89 ? 2185 ILE A HA   1 
ATOM   846  H  HB   . ILE A 1 62 ? -1.100  5.993   4.373   1.00 1.10 ? 2185 ILE A HB   1 
ATOM   847  H  HG12 . ILE A 1 62 ? -3.313  5.091   2.992   1.00 1.21 ? 2185 ILE A HG12 1 
ATOM   848  H  HG13 . ILE A 1 62 ? -3.018  3.774   4.128   1.00 1.05 ? 2185 ILE A HG13 1 
ATOM   849  H  HG21 . ILE A 1 62 ? -0.029  4.669   2.193   1.00 1.40 ? 2185 ILE A HG21 1 
ATOM   850  H  HG22 . ILE A 1 62 ? -1.724  4.849   1.743   1.00 1.59 ? 2185 ILE A HG22 1 
ATOM   851  H  HG23 . ILE A 1 62 ? -0.764  6.271   2.150   1.00 1.50 ? 2185 ILE A HG23 1 
ATOM   852  H  HD11 . ILE A 1 62 ? -2.693  6.325   5.453   1.00 1.34 ? 2185 ILE A HD11 1 
ATOM   853  H  HD12 . ILE A 1 62 ? -4.275  6.236   4.680   1.00 1.72 ? 2185 ILE A HD12 1 
ATOM   854  H  HD13 . ILE A 1 62 ? -3.793  5.004   5.846   1.00 1.71 ? 2185 ILE A HD13 1 
ATOM   855  N  N    . GLY A 1 63 ? 1.464   3.430   3.260   1.00 0.94 ? 2186 GLY A N    1 
ATOM   856  C  CA   . GLY A 1 63 ? 2.918   3.564   2.981   1.00 0.97 ? 2186 GLY A CA   1 
ATOM   857  C  C    . GLY A 1 63 ? 3.723   2.925   4.113   1.00 0.88 ? 2186 GLY A C    1 
ATOM   858  O  O    . GLY A 1 63 ? 4.919   3.112   4.218   1.00 0.91 ? 2186 GLY A O    1 
ATOM   859  H  H    . GLY A 1 63 ? 0.915   2.846   2.702   1.00 0.93 ? 2186 GLY A H    1 
ATOM   860  H  HA2  . GLY A 1 63 ? 3.151   3.069   2.048   1.00 1.01 ? 2186 GLY A HA2  1 
ATOM   861  H  HA3  . GLY A 1 63 ? 3.171   4.608   2.905   1.00 1.05 ? 2186 GLY A HA3  1 
ATOM   862  N  N    . GLY A 1 64 ? 3.080   2.170   4.961   1.00 0.79 ? 2187 GLY A N    1 
ATOM   863  C  CA   . GLY A 1 64 ? 3.814   1.519   6.083   1.00 0.71 ? 2187 GLY A CA   1 
ATOM   864  C  C    . GLY A 1 64 ? 2.818   1.063   7.148   1.00 0.62 ? 2187 GLY A C    1 
ATOM   865  O  O    . GLY A 1 64 ? 1.932   0.273   6.889   1.00 0.66 ? 2187 GLY A O    1 
ATOM   866  H  H    . GLY A 1 64 ? 2.115   2.029   4.859   1.00 0.79 ? 2187 GLY A H    1 
ATOM   867  H  HA2  . GLY A 1 64 ? 4.359   0.664   5.708   1.00 0.73 ? 2187 GLY A HA2  1 
ATOM   868  H  HA3  . GLY A 1 64 ? 4.507   2.223   6.519   1.00 0.71 ? 2187 GLY A HA3  1 
ATOM   869  N  N    . PHE A 1 65 ? 2.954   1.554   8.349   1.00 0.54 ? 2188 PHE A N    1 
ATOM   870  C  CA   . PHE A 1 65 ? 2.014   1.146   9.429   1.00 0.47 ? 2188 PHE A CA   1 
ATOM   871  C  C    . PHE A 1 65 ? 2.226   2.036   10.650  1.00 0.45 ? 2188 PHE A C    1 
ATOM   872  O  O    . PHE A 1 65 ? 3.088   2.891   10.670  1.00 0.52 ? 2188 PHE A O    1 
ATOM   873  C  CB   . PHE A 1 65 ? 2.288   -0.302  9.830   1.00 0.41 ? 2188 PHE A CB   1 
ATOM   874  C  CG   . PHE A 1 65 ? 3.772   -0.552  9.766   1.00 0.44 ? 2188 PHE A CG   1 
ATOM   875  C  CD1  . PHE A 1 65 ? 4.371   -0.879  8.547   1.00 1.32 ? 2188 PHE A CD1  1 
ATOM   876  C  CD2  . PHE A 1 65 ? 4.550   -0.450  10.924  1.00 1.23 ? 2188 PHE A CD2  1 
ATOM   877  C  CE1  . PHE A 1 65 ? 5.751   -1.106  8.483   1.00 1.35 ? 2188 PHE A CE1  1 
ATOM   878  C  CE2  . PHE A 1 65 ? 5.930   -0.676  10.863  1.00 1.25 ? 2188 PHE A CE2  1 
ATOM   879  C  CZ   . PHE A 1 65 ? 6.531   -1.004  9.642   1.00 0.56 ? 2188 PHE A CZ   1 
ATOM   880  H  H    . PHE A 1 65 ? 3.675   2.189   8.539   1.00 0.55 ? 2188 PHE A H    1 
ATOM   881  H  HA   . PHE A 1 65 ? 0.999   1.237   9.081   1.00 0.50 ? 2188 PHE A HA   1 
ATOM   882  H  HB2  . PHE A 1 65 ? 1.936   -0.470  10.837  1.00 0.37 ? 2188 PHE A HB2  1 
ATOM   883  H  HB3  . PHE A 1 65 ? 1.778   -0.970  9.153   1.00 0.45 ? 2188 PHE A HB3  1 
ATOM   884  H  HD1  . PHE A 1 65 ? 3.768   -0.956  7.657   1.00 2.20 ? 2188 PHE A HD1  1 
ATOM   885  H  HD2  . PHE A 1 65 ? 4.083   -0.195  11.865  1.00 2.11 ? 2188 PHE A HD2  1 
ATOM   886  H  HE1  . PHE A 1 65 ? 6.215   -1.358  7.540   1.00 2.24 ? 2188 PHE A HE1  1 
ATOM   887  H  HE2  . PHE A 1 65 ? 6.530   -0.596  11.756  1.00 2.13 ? 2188 PHE A HE2  1 
ATOM   888  H  HZ   . PHE A 1 65 ? 7.597   -1.178  9.594   1.00 0.62 ? 2188 PHE A HZ   1 
ATOM   889  N  N    . GLU A 1 66 ? 1.457   1.825   11.676  1.00 0.40 ? 2189 GLU A N    1 
ATOM   890  C  CA   . GLU A 1 66 ? 1.621   2.639   12.912  1.00 0.44 ? 2189 GLU A CA   1 
ATOM   891  C  C    . GLU A 1 66 ? 1.859   1.695   14.090  1.00 0.40 ? 2189 GLU A C    1 
ATOM   892  O  O    . GLU A 1 66 ? 1.420   0.566   14.086  1.00 0.65 ? 2189 GLU A O    1 
ATOM   893  C  CB   . GLU A 1 66 ? 0.361   3.468   13.165  1.00 0.53 ? 2189 GLU A CB   1 
ATOM   894  C  CG   . GLU A 1 66 ? 0.763   4.833   13.721  1.00 0.62 ? 2189 GLU A CG   1 
ATOM   895  C  CD   . GLU A 1 66 ? 0.032   5.937   12.954  1.00 0.94 ? 2189 GLU A CD   1 
ATOM   896  O  OE1  . GLU A 1 66 ? -0.525  5.638   11.912  1.00 1.56 ? 2189 GLU A OE1  1 
ATOM   897  O  OE2  . GLU A 1 66 ? 0.045   7.064   13.423  1.00 1.52 ? 2189 GLU A OE2  1 
ATOM   898  H  H    . GLU A 1 66 ? 0.779   1.117   11.638  1.00 0.38 ? 2189 GLU A H    1 
ATOM   899  H  HA   . GLU A 1 66 ? 2.472   3.298   12.799  1.00 0.47 ? 2189 GLU A HA   1 
ATOM   900  H  HB2  . GLU A 1 66 ? -0.178  3.597   12.237  1.00 0.58 ? 2189 GLU A HB2  1 
ATOM   901  H  HB3  . GLU A 1 66 ? -0.267  2.963   13.882  1.00 0.54 ? 2189 GLU A HB3  1 
ATOM   902  H  HG2  . GLU A 1 66 ? 0.500   4.883   14.768  1.00 0.86 ? 2189 GLU A HG2  1 
ATOM   903  H  HG3  . GLU A 1 66 ? 1.828   4.964   13.611  1.00 0.76 ? 2189 GLU A HG3  1 
ATOM   904  N  N    . CYS A 1 67 ? 2.557   2.136   15.097  1.00 0.51 ? 2190 CYS A N    1 
ATOM   905  C  CA   . CYS A 1 67 ? 2.812   1.240   16.259  1.00 0.53 ? 2190 CYS A CA   1 
ATOM   906  C  C    . CYS A 1 67 ? 2.922   2.074   17.536  1.00 0.61 ? 2190 CYS A C    1 
ATOM   907  O  O    . CYS A 1 67 ? 3.455   3.166   17.533  1.00 0.72 ? 2190 CYS A O    1 
ATOM   908  C  CB   . CYS A 1 67 ? 4.116   0.470   16.029  1.00 0.54 ? 2190 CYS A CB   1 
ATOM   909  S  SG   . CYS A 1 67 ? 5.533   1.528   16.417  1.00 0.82 ? 2190 CYS A SG   1 
ATOM   910  H  H    . CYS A 1 67 ? 2.913   3.049   15.089  1.00 0.78 ? 2190 CYS A H    1 
ATOM   911  H  HA   . CYS A 1 67 ? 1.996   0.539   16.357  1.00 0.54 ? 2190 CYS A HA   1 
ATOM   912  H  HB2  . CYS A 1 67 ? 4.134   -0.403  16.666  1.00 0.66 ? 2190 CYS A HB2  1 
ATOM   913  H  HB3  . CYS A 1 67 ? 4.172   0.161   14.995  1.00 0.75 ? 2190 CYS A HB3  1 
ATOM   914  N  N    . THR A 1 68 ? 2.425   1.567   18.629  1.00 0.63 ? 2191 THR A N    1 
ATOM   915  C  CA   . THR A 1 68 ? 2.502   2.328   19.907  1.00 0.75 ? 2191 THR A CA   1 
ATOM   916  C  C    . THR A 1 68 ? 3.328   1.535   20.922  1.00 0.78 ? 2191 THR A C    1 
ATOM   917  O  O    . THR A 1 68 ? 2.807   0.730   21.667  1.00 0.84 ? 2191 THR A O    1 
ATOM   918  C  CB   . THR A 1 68 ? 1.090   2.546   20.459  1.00 0.84 ? 2191 THR A CB   1 
ATOM   919  O  OG1  . THR A 1 68 ? 0.336   3.317   19.533  1.00 0.92 ? 2191 THR A OG1  1 
ATOM   920  C  CG2  . THR A 1 68 ? 1.171   3.286   21.795  1.00 0.94 ? 2191 THR A CG2  1 
ATOM   921  H  H    . THR A 1 68 ? 2.001   0.683   18.608  1.00 0.61 ? 2191 THR A H    1 
ATOM   922  H  HA   . THR A 1 68 ? 2.971   3.284   19.728  1.00 0.78 ? 2191 THR A HA   1 
ATOM   923  H  HB   . THR A 1 68 ? 0.610   1.592   20.609  1.00 0.85 ? 2191 THR A HB   1 
ATOM   924  H  HG1  . THR A 1 68 ? -0.583  3.050   19.604  1.00 1.21 ? 2191 THR A HG1  1 
ATOM   925  H  HG21 . THR A 1 68 ? 2.196   3.307   22.134  1.00 1.33 ? 2191 THR A HG21 1 
ATOM   926  H  HG22 . THR A 1 68 ? 0.812   4.297   21.668  1.00 1.28 ? 2191 THR A HG22 1 
ATOM   927  H  HG23 . THR A 1 68 ? 0.560   2.777   22.526  1.00 1.48 ? 2191 THR A HG23 1 
ATOM   928  N  N    . CYS A 1 69 ? 4.616   1.755   20.955  1.00 0.78 ? 2192 CYS A N    1 
ATOM   929  C  CA   . CYS A 1 69 ? 5.472   1.011   21.923  1.00 0.85 ? 2192 CYS A CA   1 
ATOM   930  C  C    . CYS A 1 69 ? 4.855   1.089   23.312  1.00 0.96 ? 2192 CYS A C    1 
ATOM   931  O  O    . CYS A 1 69 ? 3.795   1.650   23.511  1.00 0.99 ? 2192 CYS A O    1 
ATOM   932  C  CB   . CYS A 1 69 ? 6.868   1.634   21.981  1.00 0.86 ? 2192 CYS A CB   1 
ATOM   933  S  SG   . CYS A 1 69 ? 8.032   0.616   21.046  1.00 0.83 ? 2192 CYS A SG   1 
ATOM   934  H  H    . CYS A 1 69 ? 5.017   2.406   20.343  1.00 0.76 ? 2192 CYS A H    1 
ATOM   935  H  HA   . CYS A 1 69 ? 5.552   -0.021  21.619  1.00 0.84 ? 2192 CYS A HA   1 
ATOM   936  H  HB2  . CYS A 1 69 ? 6.839   2.620   21.562  1.00 0.85 ? 2192 CYS A HB2  1 
ATOM   937  H  HB3  . CYS A 1 69 ? 7.191   1.694   23.009  1.00 0.94 ? 2192 CYS A HB3  1 
ATOM   938  N  N    . GLU A 1 70 ? 5.529   0.547   24.280  1.00 1.03 ? 2193 GLU A N    1 
ATOM   939  C  CA   . GLU A 1 70 ? 5.007   0.599   25.670  1.00 1.15 ? 2193 GLU A CA   1 
ATOM   940  C  C    . GLU A 1 70 ? 4.872   2.065   26.083  1.00 1.19 ? 2193 GLU A C    1 
ATOM   941  O  O    . GLU A 1 70 ? 5.852   2.738   26.332  1.00 1.20 ? 2193 GLU A O    1 
ATOM   942  C  CB   . GLU A 1 70 ? 5.983   -0.120  26.604  1.00 1.24 ? 2193 GLU A CB   1 
ATOM   943  C  CG   . GLU A 1 70 ? 5.735   0.319   28.049  1.00 1.38 ? 2193 GLU A CG   1 
ATOM   944  C  CD   . GLU A 1 70 ? 6.745   -0.365  28.972  1.00 1.96 ? 2193 GLU A CD   1 
ATOM   945  O  OE1  . GLU A 1 70 ? 7.228   -1.424  28.610  1.00 2.52 ? 2193 GLU A OE1  1 
ATOM   946  O  OE2  . GLU A 1 70 ? 7.020   0.185   30.027  1.00 2.43 ? 2193 GLU A OE2  1 
ATOM   947  H  H    . GLU A 1 70 ? 6.387   0.117   24.092  1.00 1.02 ? 2193 GLU A H    1 
ATOM   948  H  HA   . GLU A 1 70 ? 4.041   0.118   25.713  1.00 1.15 ? 2193 GLU A HA   1 
ATOM   949  H  HB2  . GLU A 1 70 ? 5.838   -1.188  26.521  1.00 1.26 ? 2193 GLU A HB2  1 
ATOM   950  H  HB3  . GLU A 1 70 ? 6.996   0.126   26.323  1.00 1.22 ? 2193 GLU A HB3  1 
ATOM   951  H  HG2  . GLU A 1 70 ? 5.846   1.391   28.123  1.00 1.64 ? 2193 GLU A HG2  1 
ATOM   952  H  HG3  . GLU A 1 70 ? 4.735   0.039   28.343  1.00 1.47 ? 2193 GLU A HG3  1 
ATOM   953  N  N    . GLU A 1 71 ? 3.664   2.561   26.140  1.00 1.24 ? 2194 GLU A N    1 
ATOM   954  C  CA   . GLU A 1 71 ? 3.437   3.991   26.518  1.00 1.32 ? 2194 GLU A CA   1 
ATOM   955  C  C    . GLU A 1 71 ? 4.653   4.556   27.259  1.00 1.41 ? 2194 GLU A C    1 
ATOM   956  O  O    . GLU A 1 71 ? 5.131   3.983   28.219  1.00 1.49 ? 2194 GLU A O    1 
ATOM   957  C  CB   . GLU A 1 71 ? 2.205   4.084   27.423  1.00 1.45 ? 2194 GLU A CB   1 
ATOM   958  C  CG   . GLU A 1 71 ? 1.088   4.830   26.689  1.00 1.52 ? 2194 GLU A CG   1 
ATOM   959  C  CD   . GLU A 1 71 ? -0.241  4.599   27.413  1.00 2.05 ? 2194 GLU A CD   1 
ATOM   960  O  OE1  . GLU A 1 71 ? -0.245  3.858   28.381  1.00 2.44 ? 2194 GLU A OE1  1 
ATOM   961  O  OE2  . GLU A 1 71 ? -1.231  5.170   26.986  1.00 2.73 ? 2194 GLU A OE2  1 
ATOM   962  H  H    . GLU A 1 71 ? 2.897   1.992   25.920  1.00 1.25 ? 2194 GLU A H    1 
ATOM   963  H  HA   . GLU A 1 71 ? 3.264   4.571   25.624  1.00 1.26 ? 2194 GLU A HA   1 
ATOM   964  H  HB2  . GLU A 1 71 ? 1.869   3.089   27.677  1.00 1.46 ? 2194 GLU A HB2  1 
ATOM   965  H  HB3  . GLU A 1 71 ? 2.460   4.619   28.325  1.00 1.55 ? 2194 GLU A HB3  1 
ATOM   966  H  HG2  . GLU A 1 71 ? 1.312   5.886   26.673  1.00 1.85 ? 2194 GLU A HG2  1 
ATOM   967  H  HG3  . GLU A 1 71 ? 1.013   4.462   25.678  1.00 1.64 ? 2194 GLU A HG3  1 
ATOM   968  N  N    . GLY A 1 72 ? 5.156   5.678   26.817  1.00 1.40 ? 2195 GLY A N    1 
ATOM   969  C  CA   . GLY A 1 72 ? 6.338   6.289   27.484  1.00 1.49 ? 2195 GLY A CA   1 
ATOM   970  C  C    . GLY A 1 72 ? 7.465   6.444   26.467  1.00 1.40 ? 2195 GLY A C    1 
ATOM   971  O  O    . GLY A 1 72 ? 8.563   6.845   26.797  1.00 1.48 ? 2195 GLY A O    1 
ATOM   972  H  H    . GLY A 1 72 ? 4.760   6.117   26.035  1.00 1.34 ? 2195 GLY A H    1 
ATOM   973  H  HA2  . GLY A 1 72 ? 6.068   7.258   27.879  1.00 1.58 ? 2195 GLY A HA2  1 
ATOM   974  H  HA3  . GLY A 1 72 ? 6.669   5.650   28.288  1.00 1.56 ? 2195 GLY A HA3  1 
ATOM   975  N  N    . PHE A 1 73 ? 7.204   6.123   25.229  1.00 1.25 ? 2196 PHE A N    1 
ATOM   976  C  CA   . PHE A 1 73 ? 8.249   6.244   24.194  1.00 1.16 ? 2196 PHE A CA   1 
ATOM   977  C  C    . PHE A 1 73 ? 7.805   7.220   23.105  1.00 1.11 ? 2196 PHE A C    1 
ATOM   978  O  O    . PHE A 1 73 ? 6.881   7.988   23.279  1.00 1.18 ? 2196 PHE A O    1 
ATOM   979  C  CB   . PHE A 1 73 ? 8.488   4.869   23.594  1.00 1.06 ? 2196 PHE A CB   1 
ATOM   980  C  CG   . PHE A 1 73 ? 7.587   4.646   22.406  1.00 0.93 ? 2196 PHE A CG   1 
ATOM   981  C  CD1  . PHE A 1 73 ? 6.201   4.570   22.585  1.00 1.52 ? 2196 PHE A CD1  1 
ATOM   982  C  CD2  . PHE A 1 73 ? 8.138   4.501   21.127  1.00 1.48 ? 2196 PHE A CD2  1 
ATOM   983  C  CE1  . PHE A 1 73 ? 5.370   4.348   21.484  1.00 1.45 ? 2196 PHE A CE1  1 
ATOM   984  C  CE2  . PHE A 1 73 ? 7.306   4.276   20.030  1.00 1.45 ? 2196 PHE A CE2  1 
ATOM   985  C  CZ   . PHE A 1 73 ? 5.923   4.200   20.208  1.00 0.77 ? 2196 PHE A CZ   1 
ATOM   986  H  H    . PHE A 1 73 ? 6.323   5.792   24.982  1.00 1.20 ? 2196 PHE A H    1 
ATOM   987  H  HA   . PHE A 1 73 ? 9.162   6.597   24.643  1.00 1.22 ? 2196 PHE A HA   1 
ATOM   988  H  HB2  . PHE A 1 73 ? 9.503   4.799   23.289  1.00 1.05 ? 2196 PHE A HB2  1 
ATOM   989  H  HB3  . PHE A 1 73 ? 8.290   4.118   24.336  1.00 1.11 ? 2196 PHE A HB3  1 
ATOM   990  H  HD1  . PHE A 1 73 ? 5.774   4.686   23.569  1.00 2.37 ? 2196 PHE A HD1  1 
ATOM   991  H  HD2  . PHE A 1 73 ? 9.205   4.563   20.987  1.00 2.30 ? 2196 PHE A HD2  1 
ATOM   992  H  HE1  . PHE A 1 73 ? 4.300   4.290   21.620  1.00 2.27 ? 2196 PHE A HE1  1 
ATOM   993  H  HE2  . PHE A 1 73 ? 7.732   4.162   19.047  1.00 2.29 ? 2196 PHE A HE2  1 
ATOM   994  H  HZ   . PHE A 1 73 ? 5.280   4.022   19.361  1.00 0.74 ? 2196 PHE A HZ   1 
ATOM   995  N  N    . GLU A 1 74 ? 8.469   7.196   21.984  1.00 1.02 ? 2197 GLU A N    1 
ATOM   996  C  CA   . GLU A 1 74 ? 8.110   8.116   20.876  1.00 0.99 ? 2197 GLU A CA   1 
ATOM   997  C  C    . GLU A 1 74 ? 8.241   7.384   19.536  1.00 0.86 ? 2197 GLU A C    1 
ATOM   998  O  O    . GLU A 1 74 ? 9.316   7.314   18.973  1.00 0.84 ? 2197 GLU A O    1 
ATOM   999  C  CB   . GLU A 1 74 ? 9.070   9.300   20.895  1.00 1.08 ? 2197 GLU A CB   1 
ATOM   1000 C  CG   . GLU A 1 74 ? 8.445   10.443  21.690  1.00 1.40 ? 2197 GLU A CG   1 
ATOM   1001 C  CD   . GLU A 1 74 ? 9.062   11.772  21.249  1.00 1.90 ? 2197 GLU A CD   1 
ATOM   1002 O  OE1  . GLU A 1 74 ? 10.246  11.785  20.957  1.00 2.57 ? 2197 GLU A OE1  1 
ATOM   1003 O  OE2  . GLU A 1 74 ? 8.338   12.754  21.212  1.00 2.28 ? 2197 GLU A OE2  1 
ATOM   1004 H  H    . GLU A 1 74 ? 9.213   6.577   21.874  1.00 0.99 ? 2197 GLU A H    1 
ATOM   1005 H  HA   . GLU A 1 74 ? 7.098   8.467   21.004  1.00 1.03 ? 2197 GLU A HA   1 
ATOM   1006 H  HB2  . GLU A 1 74 ? 9.999   9.000   21.360  1.00 1.19 ? 2197 GLU A HB2  1 
ATOM   1007 H  HB3  . GLU A 1 74 ? 9.259   9.620   19.888  1.00 1.03 ? 2197 GLU A HB3  1 
ATOM   1008 H  HG2  . GLU A 1 74 ? 7.379   10.460  21.514  1.00 1.72 ? 2197 GLU A HG2  1 
ATOM   1009 H  HG3  . GLU A 1 74 ? 8.634   10.289  22.741  1.00 1.64 ? 2197 GLU A HG3  1 
ATOM   1010 N  N    . PRO A 1 75 ? 7.140   6.861   19.068  1.00 0.80 ? 2198 PRO A N    1 
ATOM   1011 C  CA   . PRO A 1 75 ? 7.099   6.125   17.791  1.00 0.69 ? 2198 PRO A CA   1 
ATOM   1012 C  C    . PRO A 1 75 ? 7.375   7.063   16.614  1.00 0.73 ? 2198 PRO A C    1 
ATOM   1013 O  O    . PRO A 1 75 ? 7.925   8.135   16.769  1.00 0.81 ? 2198 PRO A O    1 
ATOM   1014 C  CB   . PRO A 1 75 ? 5.667   5.589   17.703  1.00 0.67 ? 2198 PRO A CB   1 
ATOM   1015 C  CG   . PRO A 1 75 ? 4.851   6.243   18.846  1.00 0.80 ? 2198 PRO A CG   1 
ATOM   1016 C  CD   . PRO A 1 75 ? 5.849   6.955   19.772  1.00 0.86 ? 2198 PRO A CD   1 
ATOM   1017 H  HA   . PRO A 1 75 ? 7.798   5.308   17.796  1.00 0.65 ? 2198 PRO A HA   1 
ATOM   1018 H  HB2  . PRO A 1 75 ? 5.242   5.850   16.750  1.00 0.68 ? 2198 PRO A HB2  1 
ATOM   1019 H  HB3  . PRO A 1 75 ? 5.667   4.519   17.824  1.00 0.62 ? 2198 PRO A HB3  1 
ATOM   1020 H  HG2  . PRO A 1 75 ? 4.156   6.961   18.434  1.00 0.87 ? 2198 PRO A HG2  1 
ATOM   1021 H  HG3  . PRO A 1 75 ? 4.315   5.489   19.396  1.00 0.80 ? 2198 PRO A HG3  1 
ATOM   1022 H  HD2  . PRO A 1 75 ? 5.562   7.983   19.910  1.00 0.95 ? 2198 PRO A HD2  1 
ATOM   1023 H  HD3  . PRO A 1 75 ? 5.909   6.450   20.723  1.00 0.89 ? 2198 PRO A HD3  1 
ATOM   1024 N  N    . GLY A 1 76 ? 6.984   6.660   15.435  1.00 0.69 ? 2199 GLY A N    1 
ATOM   1025 C  CA   . GLY A 1 76 ? 7.206   7.514   14.235  1.00 0.76 ? 2199 GLY A CA   1 
ATOM   1026 C  C    . GLY A 1 76 ? 6.000   7.388   13.301  1.00 0.75 ? 2199 GLY A C    1 
ATOM   1027 O  O    . GLY A 1 76 ? 5.000   6.797   13.660  1.00 0.70 ? 2199 GLY A O    1 
ATOM   1028 H  H    . GLY A 1 76 ? 6.538   5.793   15.341  1.00 0.63 ? 2199 GLY A H    1 
ATOM   1029 H  HA2  . GLY A 1 76 ? 7.323   8.544   14.543  1.00 0.84 ? 2199 GLY A HA2  1 
ATOM   1030 H  HA3  . GLY A 1 76 ? 8.095   7.186   13.718  1.00 0.77 ? 2199 GLY A HA3  1 
ATOM   1031 N  N    . PRO A 1 77 ? 6.132   7.951   12.130  1.00 0.81 ? 2200 PRO A N    1 
ATOM   1032 C  CA   . PRO A 1 77 ? 5.062   7.920   11.117  1.00 0.83 ? 2200 PRO A CA   1 
ATOM   1033 C  C    . PRO A 1 77 ? 4.763   6.480   10.696  1.00 0.75 ? 2200 PRO A C    1 
ATOM   1034 O  O    . PRO A 1 77 ? 3.810   5.876   11.147  1.00 0.76 ? 2200 PRO A O    1 
ATOM   1035 C  CB   . PRO A 1 77 ? 5.619   8.722   9.935   1.00 0.94 ? 2200 PRO A CB   1 
ATOM   1036 C  CG   . PRO A 1 77 ? 7.057   9.170   10.304  1.00 0.97 ? 2200 PRO A CG   1 
ATOM   1037 C  CD   . PRO A 1 77 ? 7.354   8.662   11.724  1.00 0.89 ? 2200 PRO A CD   1 
ATOM   1038 H  HA   . PRO A 1 77 ? 4.173   8.392   11.490  1.00 0.85 ? 2200 PRO A HA   1 
ATOM   1039 H  HB2  . PRO A 1 77 ? 5.639   8.102   9.052   1.00 0.96 ? 2200 PRO A HB2  1 
ATOM   1040 H  HB3  . PRO A 1 77 ? 5.005   9.592   9.758   1.00 1.01 ? 2200 PRO A HB3  1 
ATOM   1041 H  HG2  . PRO A 1 77 ? 7.763   8.744   9.605   1.00 1.00 ? 2200 PRO A HG2  1 
ATOM   1042 H  HG3  . PRO A 1 77 ? 7.123   10.246  10.283  1.00 1.04 ? 2200 PRO A HG3  1 
ATOM   1043 H  HD2  . PRO A 1 77 ? 8.199   7.987   11.712  1.00 0.87 ? 2200 PRO A HD2  1 
ATOM   1044 H  HD3  . PRO A 1 77 ? 7.540   9.491   12.389  1.00 0.92 ? 2200 PRO A HD3  1 
ATOM   1045 N  N    . MET A 1 78 ? 5.564   5.928   9.828   1.00 0.76 ? 2201 MET A N    1 
ATOM   1046 C  CA   . MET A 1 78 ? 5.318   4.531   9.373   1.00 0.72 ? 2201 MET A CA   1 
ATOM   1047 C  C    . MET A 1 78 ? 6.644   3.775   9.266   1.00 0.71 ? 2201 MET A C    1 
ATOM   1048 O  O    . MET A 1 78 ? 6.932   3.150   8.264   1.00 0.77 ? 2201 MET A O    1 
ATOM   1049 C  CB   . MET A 1 78 ? 4.635   4.554   8.003   1.00 0.79 ? 2201 MET A CB   1 
ATOM   1050 C  CG   . MET A 1 78 ? 4.999   5.846   7.267   1.00 1.18 ? 2201 MET A CG   1 
ATOM   1051 S  SD   . MET A 1 78 ? 4.808   5.597   5.485   1.00 1.57 ? 2201 MET A SD   1 
ATOM   1052 C  CE   . MET A 1 78 ? 4.628   7.339   5.030   1.00 2.25 ? 2201 MET A CE   1 
ATOM   1053 H  H    . MET A 1 78 ? 6.323   6.434   9.473   1.00 0.83 ? 2201 MET A H    1 
ATOM   1054 H  HA   . MET A 1 78 ? 4.679   4.031   10.084  1.00 0.66 ? 2201 MET A HA   1 
ATOM   1055 H  HB2  . MET A 1 78 ? 4.965   3.705   7.424   1.00 0.96 ? 2201 MET A HB2  1 
ATOM   1056 H  HB3  . MET A 1 78 ? 3.564   4.506   8.134   1.00 0.74 ? 2201 MET A HB3  1 
ATOM   1057 H  HG2  . MET A 1 78 ? 4.346   6.642   7.591   1.00 1.37 ? 2201 MET A HG2  1 
ATOM   1058 H  HG3  . MET A 1 78 ? 6.024   6.109   7.487   1.00 1.45 ? 2201 MET A HG3  1 
ATOM   1059 H  HE1  . MET A 1 78 ? 3.765   7.754   5.531   1.00 2.50 ? 2201 MET A HE1  1 
ATOM   1060 H  HE2  . MET A 1 78 ? 5.517   7.880   5.323   1.00 2.67 ? 2201 MET A HE2  1 
ATOM   1061 H  HE3  . MET A 1 78 ? 4.496   7.421   3.963   1.00 2.74 ? 2201 MET A HE3  1 
ATOM   1062 N  N    . MET A 1 79 ? 7.456   3.825   10.285  1.00 0.70 ? 2202 MET A N    1 
ATOM   1063 C  CA   . MET A 1 79 ? 8.756   3.110   10.232  1.00 0.72 ? 2202 MET A CA   1 
ATOM   1064 C  C    . MET A 1 79 ? 8.812   2.055   11.336  1.00 0.65 ? 2202 MET A C    1 
ATOM   1065 O  O    . MET A 1 79 ? 8.666   0.874   11.089  1.00 0.69 ? 2202 MET A O    1 
ATOM   1066 C  CB   . MET A 1 79 ? 9.882   4.119   10.430  1.00 0.79 ? 2202 MET A CB   1 
ATOM   1067 C  CG   . MET A 1 79 ? 10.301  4.673   9.069   1.00 0.93 ? 2202 MET A CG   1 
ATOM   1068 S  SD   . MET A 1 79 ? 11.706  3.723   8.436   1.00 1.15 ? 2202 MET A SD   1 
ATOM   1069 C  CE   . MET A 1 79 ? 12.829  5.118   8.176   1.00 1.66 ? 2202 MET A CE   1 
ATOM   1070 H  H    . MET A 1 79 ? 7.214   4.335   11.083  1.00 0.72 ? 2202 MET A H    1 
ATOM   1071 H  HA   . MET A 1 79 ? 8.867   2.634   9.273   1.00 0.75 ? 2202 MET A HA   1 
ATOM   1072 H  HB2  . MET A 1 79 ? 9.536   4.926   11.060  1.00 0.79 ? 2202 MET A HB2  1 
ATOM   1073 H  HB3  . MET A 1 79 ? 10.722  3.633   10.896  1.00 0.79 ? 2202 MET A HB3  1 
ATOM   1074 H  HG2  . MET A 1 79 ? 9.471   4.592   8.380   1.00 0.88 ? 2202 MET A HG2  1 
ATOM   1075 H  HG3  . MET A 1 79 ? 10.583  5.709   9.174   1.00 1.06 ? 2202 MET A HG3  1 
ATOM   1076 H  HE1  . MET A 1 79 ? 12.284  5.949   7.758   1.00 2.11 ? 2202 MET A HE1  1 
ATOM   1077 H  HE2  . MET A 1 79 ? 13.261  5.413   9.122   1.00 2.18 ? 2202 MET A HE2  1 
ATOM   1078 H  HE3  . MET A 1 79 ? 13.613  4.824   7.491   1.00 2.12 ? 2202 MET A HE3  1 
ATOM   1079 N  N    . THR A 1 80 ? 9.022   2.471   12.553  1.00 0.61 ? 2203 THR A N    1 
ATOM   1080 C  CA   . THR A 1 80 ? 9.087   1.496   13.674  1.00 0.59 ? 2203 THR A CA   1 
ATOM   1081 C  C    . THR A 1 80 ? 9.193   2.247   15.002  1.00 0.60 ? 2203 THR A C    1 
ATOM   1082 O  O    . THR A 1 80 ? 8.977   3.441   15.072  1.00 0.63 ? 2203 THR A O    1 
ATOM   1083 C  CB   . THR A 1 80 ? 10.314  0.598   13.497  1.00 0.65 ? 2203 THR A CB   1 
ATOM   1084 O  OG1  . THR A 1 80 ? 10.249  -0.482  14.417  1.00 0.69 ? 2203 THR A OG1  1 
ATOM   1085 C  CG2  . THR A 1 80 ? 11.583  1.412   13.747  1.00 0.68 ? 2203 THR A CG2  1 
ATOM   1086 H  H    . THR A 1 80 ? 9.135   3.424   12.728  1.00 0.64 ? 2203 THR A H    1 
ATOM   1087 H  HA   . THR A 1 80 ? 8.195   0.891   13.673  1.00 0.57 ? 2203 THR A HA   1 
ATOM   1088 H  HB   . THR A 1 80 ? 10.333  0.211   12.493  1.00 0.68 ? 2203 THR A HB   1 
ATOM   1089 H  HG1  . THR A 1 80 ? 10.979  -1.077  14.228  1.00 1.02 ? 2203 THR A HG1  1 
ATOM   1090 H  HG21 . THR A 1 80 ? 11.327  2.457   13.844  1.00 1.18 ? 2203 THR A HG21 1 
ATOM   1091 H  HG22 . THR A 1 80 ? 12.058  1.071   14.655  1.00 1.22 ? 2203 THR A HG22 1 
ATOM   1092 H  HG23 . THR A 1 80 ? 12.262  1.284   12.916  1.00 1.25 ? 2203 THR A HG23 1 
ATOM   1093 N  N    . CYS A 1 81 ? 9.522   1.554   16.056  1.00 0.63 ? 2204 CYS A N    1 
ATOM   1094 C  CA   . CYS A 1 81 ? 9.641   2.221   17.383  1.00 0.69 ? 2204 CYS A CA   1 
ATOM   1095 C  C    . CYS A 1 81 ? 11.011  2.890   17.504  1.00 0.71 ? 2204 CYS A C    1 
ATOM   1096 O  O    . CYS A 1 81 ? 11.980  2.453   16.916  1.00 0.92 ? 2204 CYS A O    1 
ATOM   1097 C  CB   . CYS A 1 81 ? 9.494   1.168   18.475  1.00 1.03 ? 2204 CYS A CB   1 
ATOM   1098 S  SG   . CYS A 1 81 ? 9.178   1.961   20.066  1.00 0.82 ? 2204 CYS A SG   1 
ATOM   1099 H  H    . CYS A 1 81 ? 9.689   0.588   15.976  1.00 0.64 ? 2204 CYS A H    1 
ATOM   1100 H  HA   . CYS A 1 81 ? 8.861   2.963   17.489  1.00 0.81 ? 2204 CYS A HA   1 
ATOM   1101 H  HB2  . CYS A 1 81 ? 8.669   0.521   18.233  1.00 1.52 ? 2204 CYS A HB2  1 
ATOM   1102 H  HB3  . CYS A 1 81 ? 10.401  0.586   18.537  1.00 1.50 ? 2204 CYS A HB3  1 
ATOM   1103 N  N    . GLU A 1 82 ? 11.101  3.945   18.267  1.00 0.78 ? 2205 GLU A N    1 
ATOM   1104 C  CA   . GLU A 1 82 ? 12.410  4.636   18.431  1.00 1.09 ? 2205 GLU A CA   1 
ATOM   1105 C  C    . GLU A 1 82 ? 12.379  5.490   19.700  1.00 1.31 ? 2205 GLU A C    1 
ATOM   1106 O  O    . GLU A 1 82 ? 13.385  5.528   20.390  1.00 1.80 ? 2205 GLU A O    1 
ATOM   1107 C  CB   . GLU A 1 82 ? 12.672  5.531   17.217  1.00 1.31 ? 2205 GLU A CB   1 
ATOM   1108 C  CG   . GLU A 1 82 ? 11.527  6.533   17.066  1.00 1.39 ? 2205 GLU A CG   1 
ATOM   1109 C  CD   . GLU A 1 82 ? 11.933  7.630   16.079  1.00 1.85 ? 2205 GLU A CD   1 
ATOM   1110 O  OE1  . GLU A 1 82 ? 12.942  7.459   15.415  1.00 2.41 ? 2205 GLU A OE1  1 
ATOM   1111 O  OE2  . GLU A 1 82 ? 11.226  8.622   16.005  1.00 2.26 ? 2205 GLU A OE2  1 
ATOM   1112 O  OXT  . GLU A 1 82 ? 11.350  6.092   19.961  1.00 1.67 ? 2205 GLU A OXT  1 
ATOM   1113 H  H    . GLU A 1 82 ? 10.308  4.279   18.736  1.00 0.78 ? 2205 GLU A H    1 
ATOM   1114 H  HA   . GLU A 1 82 ? 13.197  3.901   18.512  1.00 1.20 ? 2205 GLU A HA   1 
ATOM   1115 H  HB2  . GLU A 1 82 ? 13.602  6.063   17.356  1.00 1.58 ? 2205 GLU A HB2  1 
ATOM   1116 H  HB3  . GLU A 1 82 ? 12.734  4.921   16.328  1.00 1.29 ? 2205 GLU A HB3  1 
ATOM   1117 H  HG2  . GLU A 1 82 ? 10.649  6.024   16.697  1.00 1.32 ? 2205 GLU A HG2  1 
ATOM   1118 H  HG3  . GLU A 1 82 ? 11.308  6.977   18.025  1.00 1.56 ? 2205 GLU A HG3  1 
HETATM 1119 CA CA   . CA  B 2 .  ? -3.144  0.390   -23.317 1.00 1.00 ? 2224 CA  A CA   1 
HETATM 1120 CA CA   . CA  C 2 .  ? -0.082  -0.694  5.908   1.00 0.76 ? 2225 CA  A CA   1 
# 
